data_8JE1
#
_entry.id   8JE1
#
_cell.length_a   1.00
_cell.length_b   1.00
_cell.length_c   1.00
_cell.angle_alpha   90.00
_cell.angle_beta   90.00
_cell.angle_gamma   90.00
#
_symmetry.space_group_name_H-M   'P 1'
#
loop_
_entity.id
_entity.type
_entity.pdbx_description
1 polymer Cullin-2
2 polymer Elongin-B
3 polymer Elongin-C
4 polymer 'Protein fem-1 homolog B'
5 polymer 'E3 ubiquitin-protein ligase RBX1'
6 non-polymer 'ZINC ION'
#
loop_
_entity_poly.entity_id
_entity_poly.type
_entity_poly.pdbx_seq_one_letter_code
_entity_poly.pdbx_strand_id
1 'polypeptide(L)'
;MSLKPRVVDFDETWNKLLTTIKAVVMLEYVERATWNDRFSDIYALCVAYPEPLGERLYTETKIFLENHVRHLHKRVLESE
EQVLVMYHRYWEEYSKGADYMDCLYRYLNTQFIKKNKLTEADLQYGYGGVDMNEPLMEIGELALDMWRKLMVEPLQAILI
RMLLREIKNDRGGEDPNQKVIHGVINSFVHVEQYKKKFPLKFYQEIFESPFLTETGEYYKQEASNLLQESNCSQYMEKVL
GRLKDEEIRCRKYLHPSSYTKVIHECQQRMVADHLQFLHAECHNIIRQEKKNDMANMYVLLRAVSTGLPHMIQELQNHIH
DEGLRATSNLTQENMPTLFVESVLEVHGKFVQLINTVLNGDQHFMSALDKALTSVVNYREPKSVCKAPELLAKYCDNLLK
KSAKGMTENEVEDRLTSFITVFKYIDDKDVFQKFYARMLAKRLIHGLSMSMDSEEAMINKLKQACGYEFTSKLHRMYTDM
SVSADLNNKFNNFIKNQDTVIDLGISFQIYVLQAGAWPLTQAPSSTFAIPQELEKSVQMFELFYSQHFSGRKLTWLHYLC
TGEVKMNYLGKPYVAMVTTYQMAVLLAFNNSETVSYKELQDSTQMNEKELTKTIKSLLDVKMINHDSEKEDIDAESSFSL
NMNFSSKRTKFKITTSMQKDTPQEMEQTRSAVDEDRKMYLQAAIVRIMKARKVLRHNALIQEVISQSRARFNPSISMIKK
CIEVLIDKQYIERSQASADEYSYVAHHHHHH
;
A,F
2 'polypeptide(L)'
;MDVFLMIRRHKTTIFTDAKESSTVFELKRIVEGILKRPPDEQRLYKDDQLLDDGKTLGECGFTSQTARPQAPATVGLAFR
ADDTFEALCIEPFSSPPELPDVMK
;
B,G
3 'polypeptide(L)'
;MAMYVKLISSDGHEFIVKREHALTSGTIKAMLSGPGQFAENETNEVNFREIPSHVLSKVCMYFTYKVRYTNSSTEIPEFP
IAPEIALELLMAANFLDC
;
C,H
4 'polypeptide(L)'
;GEFMEGLAGYVYKAASEGKVLTLAALLLNRSESDIRYLLGYVSQQGGQRSTPLIIAARNGHAKVVRLLLEHYRVQTQQTG
TVRFDGYVIDGATALWCAAGAGHFEVVKLLVSHGANVNHTTVTNSTPLRAACFDGRLDIVKYLVENNANISIANKYDNTC
LMIAAYKGHTDVVRYLLEQRADPNAKAHCGATALHFAAEAGHIDIVKELIKWRAAIVVNGHGMTPLKVAAESCKADVVEL
LLSHADCDRRSRIEALELLGASFANDRENYDIIKTYHYLYLAMLERFQDGDNILEKEVLPPIHAYGNRTECRNPQELESI
RQDRDALHMEGLIVRERILGADNIDVSHPIIYRGAVYADNMEFEQCIKLWLHALHLRQKGNRNTHKDLLRFAQVFSQMIH
LNETVKAPDIECVLRCSVLEIEQSMNRVKNISDADVHNAMDNYECNLYTFLYLVCISTKTQCSEEDQCKINKQIYNLIHL
DPRTREGFTLLHLAVNSNTPVDDFHTNDVCSFPNALVTKLLLDCGAEVNAVDNEGNSALHIIVQYNRPISDFLTLHSIII
SLVEAGAHTDMTNKQNKTPLDKSTTGVSEILLKTQMKMSLKCLAARAVRANDINYQDQIPRTLEEFVGFH
;
D,I
5 'polypeptide(L)'
;MAAAMDVDTPSGTNSGAGKKRFEVKKWNAVALWAWDIVVDNCAICRNHIMDLCIECQANQASATSEECTVAWGVCNHAFH
FHCISRWLKTRQVCPLDNREWEFQKYGH
;
R
#
loop_
_chem_comp.id
_chem_comp.type
_chem_comp.name
_chem_comp.formula
ZN non-polymer 'ZINC ION' 'Zn 2'
#
# COMPACT_ATOMS: atom_id res chain seq x y z
N MET A 1 -19.82 -0.44 80.95
CA MET A 1 -19.33 -0.89 79.66
C MET A 1 -20.27 -0.31 78.59
N SER A 2 -21.52 -0.78 78.61
CA SER A 2 -22.62 -0.17 77.87
C SER A 2 -22.28 0.06 76.40
N LEU A 3 -21.65 -0.93 75.76
CA LEU A 3 -21.37 -0.88 74.34
C LEU A 3 -21.94 -2.07 73.59
N LYS A 4 -22.41 -3.10 74.27
CA LYS A 4 -23.01 -4.25 73.62
C LYS A 4 -24.37 -3.85 73.05
N PRO A 5 -24.84 -4.56 72.03
CA PRO A 5 -26.15 -4.23 71.44
C PRO A 5 -27.26 -4.33 72.47
N ARG A 6 -28.20 -3.40 72.40
CA ARG A 6 -29.31 -3.30 73.34
C ARG A 6 -30.61 -3.12 72.57
N VAL A 7 -31.69 -2.86 73.31
CA VAL A 7 -32.99 -2.56 72.73
C VAL A 7 -33.30 -1.09 72.95
N VAL A 8 -33.69 -0.41 71.87
CA VAL A 8 -33.89 1.04 71.90
C VAL A 8 -35.24 1.35 71.27
N ASP A 9 -35.77 2.52 71.61
CA ASP A 9 -37.04 3.00 71.09
C ASP A 9 -36.78 4.20 70.18
N PHE A 10 -37.40 4.17 68.99
CA PHE A 10 -37.15 5.22 68.00
C PHE A 10 -37.62 6.59 68.49
N ASP A 11 -38.79 6.64 69.12
CA ASP A 11 -39.42 7.92 69.42
C ASP A 11 -38.59 8.75 70.39
N GLU A 12 -38.12 8.13 71.47
CA GLU A 12 -37.40 8.88 72.50
C GLU A 12 -36.11 9.47 71.94
N THR A 13 -35.37 8.68 71.15
CA THR A 13 -34.14 9.18 70.57
C THR A 13 -34.38 10.23 69.49
N TRP A 14 -35.37 10.02 68.63
CA TRP A 14 -35.60 10.95 67.52
C TRP A 14 -36.25 12.25 67.96
N ASN A 15 -37.02 12.27 69.05
CA ASN A 15 -37.58 13.50 69.57
C ASN A 15 -36.57 14.24 70.45
N LYS A 16 -35.33 13.78 70.47
CA LYS A 16 -34.26 14.40 71.24
C LYS A 16 -33.17 14.88 70.29
N LEU A 17 -32.96 14.12 69.21
CA LEU A 17 -31.98 14.50 68.19
C LEU A 17 -32.46 15.70 67.38
N LEU A 18 -33.77 15.85 67.22
CA LEU A 18 -34.32 16.89 66.36
C LEU A 18 -33.95 18.28 66.84
N THR A 19 -34.00 18.50 68.16
CA THR A 19 -33.72 19.82 68.71
C THR A 19 -32.30 20.26 68.39
N THR A 20 -31.33 19.36 68.51
CA THR A 20 -29.94 19.69 68.23
C THR A 20 -29.58 19.59 66.75
N ILE A 21 -30.42 18.94 65.93
CA ILE A 21 -30.11 18.84 64.51
C ILE A 21 -30.77 20.00 63.77
N LYS A 22 -31.72 20.67 64.44
CA LYS A 22 -32.33 21.86 63.88
C LYS A 22 -31.53 23.12 64.16
N ALA A 23 -30.65 23.12 65.15
CA ALA A 23 -29.84 24.28 65.50
C ALA A 23 -28.48 24.27 64.83
N VAL A 24 -28.21 23.31 63.94
CA VAL A 24 -26.94 23.25 63.23
C VAL A 24 -27.10 23.59 61.74
N VAL A 25 -28.31 23.54 61.20
CA VAL A 25 -28.58 24.01 59.86
C VAL A 25 -28.67 25.53 59.80
N MET A 26 -28.99 26.17 60.92
CA MET A 26 -28.86 27.61 61.09
C MET A 26 -27.97 27.84 62.29
N LEU A 27 -26.92 28.65 62.11
CA LEU A 27 -25.84 28.69 63.08
C LEU A 27 -26.28 29.35 64.37
N GLU A 28 -26.19 28.60 65.47
CA GLU A 28 -26.46 29.09 66.81
C GLU A 28 -25.52 28.35 67.77
N TYR A 29 -25.82 28.42 69.07
CA TYR A 29 -24.95 27.88 70.11
C TYR A 29 -25.48 26.54 70.60
N VAL A 30 -24.58 25.56 70.68
CA VAL A 30 -24.86 24.27 71.29
C VAL A 30 -23.74 23.99 72.30
N GLU A 31 -24.13 23.51 73.48
CA GLU A 31 -23.17 23.31 74.55
C GLU A 31 -22.16 22.23 74.17
N ARG A 32 -20.95 22.35 74.71
CA ARG A 32 -19.86 21.43 74.37
C ARG A 32 -20.00 20.11 75.11
N ALA A 33 -21.09 19.95 75.87
CA ALA A 33 -21.33 18.68 76.54
C ALA A 33 -22.41 17.85 75.86
N THR A 34 -23.16 18.41 74.91
CA THR A 34 -24.14 17.66 74.15
C THR A 34 -23.64 17.25 72.77
N TRP A 35 -22.77 18.04 72.13
CA TRP A 35 -22.20 17.63 70.85
C TRP A 35 -21.38 16.35 71.00
N ASN A 36 -20.80 16.13 72.19
CA ASN A 36 -19.98 14.94 72.40
C ASN A 36 -20.81 13.72 72.78
N ASP A 37 -21.96 13.91 73.42
CA ASP A 37 -22.76 12.79 73.90
C ASP A 37 -23.67 12.20 72.84
N ARG A 38 -24.21 13.01 71.91
CA ARG A 38 -25.10 12.51 70.87
C ARG A 38 -24.36 11.70 69.82
N PHE A 39 -23.03 11.64 69.89
CA PHE A 39 -22.26 10.74 69.04
C PHE A 39 -22.39 9.29 69.45
N SER A 40 -22.92 9.02 70.64
CA SER A 40 -23.12 7.65 71.12
C SER A 40 -24.56 7.19 70.97
N ASP A 41 -25.43 8.05 70.45
CA ASP A 41 -26.81 7.68 70.18
C ASP A 41 -27.05 7.24 68.75
N ILE A 42 -26.43 7.89 67.76
CA ILE A 42 -26.52 7.47 66.38
C ILE A 42 -25.84 6.12 66.15
N TYR A 43 -24.98 5.70 67.08
CA TYR A 43 -24.39 4.37 67.06
C TYR A 43 -25.32 3.31 67.64
N ALA A 44 -26.02 3.63 68.73
CA ALA A 44 -26.90 2.65 69.36
C ALA A 44 -28.04 2.26 68.42
N LEU A 45 -28.56 3.22 67.65
CA LEU A 45 -29.65 2.92 66.72
C LEU A 45 -29.20 1.95 65.65
N CYS A 46 -27.97 2.11 65.14
CA CYS A 46 -27.48 1.24 64.07
C CYS A 46 -27.22 -0.19 64.54
N VAL A 47 -27.11 -0.43 65.84
CA VAL A 47 -26.97 -1.79 66.34
C VAL A 47 -28.05 -2.04 67.40
N ALA A 48 -29.19 -2.58 66.96
CA ALA A 48 -30.27 -2.96 67.85
C ALA A 48 -30.50 -4.46 67.71
N TYR A 49 -30.62 -5.15 68.84
CA TYR A 49 -30.76 -6.60 68.81
C TYR A 49 -31.99 -7.06 68.04
N PRO A 50 -33.18 -6.49 68.22
CA PRO A 50 -34.32 -6.96 67.42
C PRO A 50 -34.14 -6.76 65.92
N GLU A 51 -33.74 -5.57 65.49
CA GLU A 51 -33.60 -5.27 64.08
C GLU A 51 -32.87 -3.94 63.93
N PRO A 52 -32.06 -3.78 62.88
CA PRO A 52 -31.46 -2.47 62.62
C PRO A 52 -32.51 -1.42 62.30
N LEU A 53 -32.19 -0.15 62.60
CA LEU A 53 -33.12 0.95 62.46
C LEU A 53 -32.58 2.08 61.57
N GLY A 54 -31.51 1.84 60.81
CA GLY A 54 -30.89 2.91 60.07
C GLY A 54 -31.76 3.45 58.93
N GLU A 55 -32.45 2.56 58.22
CA GLU A 55 -33.20 2.97 57.04
C GLU A 55 -34.31 3.95 57.41
N ARG A 56 -35.01 3.69 58.52
CA ARG A 56 -36.05 4.61 58.99
C ARG A 56 -35.45 5.96 59.33
N LEU A 57 -34.26 5.97 59.94
CA LEU A 57 -33.59 7.23 60.25
C LEU A 57 -33.30 8.01 58.97
N TYR A 58 -32.78 7.32 57.94
CA TYR A 58 -32.52 7.97 56.65
C TYR A 58 -33.78 8.57 56.07
N THR A 59 -34.86 7.79 56.06
CA THR A 59 -36.13 8.27 55.52
C THR A 59 -36.60 9.51 56.27
N GLU A 60 -36.47 9.49 57.59
CA GLU A 60 -36.95 10.63 58.38
C GLU A 60 -36.09 11.88 58.18
N THR A 61 -34.77 11.72 58.09
CA THR A 61 -33.94 12.91 57.93
C THR A 61 -34.10 13.51 56.55
N LYS A 62 -34.46 12.72 55.53
CA LYS A 62 -34.82 13.34 54.26
C LYS A 62 -36.04 14.26 54.39
N ILE A 63 -37.09 13.79 55.06
CA ILE A 63 -38.28 14.60 55.25
C ILE A 63 -37.99 15.84 56.09
N PHE A 64 -37.10 15.71 57.08
CA PHE A 64 -36.75 16.88 57.88
C PHE A 64 -36.12 17.97 57.01
N LEU A 65 -35.20 17.58 56.13
CA LEU A 65 -34.56 18.56 55.27
C LEU A 65 -35.54 19.17 54.27
N GLU A 66 -36.52 18.38 53.81
CA GLU A 66 -37.44 18.88 52.80
C GLU A 66 -38.21 20.11 53.29
N ASN A 67 -38.74 20.07 54.52
CA ASN A 67 -39.53 21.19 55.01
C ASN A 67 -38.69 22.44 55.20
N HIS A 68 -37.47 22.29 55.71
CA HIS A 68 -36.59 23.45 55.86
C HIS A 68 -36.24 24.05 54.51
N VAL A 69 -36.02 23.21 53.49
CA VAL A 69 -35.78 23.73 52.15
C VAL A 69 -37.01 24.49 51.66
N ARG A 70 -38.20 23.93 51.86
CA ARG A 70 -39.41 24.50 51.28
C ARG A 70 -39.84 25.80 51.96
N HIS A 71 -39.65 25.95 53.27
CA HIS A 71 -40.04 27.20 53.94
C HIS A 71 -39.22 28.41 53.51
N LEU A 72 -37.91 28.24 53.32
CA LEU A 72 -37.09 29.31 52.77
C LEU A 72 -37.53 29.68 51.36
N HIS A 73 -38.04 28.73 50.58
CA HIS A 73 -38.63 29.07 49.28
C HIS A 73 -39.82 30.00 49.46
N LYS A 74 -40.67 29.72 50.44
CA LYS A 74 -41.80 30.61 50.72
C LYS A 74 -41.33 32.00 51.08
N ARG A 75 -40.33 32.09 51.97
CA ARG A 75 -39.87 33.40 52.45
C ARG A 75 -39.22 34.20 51.31
N VAL A 76 -38.54 33.51 50.40
CA VAL A 76 -37.80 34.25 49.32
C VAL A 76 -38.72 34.61 48.16
N LEU A 77 -39.61 33.69 47.75
CA LEU A 77 -40.44 33.96 46.58
C LEU A 77 -41.37 35.15 46.79
N GLU A 78 -41.47 35.65 48.02
CA GLU A 78 -42.28 36.84 48.27
C GLU A 78 -41.44 38.05 48.64
N SER A 79 -40.12 37.95 48.71
CA SER A 79 -39.28 39.12 48.89
C SER A 79 -39.36 40.00 47.65
N GLU A 80 -39.49 41.31 47.86
CA GLU A 80 -39.72 42.25 46.78
C GLU A 80 -38.45 43.04 46.51
N GLU A 81 -38.07 43.11 45.23
CA GLU A 81 -37.06 43.98 44.62
C GLU A 81 -35.67 43.84 45.26
N GLN A 82 -35.49 42.95 46.22
CA GLN A 82 -34.19 42.77 46.88
C GLN A 82 -33.92 41.28 47.05
N VAL A 83 -34.16 40.52 45.98
CA VAL A 83 -34.02 39.07 46.03
C VAL A 83 -32.56 38.67 46.22
N LEU A 84 -31.64 39.42 45.60
CA LEU A 84 -30.25 38.98 45.52
C LEU A 84 -29.61 38.85 46.89
N VAL A 85 -29.78 39.86 47.76
CA VAL A 85 -29.21 39.77 49.10
C VAL A 85 -29.89 38.69 49.91
N MET A 86 -31.19 38.47 49.70
CA MET A 86 -31.95 37.47 50.42
C MET A 86 -31.54 36.06 50.03
N TYR A 87 -31.07 35.86 48.79
CA TYR A 87 -30.57 34.58 48.32
C TYR A 87 -29.15 34.31 48.77
N HIS A 88 -28.39 35.36 49.12
CA HIS A 88 -27.03 35.23 49.60
C HIS A 88 -26.96 34.97 51.10
N ARG A 89 -27.77 35.71 51.88
CA ARG A 89 -27.72 35.57 53.33
C ARG A 89 -28.10 34.16 53.77
N TYR A 90 -29.00 33.51 53.04
CA TYR A 90 -29.38 32.15 53.42
C TYR A 90 -28.47 31.10 52.80
N TRP A 91 -27.96 31.36 51.59
CA TRP A 91 -27.01 30.43 50.99
C TRP A 91 -25.76 30.29 51.83
N GLU A 92 -25.25 31.42 52.36
CA GLU A 92 -24.03 31.35 53.16
C GLU A 92 -24.23 30.50 54.41
N GLU A 93 -25.39 30.64 55.06
CA GLU A 93 -25.65 29.83 56.26
C GLU A 93 -25.86 28.37 55.90
N TYR A 94 -26.67 28.09 54.88
CA TYR A 94 -27.00 26.71 54.53
C TYR A 94 -25.79 25.95 54.01
N SER A 95 -24.82 26.62 53.39
CA SER A 95 -23.61 25.95 52.96
C SER A 95 -22.80 25.43 54.14
N LYS A 96 -22.64 26.25 55.17
CA LYS A 96 -21.93 25.80 56.37
C LYS A 96 -22.78 24.84 57.18
N GLY A 97 -24.09 24.83 56.94
CA GLY A 97 -24.95 23.89 57.63
C GLY A 97 -24.63 22.44 57.28
N ALA A 98 -24.35 22.18 56.00
CA ALA A 98 -24.24 20.80 55.53
C ALA A 98 -22.99 20.09 56.08
N ASP A 99 -21.84 20.74 56.03
CA ASP A 99 -20.59 20.08 56.43
C ASP A 99 -20.47 19.94 57.94
N TYR A 100 -21.15 20.77 58.73
CA TYR A 100 -21.20 20.61 60.17
C TYR A 100 -22.13 19.48 60.60
N MET A 101 -23.02 19.04 59.70
CA MET A 101 -23.88 17.90 59.94
C MET A 101 -23.30 16.62 59.37
N ASP A 102 -22.50 16.70 58.30
CA ASP A 102 -21.89 15.51 57.72
C ASP A 102 -21.06 14.76 58.74
N CYS A 103 -20.41 15.47 59.67
CA CYS A 103 -19.60 14.80 60.68
C CYS A 103 -20.46 13.95 61.60
N LEU A 104 -21.65 14.44 61.97
CA LEU A 104 -22.53 13.70 62.88
C LEU A 104 -23.03 12.38 62.29
N TYR A 105 -23.01 12.23 60.97
CA TYR A 105 -23.52 11.04 60.31
C TYR A 105 -22.40 10.23 59.67
N ARG A 106 -21.21 10.27 60.27
CA ARG A 106 -20.06 9.58 59.69
C ARG A 106 -20.25 8.07 59.71
N TYR A 107 -20.83 7.54 60.79
CA TYR A 107 -21.02 6.10 60.91
C TYR A 107 -21.96 5.58 59.82
N LEU A 108 -23.05 6.31 59.56
CA LEU A 108 -24.00 5.90 58.54
C LEU A 108 -23.34 5.86 57.16
N ASN A 109 -22.55 6.90 56.85
CA ASN A 109 -21.86 6.93 55.57
C ASN A 109 -20.86 5.80 55.45
N THR A 110 -20.13 5.52 56.53
CA THR A 110 -19.06 4.53 56.46
C THR A 110 -19.61 3.10 56.33
N GLN A 111 -20.58 2.74 57.17
CA GLN A 111 -20.97 1.33 57.28
C GLN A 111 -22.25 1.00 56.51
N PHE A 112 -23.36 1.65 56.84
CA PHE A 112 -24.64 1.27 56.23
C PHE A 112 -24.69 1.73 54.78
N ILE A 113 -24.61 3.03 54.54
CA ILE A 113 -24.49 3.54 53.19
C ILE A 113 -23.07 3.28 52.69
N LYS A 114 -22.88 3.42 51.37
CA LYS A 114 -21.65 3.16 50.63
C LYS A 114 -21.44 1.65 50.49
N LYS A 115 -22.21 0.83 51.20
CA LYS A 115 -22.17 -0.61 51.05
C LYS A 115 -23.29 -1.16 50.18
N ASN A 116 -24.37 -0.41 49.98
CA ASN A 116 -25.48 -0.84 49.14
C ASN A 116 -25.73 0.14 48.00
N LYS A 117 -24.78 1.02 47.71
CA LYS A 117 -24.93 2.04 46.69
C LYS A 117 -24.42 1.50 45.35
N LEU A 118 -24.29 2.38 44.36
CA LEU A 118 -23.81 2.01 43.04
C LEU A 118 -22.34 2.36 42.91
N THR A 119 -21.59 1.49 42.23
CA THR A 119 -20.17 1.73 42.02
C THR A 119 -19.95 2.74 40.90
N GLU A 120 -18.74 3.30 40.87
CA GLU A 120 -18.38 4.24 39.80
C GLU A 120 -18.42 3.56 38.45
N ALA A 121 -17.98 2.30 38.39
CA ALA A 121 -18.11 1.53 37.16
C ALA A 121 -19.56 1.37 36.75
N ASP A 122 -20.44 1.14 37.73
CA ASP A 122 -21.87 1.08 37.43
C ASP A 122 -22.38 2.39 36.87
N LEU A 123 -21.87 3.52 37.38
CA LEU A 123 -22.26 4.81 36.83
C LEU A 123 -21.80 4.97 35.39
N GLN A 124 -20.55 4.62 35.10
CA GLN A 124 -20.06 4.72 33.74
C GLN A 124 -20.56 3.55 32.91
N TYR A 125 -20.42 3.69 31.58
CA TYR A 125 -20.84 2.72 30.57
C TYR A 125 -22.27 2.22 30.75
N GLY A 126 -23.11 2.97 31.47
CA GLY A 126 -24.47 2.54 31.67
C GLY A 126 -24.56 1.29 32.51
N TYR A 127 -25.59 0.48 32.23
CA TYR A 127 -25.87 -0.78 32.93
C TYR A 127 -26.06 -0.45 34.40
N GLY A 128 -25.40 -1.16 35.32
CA GLY A 128 -25.54 -0.91 36.74
C GLY A 128 -25.67 -2.17 37.56
N PRO A 135 -31.84 6.23 44.22
CA PRO A 135 -30.43 5.87 44.44
C PRO A 135 -29.94 6.30 45.82
N LEU A 136 -29.39 5.37 46.59
CA LEU A 136 -28.87 5.69 47.91
C LEU A 136 -27.69 6.64 47.78
N MET A 137 -27.69 7.68 48.61
CA MET A 137 -26.74 8.78 48.50
C MET A 137 -26.37 9.27 49.90
N GLU A 138 -25.17 9.82 50.03
CA GLU A 138 -24.56 10.11 51.31
C GLU A 138 -25.11 11.39 51.91
N ILE A 139 -25.35 11.38 53.22
CA ILE A 139 -25.81 12.57 53.92
C ILE A 139 -24.72 13.62 53.89
N GLY A 140 -25.11 14.87 53.73
CA GLY A 140 -24.18 15.97 53.52
C GLY A 140 -23.94 16.28 52.06
N GLU A 141 -24.23 15.33 51.18
CA GLU A 141 -24.27 15.53 49.74
C GLU A 141 -25.70 15.35 49.24
N LEU A 142 -26.58 14.90 50.15
CA LEU A 142 -28.01 14.88 49.91
C LEU A 142 -28.67 16.22 50.19
N ALA A 143 -28.11 17.03 51.10
CA ALA A 143 -28.61 18.36 51.36
C ALA A 143 -28.23 19.35 50.27
N LEU A 144 -27.36 18.95 49.35
CA LEU A 144 -26.97 19.80 48.23
C LEU A 144 -27.73 19.48 46.95
N ASP A 145 -28.62 18.49 46.98
CA ASP A 145 -29.45 18.14 45.83
C ASP A 145 -30.91 18.47 46.10
N MET A 146 -31.19 19.09 47.27
CA MET A 146 -32.51 19.65 47.52
C MET A 146 -32.49 21.17 47.49
N TRP A 147 -31.30 21.75 47.29
CA TRP A 147 -31.15 23.15 46.97
C TRP A 147 -31.26 23.43 45.47
N ARG A 148 -30.88 22.47 44.64
CA ARG A 148 -30.99 22.65 43.19
C ARG A 148 -32.44 22.54 42.73
N LYS A 149 -33.18 21.56 43.24
CA LYS A 149 -34.47 21.22 42.69
C LYS A 149 -35.61 22.10 43.18
N LEU A 150 -35.48 22.71 44.35
CA LEU A 150 -36.58 23.43 44.96
C LEU A 150 -36.28 24.89 45.28
N MET A 151 -35.10 25.40 44.93
CA MET A 151 -34.76 26.77 45.28
C MET A 151 -34.23 27.59 44.11
N VAL A 152 -33.56 26.97 43.13
CA VAL A 152 -32.98 27.73 42.03
C VAL A 152 -33.69 27.41 40.72
N GLU A 153 -34.00 26.12 40.49
CA GLU A 153 -34.72 25.76 39.27
C GLU A 153 -36.11 26.38 39.23
N PRO A 154 -36.91 26.36 40.29
CA PRO A 154 -38.17 27.13 40.27
C PRO A 154 -37.98 28.64 40.28
N LEU A 155 -36.74 29.13 40.24
CA LEU A 155 -36.48 30.56 40.38
C LEU A 155 -35.52 31.09 39.31
N GLN A 156 -35.14 30.27 38.33
CA GLN A 156 -34.09 30.65 37.39
C GLN A 156 -34.64 31.51 36.25
N ALA A 157 -35.43 32.52 36.63
CA ALA A 157 -35.77 33.59 35.71
C ALA A 157 -35.32 34.93 36.27
N ILE A 158 -35.77 35.23 37.49
CA ILE A 158 -35.47 36.52 38.10
C ILE A 158 -33.98 36.62 38.43
N LEU A 159 -33.39 35.51 38.90
CA LEU A 159 -31.97 35.53 39.26
C LEU A 159 -31.12 35.88 38.05
N ILE A 160 -31.43 35.31 36.89
CA ILE A 160 -30.67 35.62 35.68
C ILE A 160 -30.98 37.03 35.19
N ARG A 161 -32.24 37.46 35.31
CA ARG A 161 -32.63 38.73 34.71
C ARG A 161 -32.08 39.92 35.49
N MET A 162 -32.12 39.87 36.82
CA MET A 162 -31.57 40.97 37.62
C MET A 162 -30.06 41.07 37.47
N LEU A 163 -29.38 39.93 37.27
CA LEU A 163 -27.94 39.97 37.03
C LEU A 163 -27.62 40.59 35.69
N LEU A 164 -28.16 40.01 34.60
CA LEU A 164 -27.81 40.46 33.26
C LEU A 164 -28.17 41.93 33.00
N ARG A 165 -28.81 42.64 33.91
CA ARG A 165 -28.95 44.09 33.81
C ARG A 165 -28.03 44.85 34.75
N GLU A 166 -27.71 44.29 35.92
CA GLU A 166 -26.74 44.92 36.80
C GLU A 166 -25.36 44.94 36.16
N ILE A 167 -24.99 43.84 35.47
CA ILE A 167 -23.72 43.83 34.75
C ILE A 167 -23.71 44.90 33.66
N LYS A 168 -24.83 45.04 32.93
CA LYS A 168 -24.91 46.08 31.91
C LYS A 168 -24.79 47.48 32.51
N ASN A 169 -25.44 47.71 33.65
CA ASN A 169 -25.34 49.01 34.31
C ASN A 169 -23.90 49.28 34.75
N ASP A 170 -23.22 48.25 35.25
CA ASP A 170 -21.81 48.40 35.59
C ASP A 170 -20.98 48.75 34.35
N ARG A 171 -21.31 48.15 33.21
CA ARG A 171 -20.64 48.53 31.96
C ARG A 171 -20.89 49.99 31.63
N GLY A 172 -22.12 50.46 31.83
CA GLY A 172 -22.46 51.85 31.60
C GLY A 172 -22.07 52.80 32.70
N GLY A 173 -21.51 52.30 33.80
CA GLY A 173 -21.14 53.13 34.92
C GLY A 173 -22.02 52.90 36.13
N GLU A 174 -21.53 52.12 37.10
CA GLU A 174 -22.31 51.72 38.26
C GLU A 174 -21.37 51.09 39.27
N ASP A 175 -21.69 51.21 40.55
CA ASP A 175 -20.88 50.62 41.60
C ASP A 175 -21.65 49.50 42.31
N PRO A 176 -21.65 48.28 41.78
CA PRO A 176 -22.30 47.17 42.49
C PRO A 176 -21.36 46.52 43.48
N ASN A 177 -21.91 45.94 44.56
CA ASN A 177 -21.08 45.27 45.56
C ASN A 177 -20.52 44.00 44.93
N GLN A 178 -19.19 43.89 44.90
CA GLN A 178 -18.55 42.75 44.24
C GLN A 178 -18.85 41.44 44.96
N LYS A 179 -18.84 41.46 46.30
CA LYS A 179 -18.98 40.22 47.06
C LYS A 179 -20.35 39.58 46.84
N VAL A 180 -21.41 40.39 46.84
CA VAL A 180 -22.76 39.84 46.70
C VAL A 180 -22.91 39.13 45.35
N ILE A 181 -22.51 39.78 44.28
CA ILE A 181 -22.62 39.19 42.95
C ILE A 181 -21.73 37.96 42.83
N HIS A 182 -20.49 38.07 43.35
CA HIS A 182 -19.54 36.98 43.23
C HIS A 182 -20.03 35.73 43.93
N GLY A 183 -20.64 35.88 45.11
CA GLY A 183 -21.18 34.71 45.79
C GLY A 183 -22.26 34.02 45.00
N VAL A 184 -23.16 34.80 44.39
CA VAL A 184 -24.26 34.22 43.62
C VAL A 184 -23.74 33.45 42.41
N ILE A 185 -22.79 34.03 41.67
CA ILE A 185 -22.23 33.26 40.57
C ILE A 185 -21.45 32.05 41.07
N ASN A 186 -20.73 32.17 42.19
CA ASN A 186 -19.96 31.04 42.69
C ASN A 186 -20.86 29.92 43.20
N SER A 187 -22.13 30.23 43.52
CA SER A 187 -23.04 29.20 44.00
C SER A 187 -23.25 28.11 42.95
N PHE A 188 -23.46 28.49 41.70
CA PHE A 188 -23.68 27.51 40.64
C PHE A 188 -22.48 26.59 40.47
N VAL A 189 -21.27 27.15 40.62
CA VAL A 189 -20.08 26.31 40.55
C VAL A 189 -19.98 25.40 41.76
N HIS A 190 -20.31 25.92 42.94
CA HIS A 190 -20.17 25.15 44.16
C HIS A 190 -21.10 23.94 44.17
N VAL A 191 -22.36 24.12 43.73
CA VAL A 191 -23.27 22.98 43.66
C VAL A 191 -22.77 22.00 42.62
N GLU A 192 -23.20 20.75 42.74
CA GLU A 192 -22.83 19.62 41.88
C GLU A 192 -21.34 19.29 41.97
N GLN A 193 -20.66 19.63 43.07
CA GLN A 193 -19.24 19.32 43.19
C GLN A 193 -18.97 17.83 43.34
N TYR A 194 -20.00 17.02 43.58
CA TYR A 194 -19.84 15.58 43.71
C TYR A 194 -20.14 14.84 42.40
N LYS A 195 -20.37 15.57 41.31
CA LYS A 195 -20.84 14.93 40.08
C LYS A 195 -19.80 13.97 39.51
N LYS A 196 -18.51 14.25 39.69
CA LYS A 196 -17.41 13.38 39.31
C LYS A 196 -17.22 13.33 37.80
N LYS A 197 -18.17 13.90 37.06
CA LYS A 197 -18.11 13.97 35.60
C LYS A 197 -18.79 15.25 35.14
N PHE A 198 -18.14 15.97 34.23
CA PHE A 198 -18.64 17.22 33.69
C PHE A 198 -19.04 18.20 34.80
N PRO A 199 -18.09 18.64 35.63
CA PRO A 199 -18.45 19.46 36.79
C PRO A 199 -19.09 20.80 36.45
N LEU A 200 -18.82 21.34 35.26
CA LEU A 200 -19.23 22.69 34.91
C LEU A 200 -20.41 22.73 33.95
N LYS A 201 -21.26 21.70 33.94
CA LYS A 201 -22.39 21.69 33.01
C LYS A 201 -23.42 22.75 33.36
N PHE A 202 -23.82 22.81 34.64
CA PHE A 202 -24.89 23.72 35.06
C PHE A 202 -24.52 25.17 34.77
N TYR A 203 -23.26 25.53 35.02
CA TYR A 203 -22.78 26.88 34.76
C TYR A 203 -23.01 27.28 33.31
N GLN A 204 -22.67 26.41 32.37
CA GLN A 204 -22.82 26.73 30.96
C GLN A 204 -24.29 26.81 30.56
N GLU A 205 -25.11 25.87 31.05
CA GLU A 205 -26.51 25.84 30.66
C GLU A 205 -27.26 27.07 31.16
N ILE A 206 -26.96 27.51 32.38
CA ILE A 206 -27.72 28.63 32.93
C ILE A 206 -27.11 29.97 32.53
N PHE A 207 -25.86 30.21 32.90
CA PHE A 207 -25.30 31.56 32.81
C PHE A 207 -24.51 31.82 31.55
N GLU A 208 -23.73 30.83 31.07
CA GLU A 208 -22.74 31.12 30.04
C GLU A 208 -23.39 31.55 28.73
N SER A 209 -24.24 30.69 28.17
CA SER A 209 -24.85 30.99 26.87
C SER A 209 -25.66 32.28 26.86
N PRO A 210 -26.52 32.58 27.82
CA PRO A 210 -27.22 33.87 27.83
C PRO A 210 -26.34 35.07 28.15
N PHE A 211 -25.03 34.88 28.31
CA PHE A 211 -24.10 35.97 28.52
C PHE A 211 -23.19 36.20 27.32
N LEU A 212 -22.61 35.13 26.76
CA LEU A 212 -21.76 35.27 25.58
C LEU A 212 -22.55 35.83 24.41
N THR A 213 -23.76 35.33 24.20
CA THR A 213 -24.60 35.81 23.11
C THR A 213 -24.95 37.29 23.29
N GLU A 214 -25.30 37.68 24.52
CA GLU A 214 -25.69 39.05 24.80
C GLU A 214 -24.50 40.02 24.81
N THR A 215 -23.29 39.52 25.00
CA THR A 215 -22.12 40.39 25.09
C THR A 215 -21.93 41.21 23.82
N GLY A 216 -22.00 40.57 22.65
CA GLY A 216 -21.69 41.25 21.41
C GLY A 216 -22.67 42.32 20.99
N GLU A 217 -23.92 42.24 21.43
CA GLU A 217 -24.96 43.17 21.01
C GLU A 217 -24.82 44.54 21.65
N TYR A 218 -23.82 44.73 22.50
CA TYR A 218 -23.44 46.03 23.02
C TYR A 218 -22.24 46.61 22.29
N TYR A 219 -21.17 45.82 22.15
CA TYR A 219 -19.95 46.34 21.55
C TYR A 219 -20.08 46.49 20.04
N LYS A 220 -20.88 45.65 19.39
CA LYS A 220 -21.10 45.83 17.96
C LYS A 220 -21.76 47.17 17.66
N GLN A 221 -22.72 47.57 18.49
CA GLN A 221 -23.35 48.88 18.33
C GLN A 221 -22.41 50.00 18.72
N GLU A 222 -21.63 49.80 19.79
CA GLU A 222 -20.71 50.84 20.24
C GLU A 222 -19.63 51.11 19.21
N ALA A 223 -19.17 50.07 18.51
CA ALA A 223 -18.16 50.25 17.46
C ALA A 223 -18.71 51.11 16.34
N SER A 224 -19.95 50.85 15.92
CA SER A 224 -20.57 51.65 14.87
C SER A 224 -20.76 53.09 15.32
N ASN A 225 -21.13 53.29 16.59
CA ASN A 225 -21.26 54.65 17.12
C ASN A 225 -19.91 55.37 17.09
N LEU A 226 -18.85 54.67 17.49
CA LEU A 226 -17.53 55.30 17.54
C LEU A 226 -17.01 55.62 16.14
N LEU A 227 -17.31 54.75 15.17
CA LEU A 227 -16.78 54.95 13.82
C LEU A 227 -17.37 56.17 13.13
N GLN A 228 -18.44 56.75 13.69
CA GLN A 228 -19.06 57.91 13.06
C GLN A 228 -18.10 59.10 12.99
N GLU A 229 -17.41 59.38 14.08
CA GLU A 229 -16.37 60.41 14.12
C GLU A 229 -15.05 59.72 14.42
N SER A 230 -14.26 59.46 13.38
CA SER A 230 -13.04 58.71 13.57
C SER A 230 -12.09 58.93 12.40
N ASN A 231 -10.81 59.00 12.74
CA ASN A 231 -9.73 58.77 11.79
C ASN A 231 -9.21 57.36 12.02
N CYS A 232 -8.21 56.97 11.24
CA CYS A 232 -7.53 55.71 11.55
C CYS A 232 -6.92 55.76 12.94
N SER A 233 -6.26 56.87 13.28
CA SER A 233 -5.69 57.02 14.61
C SER A 233 -6.75 56.90 15.69
N GLN A 234 -7.74 57.81 15.67
CA GLN A 234 -8.71 57.90 16.76
C GLN A 234 -9.34 56.54 17.06
N TYR A 235 -9.86 55.88 16.03
CA TYR A 235 -10.37 54.52 16.18
C TYR A 235 -9.30 53.63 16.79
N MET A 236 -8.08 53.71 16.26
CA MET A 236 -7.03 52.76 16.61
C MET A 236 -6.68 52.81 18.09
N GLU A 237 -6.51 54.00 18.66
CA GLU A 237 -6.07 54.03 20.06
C GLU A 237 -7.25 54.04 21.01
N LYS A 238 -8.45 54.42 20.53
CA LYS A 238 -9.60 54.38 21.43
C LYS A 238 -10.15 52.97 21.58
N VAL A 239 -10.02 52.11 20.56
CA VAL A 239 -10.55 50.75 20.70
C VAL A 239 -9.71 49.93 21.66
N LEU A 240 -8.40 50.21 21.75
CA LEU A 240 -7.51 49.39 22.57
C LEU A 240 -7.84 49.50 24.05
N GLY A 241 -8.23 50.70 24.50
CA GLY A 241 -8.51 50.87 25.92
C GLY A 241 -9.66 50.02 26.41
N ARG A 242 -10.68 49.82 25.57
CA ARG A 242 -11.81 49.00 25.95
C ARG A 242 -11.47 47.52 25.98
N LEU A 243 -10.57 47.05 25.12
CA LEU A 243 -10.09 45.67 25.18
C LEU A 243 -9.28 45.39 26.44
N LYS A 244 -8.77 46.42 27.09
CA LYS A 244 -8.04 46.29 28.35
C LYS A 244 -8.95 46.46 29.56
N ASP A 245 -9.94 47.35 29.46
CA ASP A 245 -10.87 47.56 30.57
C ASP A 245 -11.67 46.30 30.88
N GLU A 246 -11.99 45.50 29.86
CA GLU A 246 -12.72 44.25 30.05
C GLU A 246 -11.82 43.08 30.41
N GLU A 247 -10.56 43.35 30.74
CA GLU A 247 -9.68 42.35 31.32
C GLU A 247 -9.64 42.48 32.85
N ILE A 248 -10.18 43.56 33.40
CA ILE A 248 -10.27 43.74 34.85
C ILE A 248 -11.71 43.74 35.33
N ARG A 249 -12.69 43.96 34.46
CA ARG A 249 -14.10 43.87 34.81
C ARG A 249 -14.53 42.41 34.82
N CYS A 250 -13.76 41.57 34.14
CA CYS A 250 -13.80 40.14 34.35
C CYS A 250 -12.86 39.84 35.51
N ARG A 251 -12.79 38.55 35.89
CA ARG A 251 -11.95 38.09 36.99
C ARG A 251 -12.49 38.59 38.32
N LYS A 252 -13.52 39.45 38.26
CA LYS A 252 -14.18 39.91 39.47
C LYS A 252 -15.56 39.29 39.61
N TYR A 253 -16.20 38.96 38.49
CA TYR A 253 -17.57 38.47 38.49
C TYR A 253 -17.72 37.12 37.78
N LEU A 254 -16.64 36.38 37.56
CA LEU A 254 -16.71 35.16 36.76
C LEU A 254 -15.73 34.12 37.28
N HIS A 255 -15.95 32.88 36.82
CA HIS A 255 -15.09 31.75 37.13
C HIS A 255 -13.81 31.82 36.32
N PRO A 256 -12.71 31.26 36.83
CA PRO A 256 -11.44 31.32 36.09
C PRO A 256 -11.48 30.67 34.71
N SER A 257 -12.39 29.73 34.47
CA SER A 257 -12.42 28.96 33.22
C SER A 257 -13.22 29.68 32.13
N SER A 258 -13.35 31.01 32.23
CA SER A 258 -14.08 31.79 31.26
C SER A 258 -13.37 33.08 30.86
N TYR A 259 -12.05 33.17 31.08
CA TYR A 259 -11.34 34.40 30.73
C TYR A 259 -11.14 34.52 29.24
N THR A 260 -11.12 33.40 28.51
CA THR A 260 -10.69 33.42 27.12
C THR A 260 -11.86 33.71 26.19
N LYS A 261 -13.02 33.11 26.44
CA LYS A 261 -14.10 33.14 25.46
C LYS A 261 -14.68 34.54 25.28
N VAL A 262 -14.79 35.32 26.35
CA VAL A 262 -15.41 36.64 26.24
C VAL A 262 -14.60 37.55 25.34
N ILE A 263 -13.29 37.65 25.59
CA ILE A 263 -12.46 38.59 24.84
C ILE A 263 -12.35 38.17 23.38
N HIS A 264 -12.62 36.89 23.08
CA HIS A 264 -12.58 36.43 21.70
C HIS A 264 -13.64 37.13 20.85
N GLU A 265 -14.90 37.05 21.29
CA GLU A 265 -15.97 37.74 20.59
C GLU A 265 -15.85 39.25 20.74
N CYS A 266 -15.33 39.71 21.89
CA CYS A 266 -15.11 41.14 22.07
C CYS A 266 -14.13 41.67 21.03
N GLN A 267 -13.07 40.90 20.74
CA GLN A 267 -12.15 41.26 19.67
C GLN A 267 -12.85 41.22 18.32
N GLN A 268 -13.52 40.11 18.00
CA GLN A 268 -14.14 39.97 16.67
C GLN A 268 -15.06 41.14 16.36
N ARG A 269 -16.01 41.44 17.26
CA ARG A 269 -16.96 42.51 17.00
C ARG A 269 -16.27 43.85 16.79
N MET A 270 -15.03 43.98 17.26
CA MET A 270 -14.29 45.23 17.15
C MET A 270 -13.44 45.31 15.89
N VAL A 271 -12.85 44.20 15.46
CA VAL A 271 -11.84 44.24 14.41
C VAL A 271 -12.33 43.57 13.13
N ALA A 272 -12.96 42.40 13.25
CA ALA A 272 -13.32 41.64 12.06
C ALA A 272 -14.42 42.32 11.28
N ASP A 273 -15.22 43.16 11.95
CA ASP A 273 -16.27 43.90 11.26
C ASP A 273 -15.69 44.88 10.25
N HIS A 274 -14.61 45.58 10.63
CA HIS A 274 -13.99 46.61 9.80
C HIS A 274 -12.59 46.18 9.32
N LEU A 275 -12.36 44.87 9.25
CA LEU A 275 -11.12 44.36 8.69
C LEU A 275 -10.80 44.98 7.34
N GLN A 276 -11.83 45.24 6.52
CA GLN A 276 -11.59 45.90 5.24
C GLN A 276 -10.99 47.29 5.43
N PHE A 277 -11.59 48.08 6.34
CA PHE A 277 -11.09 49.43 6.59
C PHE A 277 -9.69 49.39 7.19
N LEU A 278 -9.42 48.38 8.01
CA LEU A 278 -8.09 48.27 8.63
C LEU A 278 -7.03 47.88 7.60
N HIS A 279 -7.35 46.93 6.71
CA HIS A 279 -6.42 46.57 5.64
C HIS A 279 -6.19 47.76 4.71
N ALA A 280 -7.25 48.50 4.41
CA ALA A 280 -7.09 49.77 3.71
C ALA A 280 -6.41 50.78 4.65
N GLU A 281 -5.86 51.83 4.05
CA GLU A 281 -5.12 52.89 4.71
C GLU A 281 -3.85 52.38 5.38
N CYS A 282 -3.43 51.14 5.10
CA CYS A 282 -2.11 50.70 5.54
C CYS A 282 -1.02 51.54 4.88
N HIS A 283 -1.30 52.04 3.68
CA HIS A 283 -0.43 53.03 3.06
C HIS A 283 -0.45 54.33 3.86
N ASN A 284 0.54 55.18 3.58
CA ASN A 284 0.77 56.45 4.27
C ASN A 284 1.15 56.24 5.73
N ILE A 285 1.23 55.00 6.21
CA ILE A 285 1.65 54.68 7.56
C ILE A 285 2.91 53.83 7.45
N ILE A 286 3.15 53.29 6.25
CA ILE A 286 4.37 52.57 5.95
C ILE A 286 5.19 53.29 4.88
N ARG A 287 4.55 54.15 4.10
CA ARG A 287 5.27 55.03 3.18
C ARG A 287 6.03 56.10 3.96
N GLN A 288 5.57 56.44 5.16
CA GLN A 288 6.33 57.15 6.16
C GLN A 288 6.23 56.31 7.43
N GLU A 289 6.71 56.85 8.54
CA GLU A 289 6.62 56.10 9.79
C GLU A 289 6.61 57.03 10.99
N LYS A 290 5.46 57.08 11.65
CA LYS A 290 5.34 57.52 13.03
C LYS A 290 5.07 56.27 13.84
N LYS A 291 6.13 55.74 14.47
CA LYS A 291 6.12 54.33 14.88
C LYS A 291 4.99 54.01 15.86
N ASN A 292 4.43 55.00 16.53
CA ASN A 292 3.29 54.76 17.40
C ASN A 292 2.14 54.10 16.65
N ASP A 293 1.88 54.55 15.41
CA ASP A 293 0.70 54.09 14.69
C ASP A 293 0.77 52.59 14.43
N MET A 294 1.76 52.13 13.65
CA MET A 294 1.79 50.69 13.37
C MET A 294 2.22 49.90 14.59
N ALA A 295 2.85 50.55 15.57
CA ALA A 295 3.10 49.89 16.84
C ALA A 295 1.80 49.49 17.52
N ASN A 296 0.80 50.38 17.50
CA ASN A 296 -0.54 50.00 17.94
C ASN A 296 -1.15 48.98 16.99
N MET A 297 -0.92 49.15 15.69
CA MET A 297 -1.57 48.34 14.66
C MET A 297 -1.20 46.85 14.76
N TYR A 298 0.06 46.54 15.05
CA TYR A 298 0.54 45.16 14.93
C TYR A 298 -0.28 44.19 15.77
N VAL A 299 -0.56 44.54 17.03
CA VAL A 299 -1.19 43.60 17.95
C VAL A 299 -2.60 43.24 17.49
N LEU A 300 -3.36 44.25 17.03
CA LEU A 300 -4.75 44.02 16.65
C LEU A 300 -4.85 43.02 15.50
N LEU A 301 -4.01 43.18 14.47
CA LEU A 301 -4.00 42.24 13.36
C LEU A 301 -3.34 40.91 13.70
N ARG A 302 -2.45 40.88 14.69
CA ARG A 302 -1.94 39.59 15.15
C ARG A 302 -3.03 38.79 15.85
N ALA A 303 -3.93 39.47 16.56
CA ALA A 303 -5.02 38.78 17.25
C ALA A 303 -6.01 38.19 16.25
N VAL A 304 -6.57 39.03 15.37
CA VAL A 304 -7.55 38.56 14.40
C VAL A 304 -6.84 37.73 13.33
N SER A 305 -7.54 36.72 12.82
CA SER A 305 -6.94 35.82 11.85
C SER A 305 -6.84 36.47 10.48
N THR A 306 -5.86 36.02 9.69
CA THR A 306 -5.67 36.39 8.29
C THR A 306 -5.38 37.87 8.08
N GLY A 307 -5.23 38.64 9.16
CA GLY A 307 -4.94 40.06 9.01
C GLY A 307 -3.50 40.33 8.60
N LEU A 308 -2.57 39.54 9.11
CA LEU A 308 -1.15 39.84 8.93
C LEU A 308 -0.64 39.80 7.49
N PRO A 309 -0.99 38.80 6.64
CA PRO A 309 -0.27 38.67 5.36
C PRO A 309 -0.16 39.93 4.53
N HIS A 310 -1.18 40.79 4.51
CA HIS A 310 -1.17 41.97 3.67
C HIS A 310 0.00 42.90 4.00
N MET A 311 0.21 43.13 5.30
CA MET A 311 1.26 44.06 5.72
C MET A 311 2.64 43.57 5.35
N ILE A 312 2.82 42.25 5.26
CA ILE A 312 4.12 41.69 4.89
C ILE A 312 4.52 42.15 3.49
N GLN A 313 3.65 41.91 2.51
CA GLN A 313 3.92 42.37 1.14
C GLN A 313 3.94 43.89 1.07
N GLU A 314 3.13 44.56 1.88
CA GLU A 314 3.12 46.01 1.86
C GLU A 314 4.48 46.58 2.26
N LEU A 315 5.07 46.02 3.33
CA LEU A 315 6.40 46.45 3.75
C LEU A 315 7.46 46.04 2.72
N GLN A 316 7.31 44.83 2.15
CA GLN A 316 8.27 44.36 1.16
C GLN A 316 8.34 45.30 -0.04
N ASN A 317 7.18 45.80 -0.48
CA ASN A 317 7.16 46.75 -1.60
C ASN A 317 7.93 48.01 -1.27
N HIS A 318 7.77 48.53 -0.05
CA HIS A 318 8.46 49.77 0.31
C HIS A 318 9.94 49.55 0.55
N ILE A 319 10.36 48.32 0.86
CA ILE A 319 11.77 48.05 1.12
C ILE A 319 12.61 48.34 -0.13
N HIS A 320 12.13 47.92 -1.30
CA HIS A 320 12.93 48.04 -2.52
C HIS A 320 13.23 49.49 -2.86
N ASP A 321 12.25 50.38 -2.70
CA ASP A 321 12.38 51.78 -3.07
C ASP A 321 13.73 52.37 -2.67
N GLU A 322 14.16 52.11 -1.43
CA GLU A 322 15.53 52.37 -1.02
C GLU A 322 16.37 51.16 -1.38
N GLY A 323 17.44 51.40 -2.13
CA GLY A 323 18.14 50.36 -2.85
C GLY A 323 17.93 50.40 -4.34
N LEU A 324 16.70 50.65 -4.80
CA LEU A 324 16.47 51.14 -6.15
C LEU A 324 16.73 52.64 -6.22
N ARG A 325 16.96 53.29 -5.08
CA ARG A 325 17.33 54.69 -4.99
C ARG A 325 18.69 54.78 -4.30
N ALA A 326 19.44 55.82 -4.68
CA ALA A 326 20.76 56.12 -4.11
C ALA A 326 21.79 55.06 -4.50
N THR A 327 21.36 54.02 -5.21
CA THR A 327 22.31 53.05 -5.76
C THR A 327 22.50 53.27 -7.25
N SER A 328 21.44 53.66 -7.94
CA SER A 328 21.56 54.07 -9.33
C SER A 328 22.22 55.44 -9.42
N ASN A 329 22.50 55.86 -10.66
CA ASN A 329 23.23 57.11 -10.92
C ASN A 329 24.57 57.13 -10.19
N LEU A 330 25.23 55.97 -10.15
CA LEU A 330 26.51 55.81 -9.47
C LEU A 330 27.50 55.16 -10.44
N THR A 331 28.15 55.99 -11.24
CA THR A 331 29.18 55.55 -12.17
C THR A 331 30.33 56.55 -12.12
N GLN A 332 31.45 56.12 -11.55
CA GLN A 332 32.57 57.02 -11.28
C GLN A 332 33.79 56.16 -10.97
N GLU A 333 34.88 56.83 -10.57
CA GLU A 333 36.06 56.13 -10.09
C GLU A 333 35.80 55.52 -8.72
N ASN A 334 36.61 54.51 -8.39
CA ASN A 334 36.45 53.69 -7.17
C ASN A 334 34.98 53.35 -6.91
N MET A 335 34.27 53.00 -7.98
CA MET A 335 32.84 52.73 -7.86
C MET A 335 32.48 51.44 -7.12
N PRO A 336 33.33 50.39 -7.06
CA PRO A 336 32.95 49.24 -6.22
C PRO A 336 32.83 49.59 -4.75
N THR A 337 33.64 50.54 -4.25
CA THR A 337 33.59 50.89 -2.84
C THR A 337 32.24 51.49 -2.46
N LEU A 338 31.73 52.40 -3.29
CA LEU A 338 30.48 53.08 -2.95
C LEU A 338 29.31 52.11 -2.92
N PHE A 339 29.30 51.11 -3.80
CA PHE A 339 28.19 50.17 -3.86
C PHE A 339 28.05 49.39 -2.55
N VAL A 340 29.17 48.85 -2.05
CA VAL A 340 29.13 48.15 -0.77
C VAL A 340 28.95 49.12 0.38
N GLU A 341 29.38 50.38 0.22
CA GLU A 341 29.17 51.40 1.23
C GLU A 341 27.74 51.95 1.18
N SER A 342 26.88 51.38 0.35
CA SER A 342 25.48 51.73 0.29
C SER A 342 24.54 50.55 0.51
N VAL A 343 24.98 49.33 0.21
CA VAL A 343 24.15 48.16 0.47
C VAL A 343 23.95 47.95 1.96
N LEU A 344 24.99 48.18 2.77
CA LEU A 344 24.94 47.80 4.18
C LEU A 344 23.97 48.67 4.98
N GLU A 345 23.81 49.94 4.59
CA GLU A 345 23.00 50.85 5.40
C GLU A 345 21.53 50.48 5.32
N VAL A 346 21.10 49.88 4.21
CA VAL A 346 19.72 49.42 4.08
C VAL A 346 19.42 48.35 5.12
N HIS A 347 20.34 47.38 5.27
CA HIS A 347 20.21 46.40 6.33
C HIS A 347 20.25 47.06 7.70
N GLY A 348 21.21 47.97 7.90
CA GLY A 348 21.43 48.56 9.21
C GLY A 348 20.27 49.35 9.75
N LYS A 349 19.71 50.25 8.93
CA LYS A 349 18.57 51.04 9.37
C LYS A 349 17.34 50.20 9.61
N PHE A 350 17.05 49.26 8.70
CA PHE A 350 15.80 48.54 8.75
C PHE A 350 15.82 47.38 9.75
N VAL A 351 16.98 46.93 10.20
CA VAL A 351 16.97 45.89 11.23
C VAL A 351 16.52 46.47 12.58
N GLN A 352 16.97 47.69 12.91
CA GLN A 352 16.61 48.27 14.23
C GLN A 352 15.10 48.38 14.37
N LEU A 353 14.41 48.94 13.37
CA LEU A 353 12.93 49.16 13.49
C LEU A 353 12.21 47.82 13.64
N ILE A 354 12.56 46.83 12.81
CA ILE A 354 11.81 45.53 12.85
C ILE A 354 12.19 44.75 14.11
N ASN A 355 13.12 45.29 14.91
CA ASN A 355 13.53 44.61 16.17
C ASN A 355 13.15 45.49 17.37
N THR A 356 12.64 46.69 17.11
CA THR A 356 12.30 47.63 18.22
C THR A 356 10.80 47.95 18.19
N VAL A 357 10.34 48.71 17.19
CA VAL A 357 8.91 49.13 17.13
C VAL A 357 8.03 47.87 17.10
N LEU A 358 8.34 46.92 16.23
CA LEU A 358 7.57 45.65 16.15
C LEU A 358 8.44 44.52 16.67
N ASN A 359 7.99 43.84 17.74
CA ASN A 359 8.76 42.72 18.33
C ASN A 359 9.29 41.83 17.20
N GLY A 360 10.54 41.37 17.32
CA GLY A 360 11.16 40.56 16.26
C GLY A 360 10.24 39.43 15.81
N ASP A 361 10.10 39.25 14.50
CA ASP A 361 9.21 38.18 13.96
C ASP A 361 9.86 37.58 12.70
N GLN A 362 10.10 36.28 12.68
CA GLN A 362 10.77 35.66 11.55
C GLN A 362 10.06 35.96 10.23
N HIS A 363 8.74 36.18 10.28
CA HIS A 363 8.02 36.53 9.05
C HIS A 363 8.51 37.87 8.51
N PHE A 364 8.74 38.84 9.38
CA PHE A 364 9.26 40.13 8.94
C PHE A 364 10.72 40.02 8.49
N MET A 365 11.48 39.13 9.13
CA MET A 365 12.84 38.85 8.66
C MET A 365 12.82 38.30 7.24
N SER A 366 11.86 37.43 6.93
CA SER A 366 11.76 36.85 5.60
C SER A 366 11.50 37.91 4.54
N ALA A 367 10.68 38.92 4.84
CA ALA A 367 10.42 39.98 3.87
C ALA A 367 11.70 40.73 3.52
N LEU A 368 12.45 41.16 4.55
CA LEU A 368 13.68 41.95 4.30
C LEU A 368 14.64 41.13 3.43
N ASP A 369 14.86 39.86 3.79
CA ASP A 369 15.82 39.01 3.05
C ASP A 369 15.41 38.96 1.58
N LYS A 370 14.15 38.64 1.29
CA LYS A 370 13.71 38.47 -0.12
C LYS A 370 13.95 39.78 -0.88
N ALA A 371 13.64 40.91 -0.25
CA ALA A 371 13.85 42.23 -0.90
C ALA A 371 15.35 42.44 -1.15
N LEU A 372 16.18 42.06 -0.18
CA LEU A 372 17.65 42.27 -0.30
C LEU A 372 18.24 41.26 -1.30
N THR A 373 17.54 40.16 -1.57
CA THR A 373 18.04 39.17 -2.55
C THR A 373 17.59 39.57 -3.96
N SER A 374 17.35 40.85 -4.18
CA SER A 374 16.90 41.33 -5.51
C SER A 374 17.25 42.82 -5.69
N VAL A 375 18.27 43.30 -4.98
CA VAL A 375 18.71 44.71 -5.18
C VAL A 375 20.15 44.71 -5.72
N VAL A 376 20.83 43.55 -5.64
CA VAL A 376 22.26 43.46 -6.09
C VAL A 376 22.45 42.28 -7.04
N ASN A 377 21.38 41.61 -7.45
CA ASN A 377 21.47 40.46 -8.39
C ASN A 377 20.58 40.69 -9.62
N TYR A 378 20.18 41.94 -9.87
CA TYR A 378 19.32 42.26 -11.04
C TYR A 378 20.16 42.25 -12.32
N ARG A 379 19.53 42.47 -13.47
CA ARG A 379 20.27 42.49 -14.75
C ARG A 379 20.12 43.88 -15.39
N LYS A 386 27.53 42.24 -13.04
CA LYS A 386 28.69 43.10 -12.87
C LYS A 386 29.13 43.13 -11.41
N ALA A 387 28.17 43.29 -10.51
CA ALA A 387 28.40 43.36 -9.06
C ALA A 387 29.17 42.16 -8.52
N PRO A 388 28.86 40.92 -8.94
CA PRO A 388 29.69 39.80 -8.48
C PRO A 388 31.16 39.96 -8.83
N GLU A 389 31.47 40.56 -9.98
CA GLU A 389 32.86 40.87 -10.30
C GLU A 389 33.36 42.05 -9.48
N LEU A 390 32.48 43.02 -9.20
CA LEU A 390 32.85 44.18 -8.40
C LEU A 390 33.25 43.79 -6.98
N LEU A 391 32.68 42.71 -6.45
CA LEU A 391 33.05 42.29 -5.10
C LEU A 391 34.51 41.86 -5.03
N ALA A 392 35.01 41.18 -6.07
CA ALA A 392 36.43 40.83 -6.10
C ALA A 392 37.31 42.06 -6.16
N LYS A 393 36.91 43.06 -6.96
CA LYS A 393 37.64 44.33 -7.01
C LYS A 393 37.67 45.00 -5.65
N TYR A 394 36.57 44.89 -4.90
CA TYR A 394 36.56 45.44 -3.55
C TYR A 394 37.64 44.81 -2.68
N CYS A 395 37.72 43.46 -2.67
CA CYS A 395 38.71 42.79 -1.84
C CYS A 395 40.12 43.09 -2.31
N ASP A 396 40.30 43.28 -3.62
CA ASP A 396 41.64 43.51 -4.17
C ASP A 396 42.25 44.79 -3.60
N ASN A 397 41.46 45.86 -3.53
CA ASN A 397 42.02 47.16 -3.17
C ASN A 397 42.40 47.24 -1.69
N LEU A 398 41.57 46.68 -0.81
CA LEU A 398 41.79 46.82 0.63
C LEU A 398 43.11 46.22 1.09
N LEU A 399 43.34 44.95 0.74
CA LEU A 399 44.54 44.26 1.23
C LEU A 399 45.81 44.87 0.63
N LYS A 400 45.78 45.17 -0.67
CA LYS A 400 46.91 45.80 -1.33
C LYS A 400 47.11 47.22 -0.80
N LYS A 401 48.38 47.60 -0.62
CA LYS A 401 48.69 48.93 -0.09
C LYS A 401 48.92 49.92 -1.22
N THR A 407 45.35 50.25 9.62
CA THR A 407 45.80 49.35 10.67
C THR A 407 45.20 47.95 10.49
N GLU A 408 45.85 46.95 11.09
CA GLU A 408 45.38 45.57 10.97
C GLU A 408 44.00 45.43 11.60
N ASN A 409 43.78 46.04 12.75
CA ASN A 409 42.45 46.02 13.37
C ASN A 409 41.43 46.70 12.48
N GLU A 410 41.81 47.80 11.84
CA GLU A 410 40.92 48.45 10.88
C GLU A 410 40.60 47.52 9.72
N VAL A 411 41.60 46.81 9.21
CA VAL A 411 41.39 45.88 8.11
C VAL A 411 40.40 44.80 8.51
N GLU A 412 40.58 44.22 9.70
CA GLU A 412 39.67 43.18 10.18
C GLU A 412 38.26 43.73 10.35
N ASP A 413 38.13 44.92 10.93
CA ASP A 413 36.81 45.51 11.14
C ASP A 413 36.10 45.76 9.82
N ARG A 414 36.83 46.27 8.82
CA ARG A 414 36.22 46.51 7.52
C ARG A 414 35.86 45.21 6.81
N LEU A 415 36.72 44.20 6.93
CA LEU A 415 36.43 42.91 6.31
C LEU A 415 35.27 42.20 6.99
N THR A 416 34.98 42.51 8.25
CA THR A 416 33.86 41.88 8.94
C THR A 416 32.54 42.17 8.22
N SER A 417 32.39 43.39 7.68
CA SER A 417 31.15 43.75 7.01
C SER A 417 31.03 43.09 5.64
N PHE A 418 32.15 42.71 5.03
CA PHE A 418 32.10 42.13 3.68
C PHE A 418 31.37 40.80 3.67
N ILE A 419 31.52 40.00 4.72
CA ILE A 419 30.98 38.64 4.71
C ILE A 419 29.46 38.67 4.64
N THR A 420 28.84 39.75 5.11
CA THR A 420 27.38 39.85 5.10
C THR A 420 26.84 39.94 3.68
N VAL A 421 27.47 40.77 2.85
CA VAL A 421 26.98 40.99 1.49
C VAL A 421 27.14 39.73 0.64
N PHE A 422 28.21 38.98 0.84
CA PHE A 422 28.48 37.82 0.00
C PHE A 422 27.38 36.77 0.12
N LYS A 423 26.75 36.67 1.30
CA LYS A 423 25.73 35.66 1.51
C LYS A 423 24.51 35.86 0.62
N TYR A 424 24.29 37.07 0.11
CA TYR A 424 23.13 37.36 -0.71
C TYR A 424 23.40 37.22 -2.20
N ILE A 425 24.66 37.05 -2.60
CA ILE A 425 24.99 36.93 -4.01
C ILE A 425 24.56 35.56 -4.52
N ASP A 426 24.02 35.53 -5.73
CA ASP A 426 23.58 34.29 -6.35
C ASP A 426 24.49 33.91 -7.51
N LYS A 428 28.29 33.50 -8.19
CA LYS A 428 29.21 32.91 -7.22
C LYS A 428 30.31 32.12 -7.92
N ASP A 429 30.02 31.63 -9.13
CA ASP A 429 31.05 30.98 -9.91
C ASP A 429 32.16 31.95 -10.28
N VAL A 430 31.79 33.18 -10.64
CA VAL A 430 32.78 34.22 -10.93
C VAL A 430 33.60 34.52 -9.67
N PHE A 431 32.95 34.59 -8.51
CA PHE A 431 33.71 34.82 -7.29
C PHE A 431 34.65 33.67 -6.97
N GLN A 432 34.25 32.44 -7.30
CA GLN A 432 35.10 31.28 -7.05
C GLN A 432 36.29 31.19 -7.99
N LYS A 433 36.16 31.66 -9.24
CA LYS A 433 37.26 31.50 -10.17
C LYS A 433 38.07 32.78 -10.34
N PHE A 434 37.39 33.92 -10.56
CA PHE A 434 38.01 35.21 -10.81
C PHE A 434 38.95 35.65 -9.71
N TYR A 435 38.75 35.18 -8.48
CA TYR A 435 39.52 35.62 -7.32
C TYR A 435 40.94 35.09 -7.32
N ALA A 436 41.14 33.84 -7.73
CA ALA A 436 42.49 33.27 -7.74
C ALA A 436 43.41 34.03 -8.68
N ARG A 437 42.86 34.71 -9.68
CA ARG A 437 43.68 35.37 -10.68
C ARG A 437 44.50 36.51 -10.07
N MET A 438 43.86 37.41 -9.34
CA MET A 438 44.64 38.42 -8.63
C MET A 438 45.14 37.93 -7.27
N LEU A 439 44.69 36.76 -6.81
CA LEU A 439 45.42 36.12 -5.72
C LEU A 439 46.83 35.74 -6.14
N ALA A 440 46.99 35.21 -7.36
CA ALA A 440 48.31 34.81 -7.84
C ALA A 440 49.24 36.00 -7.97
N LYS A 441 48.75 37.10 -8.54
CA LYS A 441 49.58 38.28 -8.74
C LYS A 441 50.01 38.91 -7.42
N ARG A 442 49.22 38.74 -6.36
CA ARG A 442 49.65 39.16 -5.03
C ARG A 442 50.64 38.19 -4.42
N LEU A 443 50.45 36.89 -4.66
CA LEU A 443 51.37 35.90 -4.12
C LEU A 443 52.77 36.06 -4.72
N ILE A 444 52.86 36.23 -6.04
CA ILE A 444 54.15 36.30 -6.71
C ILE A 444 54.38 37.71 -7.22
N HIS A 445 55.55 37.95 -7.81
CA HIS A 445 55.98 39.28 -8.22
C HIS A 445 55.93 40.25 -7.05
N GLY A 446 56.30 39.76 -5.87
CA GLY A 446 56.14 40.54 -4.66
C GLY A 446 54.67 40.84 -4.44
N LEU A 447 54.38 42.07 -4.02
CA LEU A 447 53.01 42.53 -3.83
C LEU A 447 52.24 41.62 -2.86
N SER A 448 52.95 41.13 -1.86
CA SER A 448 52.38 40.22 -0.87
C SER A 448 52.27 40.96 0.46
N MET A 449 51.10 40.84 1.10
CA MET A 449 50.80 41.60 2.30
C MET A 449 51.08 40.74 3.54
N SER A 450 50.66 41.23 4.71
CA SER A 450 50.81 40.46 5.93
C SER A 450 50.12 39.11 5.78
N MET A 451 50.89 38.04 6.02
CA MET A 451 50.39 36.68 5.81
C MET A 451 49.17 36.46 6.69
N ASP A 452 49.12 37.15 7.84
CA ASP A 452 47.99 36.99 8.75
C ASP A 452 46.67 37.39 8.08
N SER A 453 46.66 38.51 7.36
CA SER A 453 45.44 38.93 6.68
C SER A 453 45.04 37.96 5.58
N GLU A 454 46.02 37.46 4.84
CA GLU A 454 45.75 36.49 3.78
C GLU A 454 45.10 35.24 4.37
N GLU A 455 45.62 34.76 5.49
CA GLU A 455 45.03 33.58 6.13
C GLU A 455 43.69 33.88 6.77
N ALA A 456 43.50 35.11 7.27
CA ALA A 456 42.25 35.47 7.91
C ALA A 456 41.10 35.51 6.90
N MET A 457 41.39 36.03 5.71
CA MET A 457 40.38 36.04 4.65
C MET A 457 39.91 34.61 4.36
N ILE A 458 40.86 33.69 4.20
CA ILE A 458 40.53 32.30 3.96
C ILE A 458 39.75 31.71 5.13
N ASN A 459 40.20 32.00 6.35
CA ASN A 459 39.58 31.42 7.53
C ASN A 459 38.13 31.85 7.68
N LYS A 460 37.84 33.13 7.44
CA LYS A 460 36.48 33.64 7.49
C LYS A 460 35.62 33.13 6.34
N LEU A 461 36.17 33.07 5.12
CA LEU A 461 35.39 32.59 3.99
C LEU A 461 35.10 31.09 4.07
N LYS A 462 35.99 30.32 4.70
CA LYS A 462 35.80 28.88 4.79
C LYS A 462 34.60 28.53 5.65
N GLN A 463 34.31 29.36 6.67
CA GLN A 463 33.20 29.07 7.56
C GLN A 463 31.87 29.12 6.82
N ALA A 464 31.71 30.07 5.91
CA ALA A 464 30.43 30.27 5.24
C ALA A 464 30.06 29.08 4.35
N CYS A 465 31.03 28.53 3.63
CA CYS A 465 30.75 27.50 2.63
C CYS A 465 31.52 26.19 2.83
N GLY A 466 32.24 26.04 3.94
CA GLY A 466 32.92 24.79 4.22
C GLY A 466 34.15 24.56 3.37
N TYR A 467 34.69 23.34 3.49
CA TYR A 467 35.89 22.97 2.75
C TYR A 467 35.64 22.83 1.25
N GLU A 468 34.42 22.47 0.86
CA GLU A 468 34.11 22.15 -0.53
C GLU A 468 34.35 23.34 -1.45
N PHE A 469 33.84 24.51 -1.07
CA PHE A 469 33.93 25.69 -1.91
C PHE A 469 35.39 26.12 -2.11
N THR A 470 36.17 26.11 -1.04
CA THR A 470 37.52 26.68 -1.05
C THR A 470 38.57 25.63 -0.71
N SER A 471 38.43 24.45 -1.29
CA SER A 471 39.40 23.38 -1.04
C SER A 471 40.76 23.72 -1.67
N LYS A 472 40.74 24.30 -2.87
CA LYS A 472 41.98 24.53 -3.61
C LYS A 472 42.88 25.53 -2.91
N LEU A 473 42.35 26.71 -2.59
CA LEU A 473 43.20 27.85 -2.23
C LEU A 473 44.00 27.60 -0.96
N HIS A 474 43.63 26.61 -0.15
CA HIS A 474 44.45 26.24 0.98
C HIS A 474 45.80 25.70 0.53
N ARG A 475 45.87 25.19 -0.71
CA ARG A 475 47.12 24.62 -1.21
C ARG A 475 48.12 25.72 -1.59
N MET A 476 47.65 26.79 -2.22
CA MET A 476 48.56 27.83 -2.71
C MET A 476 49.35 28.46 -1.57
N TYR A 477 48.67 28.91 -0.50
CA TYR A 477 49.37 29.65 0.55
C TYR A 477 50.36 28.76 1.30
N THR A 478 50.07 27.47 1.40
CA THR A 478 50.99 26.56 2.08
C THR A 478 52.29 26.40 1.32
N ASP A 479 52.25 26.55 0.00
CA ASP A 479 53.43 26.31 -0.83
C ASP A 479 54.54 27.31 -0.51
N MET A 480 54.18 28.58 -0.34
CA MET A 480 55.20 29.61 -0.17
C MET A 480 55.98 29.41 1.12
N SER A 481 55.31 28.99 2.19
CA SER A 481 56.03 28.62 3.41
C SER A 481 56.95 27.44 3.16
N VAL A 482 56.49 26.45 2.42
CA VAL A 482 57.33 25.30 2.08
C VAL A 482 58.44 25.71 1.12
N SER A 483 58.16 26.61 0.18
CA SER A 483 59.15 27.01 -0.81
C SER A 483 60.36 27.65 -0.14
N ALA A 484 60.14 28.50 0.86
CA ALA A 484 61.26 29.08 1.59
C ALA A 484 62.06 28.00 2.32
N ASP A 485 61.38 27.05 2.95
CA ASP A 485 62.07 25.94 3.59
C ASP A 485 62.75 25.05 2.56
N LEU A 486 62.11 24.83 1.41
CA LEU A 486 62.72 24.02 0.36
C LEU A 486 64.01 24.65 -0.15
N ASN A 487 64.06 25.98 -0.20
CA ASN A 487 65.28 26.67 -0.62
C ASN A 487 66.44 26.40 0.33
N ASN A 488 66.16 26.38 1.64
CA ASN A 488 67.22 26.31 2.64
C ASN A 488 68.04 25.03 2.52
N LYS A 489 67.37 23.89 2.34
CA LYS A 489 68.08 22.62 2.30
C LYS A 489 68.98 22.51 1.07
N PHE A 490 68.45 22.86 -0.11
CA PHE A 490 69.22 22.72 -1.34
C PHE A 490 70.27 23.81 -1.51
N ASN A 491 70.27 24.85 -0.68
CA ASN A 491 71.37 25.81 -0.71
C ASN A 491 72.68 25.16 -0.31
N ASN A 492 72.61 24.10 0.50
CA ASN A 492 73.82 23.41 0.95
C ASN A 492 74.47 22.61 -0.16
N PHE A 493 73.75 22.32 -1.25
CA PHE A 493 74.32 21.50 -2.31
C PHE A 493 75.41 22.22 -3.08
N ILE A 494 75.56 23.53 -2.90
CA ILE A 494 76.59 24.29 -3.59
C ILE A 494 77.97 23.86 -3.13
N SER A 506 72.19 35.16 -5.74
CA SER A 506 72.08 33.71 -5.60
C SER A 506 70.84 33.19 -6.30
N PHE A 507 70.85 31.89 -6.62
CA PHE A 507 69.70 31.28 -7.29
C PHE A 507 68.65 30.85 -6.29
N GLN A 508 67.56 31.60 -6.21
CA GLN A 508 66.40 31.24 -5.40
C GLN A 508 65.28 30.78 -6.31
N ILE A 509 64.49 29.83 -5.84
CA ILE A 509 63.55 29.10 -6.70
C ILE A 509 62.23 28.90 -5.96
N TYR A 510 61.12 29.06 -6.68
CA TYR A 510 59.80 28.79 -6.14
C TYR A 510 59.23 27.54 -6.81
N VAL A 511 58.47 26.78 -6.03
CA VAL A 511 57.78 25.59 -6.54
C VAL A 511 56.29 25.89 -6.58
N LEU A 512 55.57 25.14 -7.42
CA LEU A 512 54.14 25.35 -7.53
C LEU A 512 53.49 23.97 -7.48
N GLN A 513 52.38 23.87 -6.77
CA GLN A 513 51.77 22.58 -6.46
C GLN A 513 50.93 22.10 -7.64
N ALA A 514 51.33 20.96 -8.21
CA ALA A 514 50.58 20.28 -9.27
C ALA A 514 50.23 21.23 -10.40
N GLY A 515 48.98 21.20 -10.86
CA GLY A 515 48.51 22.11 -11.88
C GLY A 515 47.24 22.80 -11.48
N ALA A 516 46.91 22.74 -10.18
CA ALA A 516 45.68 23.35 -9.68
C ALA A 516 45.73 24.87 -9.78
N TRP A 517 46.92 25.45 -9.77
CA TRP A 517 47.08 26.89 -9.87
C TRP A 517 46.59 27.38 -11.22
N PRO A 518 45.80 28.45 -11.27
CA PRO A 518 45.33 28.97 -12.56
C PRO A 518 46.37 29.83 -13.25
N LEU A 519 47.63 29.72 -12.83
CA LEU A 519 48.70 30.58 -13.34
C LEU A 519 48.88 30.44 -14.85
N THR A 520 48.56 29.28 -15.42
CA THR A 520 48.70 29.08 -16.85
C THR A 520 47.69 28.05 -17.36
N ALA A 528 66.05 30.81 -26.09
CA ALA A 528 67.16 29.96 -25.65
C ALA A 528 67.61 30.35 -24.25
N ILE A 529 68.02 29.36 -23.47
CA ILE A 529 68.51 29.57 -22.10
C ILE A 529 69.84 30.31 -22.16
N PRO A 530 70.16 31.14 -21.18
CA PRO A 530 71.44 31.86 -21.20
C PRO A 530 72.61 30.90 -21.09
N GLN A 531 73.70 31.23 -21.79
CA GLN A 531 74.85 30.33 -21.84
C GLN A 531 75.57 30.25 -20.50
N GLU A 532 75.32 31.22 -19.61
CA GLU A 532 75.98 31.20 -18.31
C GLU A 532 75.16 30.43 -17.28
N LEU A 533 73.98 29.95 -17.66
CA LEU A 533 73.02 29.49 -16.65
C LEU A 533 73.05 27.98 -16.46
N GLU A 534 73.51 27.24 -17.47
CA GLU A 534 73.37 25.78 -17.46
C GLU A 534 73.94 25.14 -16.20
N LYS A 535 75.06 25.68 -15.69
CA LYS A 535 75.73 25.08 -14.54
C LYS A 535 74.79 24.99 -13.35
N SER A 536 74.00 26.05 -13.12
CA SER A 536 73.04 26.01 -12.01
C SER A 536 71.71 25.42 -12.46
N VAL A 537 71.38 25.54 -13.75
CA VAL A 537 70.07 25.06 -14.24
C VAL A 537 69.99 23.54 -14.11
N GLN A 538 70.98 22.83 -14.63
CA GLN A 538 70.98 21.38 -14.50
C GLN A 538 71.42 20.90 -13.12
N MET A 539 71.97 21.78 -12.29
CA MET A 539 72.26 21.41 -10.91
C MET A 539 70.99 21.24 -10.10
N PHE A 540 69.88 21.84 -10.55
CA PHE A 540 68.62 21.74 -9.81
C PHE A 540 68.10 20.30 -9.81
N GLU A 541 68.40 19.53 -10.86
CA GLU A 541 67.99 18.13 -10.89
C GLU A 541 68.65 17.32 -9.79
N LEU A 542 69.72 17.83 -9.19
CA LEU A 542 70.23 17.21 -7.98
C LEU A 542 69.23 17.28 -6.84
N PHE A 543 68.27 18.22 -6.89
CA PHE A 543 67.20 18.22 -5.90
C PHE A 543 66.28 17.02 -6.09
N TYR A 544 66.04 16.64 -7.35
CA TYR A 544 65.35 15.38 -7.61
C TYR A 544 66.19 14.19 -7.14
N SER A 545 67.51 14.26 -7.39
CA SER A 545 68.39 13.22 -6.86
C SER A 545 68.29 13.14 -5.33
N GLN A 546 67.94 14.27 -4.70
CA GLN A 546 67.83 14.31 -3.25
C GLN A 546 66.51 13.75 -2.76
N HIS A 547 65.40 14.41 -3.12
CA HIS A 547 64.12 14.09 -2.48
C HIS A 547 62.93 13.99 -3.42
N PHE A 548 63.03 14.40 -4.68
CA PHE A 548 61.91 14.34 -5.61
C PHE A 548 62.11 13.18 -6.57
N SER A 549 61.06 12.82 -7.30
CA SER A 549 61.14 11.70 -8.23
C SER A 549 60.05 11.78 -9.27
N GLY A 550 60.42 11.57 -10.54
CA GLY A 550 59.48 11.42 -11.63
C GLY A 550 58.69 12.65 -12.01
N ARG A 551 58.77 13.73 -11.24
CA ARG A 551 58.06 14.96 -11.55
C ARG A 551 58.75 15.67 -12.71
N LYS A 552 57.97 16.13 -13.68
CA LYS A 552 58.51 16.91 -14.78
C LYS A 552 58.85 18.32 -14.27
N LEU A 553 60.13 18.58 -14.06
CA LEU A 553 60.55 19.94 -13.75
C LEU A 553 60.28 20.83 -14.96
N THR A 554 59.59 21.94 -14.70
CA THR A 554 59.01 22.79 -15.75
C THR A 554 59.60 24.18 -15.65
N TRP A 555 60.59 24.46 -16.50
CA TRP A 555 61.11 25.82 -16.58
C TRP A 555 60.21 26.68 -17.44
N LEU A 556 59.18 27.24 -16.81
CA LEU A 556 58.16 28.04 -17.48
C LEU A 556 58.77 29.42 -17.72
N HIS A 557 59.28 29.64 -18.93
CA HIS A 557 60.07 30.84 -19.21
C HIS A 557 59.19 32.07 -19.41
N TYR A 558 57.90 31.87 -19.68
CA TYR A 558 57.03 32.99 -20.02
C TYR A 558 56.88 33.95 -18.84
N LEU A 559 56.30 33.48 -17.73
CA LEU A 559 55.83 34.39 -16.71
C LEU A 559 56.93 34.83 -15.76
N CYS A 560 57.98 34.02 -15.61
CA CYS A 560 58.98 34.27 -14.58
C CYS A 560 59.84 35.49 -14.95
N THR A 561 60.70 35.90 -14.03
CA THR A 561 61.49 37.13 -14.15
C THR A 561 62.79 36.91 -13.40
N GLY A 562 63.49 38.01 -13.06
CA GLY A 562 64.66 37.91 -12.22
C GLY A 562 65.61 39.09 -12.25
N GLU A 563 66.13 39.47 -11.09
CA GLU A 563 67.10 40.54 -11.03
C GLU A 563 68.49 40.00 -11.34
N VAL A 564 69.03 40.36 -12.49
CA VAL A 564 70.30 39.82 -12.99
C VAL A 564 71.22 41.00 -13.27
N LYS A 565 72.53 40.76 -13.23
CA LYS A 565 73.52 41.79 -13.53
C LYS A 565 73.89 41.80 -15.02
N MET A 566 73.06 42.48 -15.82
CA MET A 566 73.43 42.66 -17.23
C MET A 566 74.59 43.64 -17.34
N ASN A 567 75.65 43.22 -18.04
CA ASN A 567 76.82 44.06 -18.21
C ASN A 567 77.33 43.98 -19.66
N MET A 576 63.47 45.35 -18.88
CA MET A 576 63.78 45.29 -17.46
C MET A 576 64.35 43.95 -17.05
N VAL A 577 63.64 43.27 -16.14
CA VAL A 577 64.10 42.02 -15.56
C VAL A 577 63.18 40.86 -15.90
N THR A 578 62.21 41.07 -16.80
CA THR A 578 61.35 39.98 -17.25
C THR A 578 62.04 39.21 -18.38
N THR A 579 61.91 37.89 -18.38
CA THR A 579 62.73 37.04 -19.23
C THR A 579 62.49 37.27 -20.72
N TYR A 580 61.39 37.92 -21.10
CA TYR A 580 61.19 38.24 -22.51
C TYR A 580 62.31 39.15 -23.01
N GLN A 581 62.42 40.34 -22.43
CA GLN A 581 63.47 41.26 -22.84
C GLN A 581 64.82 41.03 -22.18
N MET A 582 64.92 40.22 -21.12
CA MET A 582 66.24 39.69 -20.78
C MET A 582 66.73 38.70 -21.83
N ALA A 583 65.83 37.88 -22.36
CA ALA A 583 66.17 37.03 -23.49
C ALA A 583 66.57 37.85 -24.71
N VAL A 584 65.93 38.99 -24.92
CA VAL A 584 66.39 39.91 -25.95
C VAL A 584 67.79 40.43 -25.63
N LEU A 585 68.00 40.92 -24.41
CA LEU A 585 69.29 41.46 -24.00
C LEU A 585 70.40 40.42 -23.96
N LEU A 586 70.05 39.13 -23.91
CA LEU A 586 71.05 38.08 -23.93
C LEU A 586 71.90 38.15 -25.20
N ALA A 587 71.30 38.68 -26.28
CA ALA A 587 72.07 38.92 -27.50
C ALA A 587 72.28 40.42 -27.73
N PHE A 588 71.39 41.25 -27.20
CA PHE A 588 71.51 42.69 -27.41
C PHE A 588 72.64 43.28 -26.57
N ASN A 589 72.55 43.16 -25.25
CA ASN A 589 73.58 43.67 -24.35
C ASN A 589 74.95 43.06 -24.63
N ASN A 590 74.99 41.81 -25.08
CA ASN A 590 76.25 41.15 -25.39
C ASN A 590 76.82 41.64 -26.72
N LYS A 597 70.05 37.93 -37.22
CA LYS A 597 70.03 36.50 -37.52
C LYS A 597 70.41 35.68 -36.30
N GLU A 598 71.52 36.04 -35.66
CA GLU A 598 72.00 35.28 -34.51
C GLU A 598 71.02 35.36 -33.35
N LEU A 599 70.38 36.52 -33.16
CA LEU A 599 69.35 36.62 -32.13
C LEU A 599 68.06 35.96 -32.59
N GLN A 600 67.81 35.95 -33.90
CA GLN A 600 66.64 35.26 -34.43
C GLN A 600 66.73 33.75 -34.19
N ASP A 601 67.92 33.17 -34.38
CA ASP A 601 68.11 31.76 -34.07
C ASP A 601 67.99 31.51 -32.58
N SER A 602 68.44 32.45 -31.75
CA SER A 602 68.39 32.31 -30.31
C SER A 602 66.98 32.42 -29.74
N THR A 603 65.99 32.78 -30.56
CA THR A 603 64.63 32.92 -30.07
C THR A 603 64.08 31.59 -29.55
N GLN A 604 64.33 30.51 -30.28
CA GLN A 604 63.80 29.18 -29.96
C GLN A 604 62.27 29.21 -29.91
N MET A 605 61.66 30.14 -30.63
CA MET A 605 60.21 30.33 -30.63
C MET A 605 59.83 31.02 -31.92
N ASN A 606 58.53 31.24 -32.10
CA ASN A 606 58.04 31.94 -33.28
C ASN A 606 58.50 33.40 -33.27
N GLU A 607 58.70 33.95 -34.46
CA GLU A 607 59.25 35.30 -34.57
C GLU A 607 58.24 36.38 -34.21
N LYS A 608 56.95 36.04 -34.10
CA LYS A 608 55.96 37.05 -33.71
C LYS A 608 56.14 37.43 -32.24
N GLU A 609 56.43 36.46 -31.37
CA GLU A 609 56.68 36.76 -29.97
C GLU A 609 57.94 37.62 -29.82
N LEU A 610 58.99 37.28 -30.58
CA LEU A 610 60.19 38.11 -30.54
C LEU A 610 59.90 39.51 -31.08
N THR A 611 59.01 39.61 -32.07
CA THR A 611 58.62 40.93 -32.56
C THR A 611 57.91 41.73 -31.48
N LYS A 612 57.08 41.06 -30.67
CA LYS A 612 56.50 41.72 -29.49
C LYS A 612 57.59 42.20 -28.53
N THR A 613 58.60 41.37 -28.28
CA THR A 613 59.71 41.76 -27.42
C THR A 613 60.55 42.90 -28.00
N ILE A 614 60.64 43.01 -29.32
CA ILE A 614 61.32 44.15 -29.92
C ILE A 614 60.44 45.40 -29.86
N LYS A 615 59.13 45.24 -29.97
CA LYS A 615 58.22 46.34 -29.67
C LYS A 615 58.45 46.85 -28.25
N SER A 616 58.68 45.94 -27.30
CA SER A 616 59.03 46.34 -25.94
C SER A 616 60.24 47.26 -25.94
N LEU A 617 61.22 46.98 -26.80
CA LEU A 617 62.36 47.89 -26.94
C LEU A 617 61.95 49.22 -27.56
N LEU A 618 61.16 49.16 -28.64
CA LEU A 618 60.79 50.39 -29.35
C LEU A 618 59.93 51.31 -28.47
N ASP A 619 59.36 50.77 -27.40
CA ASP A 619 58.43 51.50 -26.56
C ASP A 619 59.01 52.81 -26.03
N VAL A 620 60.01 52.74 -25.15
CA VAL A 620 60.55 53.92 -24.49
C VAL A 620 62.06 53.79 -24.34
N LYS A 621 62.80 54.68 -25.00
CA LYS A 621 64.23 54.91 -24.75
C LYS A 621 65.12 53.81 -25.33
N MET A 622 64.51 52.86 -26.03
CA MET A 622 65.27 52.01 -26.95
C MET A 622 64.49 51.84 -28.26
N ASN A 624 68.81 52.48 -30.38
CA ASN A 624 68.78 52.96 -31.76
C ASN A 624 68.99 51.81 -32.73
N HIS A 625 67.95 50.99 -32.89
CA HIS A 625 68.02 49.84 -33.78
C HIS A 625 68.23 50.29 -35.23
N ASP A 626 69.06 49.53 -35.95
CA ASP A 626 69.31 49.84 -37.35
C ASP A 626 68.05 49.64 -38.19
N SER A 627 67.09 48.88 -37.67
CA SER A 627 65.83 48.66 -38.37
C SER A 627 65.02 49.96 -38.46
N GLU A 635 65.76 43.76 -42.08
CA GLU A 635 64.76 43.39 -41.08
C GLU A 635 65.27 43.65 -39.66
N SER A 636 65.69 42.59 -38.96
CA SER A 636 66.15 42.69 -37.58
C SER A 636 67.60 43.15 -37.58
N SER A 637 67.82 44.38 -38.00
CA SER A 637 69.12 45.02 -37.95
C SER A 637 69.13 46.00 -36.78
N PHE A 638 70.17 45.91 -35.95
CA PHE A 638 70.19 46.63 -34.68
C PHE A 638 71.50 47.39 -34.51
N SER A 639 71.41 48.60 -33.98
CA SER A 639 72.57 49.36 -33.55
C SER A 639 72.36 49.81 -32.11
N LEU A 640 73.24 50.67 -31.59
CA LEU A 640 73.20 51.08 -30.20
C LEU A 640 72.79 52.55 -30.10
N ASN A 641 72.20 52.89 -28.96
CA ASN A 641 71.79 54.25 -28.64
C ASN A 641 72.65 54.77 -27.51
N MET A 642 73.49 55.77 -27.81
CA MET A 642 74.32 56.38 -26.78
C MET A 642 73.52 57.26 -25.83
N ASN A 643 72.33 57.71 -26.23
CA ASN A 643 71.43 58.45 -25.35
C ASN A 643 70.79 57.44 -24.40
N PHE A 644 71.51 57.13 -23.32
CA PHE A 644 71.07 56.11 -22.37
C PHE A 644 69.78 56.52 -21.68
N ARG A 648 64.31 55.00 -14.41
CA ARG A 648 64.76 54.68 -13.02
C ARG A 648 65.99 53.76 -13.09
N THR A 649 66.94 53.93 -12.17
CA THR A 649 68.11 53.03 -12.12
C THR A 649 67.61 51.58 -12.18
N LYS A 650 66.56 51.28 -11.40
CA LYS A 650 65.97 49.92 -11.42
C LYS A 650 65.39 49.66 -12.81
N PHE A 651 65.67 48.48 -13.38
CA PHE A 651 65.18 48.15 -14.74
C PHE A 651 63.66 48.04 -14.73
N THR A 661 42.52 44.64 -19.03
CA THR A 661 42.29 44.05 -20.34
C THR A 661 40.95 43.31 -20.37
N PRO A 662 40.07 43.71 -21.28
CA PRO A 662 38.76 43.06 -21.39
C PRO A 662 38.83 41.59 -21.79
N GLN A 663 39.90 41.17 -22.46
CA GLN A 663 40.00 39.80 -22.94
C GLN A 663 40.01 38.81 -21.77
N GLU A 664 40.46 39.27 -20.60
CA GLU A 664 40.49 38.40 -19.42
C GLU A 664 39.09 37.94 -19.03
N MET A 665 38.17 38.89 -18.84
CA MET A 665 36.80 38.49 -18.53
C MET A 665 36.10 37.91 -19.75
N GLU A 666 36.54 38.27 -20.95
CA GLU A 666 36.00 37.62 -22.14
C GLU A 666 36.27 36.12 -22.12
N GLN A 667 37.49 35.72 -21.75
CA GLN A 667 37.79 34.31 -21.55
C GLN A 667 36.98 33.73 -20.40
N THR A 668 36.99 34.41 -19.25
CA THR A 668 36.33 33.89 -18.06
C THR A 668 34.83 33.71 -18.23
N ARG A 669 34.23 34.43 -19.20
CA ARG A 669 32.79 34.31 -19.42
C ARG A 669 32.40 32.89 -19.81
N SER A 670 33.19 32.26 -20.68
CA SER A 670 32.89 30.92 -21.19
C SER A 670 33.75 29.84 -20.55
N ALA A 671 34.88 30.20 -19.93
CA ALA A 671 35.70 29.20 -19.26
C ALA A 671 34.92 28.51 -18.15
N VAL A 672 34.15 29.28 -17.37
CA VAL A 672 33.27 28.69 -16.37
C VAL A 672 32.12 27.96 -17.04
N ASP A 673 31.61 28.51 -18.15
CA ASP A 673 30.45 27.98 -18.84
C ASP A 673 30.68 26.55 -19.31
N GLU A 674 31.90 26.25 -19.75
CA GLU A 674 32.23 24.87 -20.13
C GLU A 674 31.99 23.92 -18.96
N ASP A 675 32.46 24.31 -17.78
CA ASP A 675 32.23 23.46 -16.58
C ASP A 675 30.72 23.41 -16.33
N ARG A 676 29.98 24.49 -16.59
CA ARG A 676 28.53 24.46 -16.42
C ARG A 676 27.89 23.43 -17.34
N LYS A 677 28.29 23.38 -18.61
CA LYS A 677 27.72 22.39 -19.52
C LYS A 677 28.06 20.97 -19.09
N MET A 678 29.31 20.76 -18.67
CA MET A 678 29.70 19.42 -18.22
C MET A 678 28.89 18.98 -17.01
N TYR A 679 28.70 19.89 -16.05
CA TYR A 679 27.93 19.56 -14.85
C TYR A 679 26.46 19.37 -15.19
N LEU A 680 25.94 20.12 -16.16
CA LEU A 680 24.57 19.88 -16.61
C LEU A 680 24.42 18.50 -17.20
N GLN A 681 25.38 18.06 -18.02
CA GLN A 681 25.31 16.71 -18.55
C GLN A 681 25.35 15.67 -17.43
N ALA A 682 26.27 15.86 -16.49
CA ALA A 682 26.38 14.93 -15.35
C ALA A 682 25.03 14.85 -14.65
N ALA A 683 24.55 16.00 -14.22
CA ALA A 683 23.32 16.06 -13.43
C ALA A 683 22.17 15.43 -14.19
N ILE A 684 22.06 15.70 -15.49
CA ILE A 684 21.01 15.07 -16.29
C ILE A 684 21.13 13.56 -16.19
N VAL A 685 22.35 13.05 -16.37
CA VAL A 685 22.52 11.57 -16.35
C VAL A 685 22.06 11.05 -14.99
N ARG A 686 22.60 11.59 -13.90
CA ARG A 686 22.25 11.06 -12.58
C ARG A 686 20.74 11.08 -12.35
N ILE A 687 20.11 12.23 -12.63
CA ILE A 687 18.70 12.39 -12.26
C ILE A 687 17.79 11.49 -13.09
N MET A 688 17.98 11.43 -14.42
CA MET A 688 16.98 10.67 -15.16
C MET A 688 17.30 9.19 -15.10
N LYS A 689 18.52 8.83 -14.70
CA LYS A 689 18.80 7.41 -14.52
C LYS A 689 18.36 6.92 -13.15
N ALA A 690 18.24 7.84 -12.18
CA ALA A 690 17.83 7.44 -10.84
C ALA A 690 16.34 7.18 -10.76
N ARG A 691 15.52 8.21 -10.99
CA ARG A 691 14.08 8.07 -10.80
C ARG A 691 13.46 7.13 -11.82
N LYS A 692 13.73 7.36 -13.10
CA LYS A 692 13.30 6.56 -14.25
C LYS A 692 11.81 6.68 -14.54
N VAL A 693 11.02 7.32 -13.67
CA VAL A 693 9.59 7.44 -13.91
C VAL A 693 9.11 8.86 -13.65
N LEU A 694 10.04 9.80 -13.56
CA LEU A 694 9.68 11.18 -13.23
C LEU A 694 9.24 11.95 -14.47
N ARG A 695 8.59 13.08 -14.24
CA ARG A 695 8.24 13.98 -15.34
C ARG A 695 9.46 14.80 -15.75
N HIS A 696 9.55 15.14 -17.04
CA HIS A 696 10.73 15.86 -17.51
C HIS A 696 10.69 17.33 -17.10
N ASN A 697 9.49 17.92 -16.99
CA ASN A 697 9.40 19.25 -16.39
C ASN A 697 9.68 19.18 -14.90
N ALA A 698 9.15 18.16 -14.23
CA ALA A 698 9.57 17.85 -12.87
C ALA A 698 11.05 17.52 -12.80
N LEU A 699 11.63 16.93 -13.85
CA LEU A 699 13.08 16.75 -13.90
C LEU A 699 13.79 18.10 -13.93
N ILE A 700 13.26 19.05 -14.71
CA ILE A 700 13.85 20.38 -14.76
C ILE A 700 13.84 21.02 -13.37
N GLN A 701 12.70 20.94 -12.69
CA GLN A 701 12.59 21.51 -11.35
C GLN A 701 13.51 20.79 -10.37
N GLU A 702 13.59 19.46 -10.46
CA GLU A 702 14.42 18.69 -9.54
C GLU A 702 15.90 18.99 -9.75
N VAL A 703 16.34 19.08 -11.01
CA VAL A 703 17.73 19.44 -11.28
C VAL A 703 18.01 20.87 -10.85
N ILE A 704 17.03 21.76 -10.98
CA ILE A 704 17.18 23.12 -10.47
C ILE A 704 17.43 23.09 -8.98
N SER A 705 16.65 22.29 -8.25
CA SER A 705 16.83 22.18 -6.80
C SER A 705 18.18 21.57 -6.45
N GLN A 706 18.58 20.50 -7.15
CA GLN A 706 19.79 19.78 -6.79
C GLN A 706 21.05 20.59 -7.10
N SER A 707 21.09 21.24 -8.27
CA SER A 707 22.28 21.93 -8.73
C SER A 707 22.17 23.45 -8.59
N ARG A 708 21.29 23.93 -7.71
CA ARG A 708 21.19 25.37 -7.49
C ARG A 708 22.48 25.93 -6.91
N ALA A 709 23.07 25.20 -5.95
CA ALA A 709 24.31 25.67 -5.33
C ALA A 709 25.46 25.70 -6.32
N ARG A 710 25.47 24.76 -7.26
CA ARG A 710 26.62 24.67 -8.21
C ARG A 710 26.56 25.83 -9.22
N PHE A 711 25.39 26.13 -9.77
CA PHE A 711 25.25 27.16 -10.77
C PHE A 711 23.82 27.68 -10.79
N ASN A 712 23.66 28.86 -11.38
CA ASN A 712 22.33 29.42 -11.58
C ASN A 712 21.66 28.75 -12.78
N PRO A 713 20.50 28.12 -12.60
CA PRO A 713 19.89 27.38 -13.71
C PRO A 713 19.48 28.28 -14.86
N SER A 714 19.55 27.73 -16.07
CA SER A 714 19.11 28.42 -17.28
C SER A 714 18.30 27.44 -18.12
N ILE A 715 17.23 27.92 -18.74
CA ILE A 715 16.30 27.03 -19.43
C ILE A 715 16.91 26.48 -20.71
N SER A 716 17.64 27.32 -21.46
CA SER A 716 18.15 26.90 -22.76
C SER A 716 19.18 25.78 -22.63
N MET A 717 20.04 25.85 -21.61
CA MET A 717 21.01 24.79 -21.40
C MET A 717 20.31 23.46 -21.14
N ILE A 718 19.24 23.48 -20.35
CA ILE A 718 18.44 22.28 -20.15
C ILE A 718 17.78 21.82 -21.45
N LYS A 719 17.37 22.77 -22.30
CA LYS A 719 16.78 22.41 -23.59
C LYS A 719 17.78 21.64 -24.44
N LYS A 720 19.04 22.08 -24.46
CA LYS A 720 20.06 21.48 -25.31
C LYS A 720 20.75 20.27 -24.69
N CYS A 721 20.27 19.77 -23.56
CA CYS A 721 20.93 18.63 -22.92
C CYS A 721 20.83 17.37 -23.76
N ILE A 722 19.65 17.11 -24.33
CA ILE A 722 19.39 15.81 -24.94
C ILE A 722 20.13 15.61 -26.25
N GLU A 723 20.73 16.67 -26.80
CA GLU A 723 21.34 16.57 -28.13
C GLU A 723 22.50 15.59 -28.13
N VAL A 724 23.46 15.76 -27.23
CA VAL A 724 24.61 14.85 -27.17
C VAL A 724 24.20 13.45 -26.71
N LEU A 725 23.24 13.33 -25.81
CA LEU A 725 22.80 12.02 -25.36
C LEU A 725 22.16 11.24 -26.50
N ILE A 726 21.38 11.92 -27.35
CA ILE A 726 20.77 11.24 -28.49
C ILE A 726 21.76 11.08 -29.63
N ASP A 727 22.87 11.84 -29.59
CA ASP A 727 23.90 11.67 -30.61
C ASP A 727 24.47 10.26 -30.60
N LYS A 728 24.79 9.75 -29.41
CA LYS A 728 25.18 8.36 -29.25
C LYS A 728 24.00 7.46 -28.92
N GLN A 729 22.78 8.01 -28.88
CA GLN A 729 21.60 7.30 -28.40
C GLN A 729 21.82 6.77 -26.98
N TYR A 730 22.52 7.56 -26.17
CA TYR A 730 22.78 7.15 -24.78
C TYR A 730 21.48 7.03 -24.01
N ILE A 731 20.65 8.07 -24.06
CA ILE A 731 19.37 8.03 -23.38
C ILE A 731 18.46 7.02 -24.07
N GLU A 732 17.88 6.12 -23.29
CA GLU A 732 16.79 5.27 -23.78
C GLU A 732 15.56 6.15 -23.77
N ARG A 733 15.54 7.12 -24.68
CA ARG A 733 14.52 8.16 -24.68
C ARG A 733 13.13 7.53 -24.83
N SER A 734 12.30 7.70 -23.81
CA SER A 734 10.98 7.10 -23.82
C SER A 734 10.14 7.74 -24.92
N GLN A 735 9.98 7.03 -26.04
CA GLN A 735 9.22 7.51 -27.17
C GLN A 735 7.71 7.49 -26.95
N ALA A 736 7.21 6.66 -26.03
CA ALA A 736 5.80 6.71 -25.67
C ALA A 736 5.45 8.06 -25.06
N SER A 737 6.33 8.57 -24.21
CA SER A 737 6.18 9.89 -23.60
C SER A 737 7.56 10.39 -23.20
N ALA A 738 8.03 11.45 -23.86
CA ALA A 738 9.31 12.05 -23.49
C ALA A 738 9.28 12.58 -22.06
N ASP A 739 8.08 12.85 -21.54
CA ASP A 739 7.94 13.24 -20.14
C ASP A 739 8.39 12.11 -19.21
N GLU A 740 8.02 10.88 -19.53
CA GLU A 740 8.40 9.71 -18.75
C GLU A 740 9.74 9.18 -19.27
N TYR A 741 10.41 8.34 -18.48
CA TYR A 741 11.74 7.87 -18.83
C TYR A 741 11.78 6.36 -18.90
N SER A 742 12.86 5.85 -19.48
CA SER A 742 13.25 4.46 -19.37
C SER A 742 14.76 4.40 -19.17
N TYR A 743 15.22 3.40 -18.42
CA TYR A 743 16.64 3.33 -18.08
C TYR A 743 17.48 3.14 -19.34
N VAL A 744 18.65 3.77 -19.35
CA VAL A 744 19.47 3.83 -20.57
C VAL A 744 19.89 2.43 -21.01
N ALA A 745 19.94 1.49 -20.08
CA ALA A 745 20.33 0.12 -20.39
C ALA A 745 19.18 -0.84 -20.13
N MET B 1 16.34 8.47 71.46
CA MET B 1 15.15 8.53 72.31
C MET B 1 14.80 7.13 72.77
N ASP B 2 15.08 6.82 74.04
CA ASP B 2 15.07 5.42 74.49
C ASP B 2 14.22 5.16 75.73
N VAL B 3 13.45 6.12 76.20
CA VAL B 3 12.62 5.95 77.40
C VAL B 3 11.21 6.43 77.11
N PHE B 4 10.22 5.70 77.63
CA PHE B 4 8.81 6.03 77.48
C PHE B 4 8.08 5.65 78.75
N LEU B 5 7.90 6.62 79.65
CA LEU B 5 7.25 6.31 80.96
C LEU B 5 6.07 7.27 81.20
N MET B 6 5.23 6.97 82.19
CA MET B 6 4.04 7.81 82.47
C MET B 6 4.20 8.47 83.84
N ILE B 7 4.02 9.80 83.90
CA ILE B 7 4.11 10.53 85.20
C ILE B 7 2.76 10.41 85.90
N ARG B 8 2.41 9.20 86.36
CA ARG B 8 1.08 8.98 86.98
C ARG B 8 0.94 9.78 88.27
N ARG B 9 -0.29 10.19 88.60
CA ARG B 9 -0.55 10.94 89.86
C ARG B 9 -2.03 10.76 90.19
N HIS B 10 -2.46 11.15 91.41
CA HIS B 10 -3.86 10.91 91.82
C HIS B 10 -4.83 11.33 90.71
N LYS B 11 -5.64 10.38 90.21
CA LYS B 11 -6.65 10.69 89.17
C LYS B 11 -6.04 11.50 88.02
N THR B 12 -4.89 11.06 87.49
CA THR B 12 -4.29 11.74 86.32
C THR B 12 -3.12 10.91 85.77
N THR B 13 -2.85 11.02 84.47
CA THR B 13 -1.69 10.30 83.86
C THR B 13 -1.21 11.06 82.63
N ILE B 14 0.05 11.53 82.65
CA ILE B 14 0.63 12.27 81.49
C ILE B 14 1.64 11.35 80.80
N PHE B 15 1.69 11.39 79.47
CA PHE B 15 2.60 10.48 78.71
C PHE B 15 3.69 11.31 78.04
N THR B 16 4.96 10.99 78.32
CA THR B 16 6.09 11.76 77.75
C THR B 16 7.24 10.82 77.41
N ASP B 17 8.15 11.25 76.54
CA ASP B 17 9.31 10.41 76.14
C ASP B 17 10.34 10.40 77.27
N SER B 22 18.98 15.68 80.73
CA SER B 22 18.41 14.35 80.85
C SER B 22 18.25 13.96 82.32
N THR B 23 18.13 14.96 83.19
CA THR B 23 18.05 14.76 84.62
C THR B 23 16.67 15.17 85.12
N VAL B 24 16.40 14.85 86.39
CA VAL B 24 15.07 14.98 86.97
C VAL B 24 14.57 16.41 87.00
N PHE B 25 15.48 17.40 86.98
CA PHE B 25 15.06 18.79 86.95
C PHE B 25 14.24 19.09 85.70
N GLU B 26 14.66 18.53 84.57
CA GLU B 26 13.91 18.75 83.33
C GLU B 26 12.55 18.05 83.37
N LEU B 27 12.46 16.89 84.01
CA LEU B 27 11.15 16.25 84.19
C LEU B 27 10.23 17.12 85.03
N LYS B 28 10.76 17.69 86.12
CA LYS B 28 9.94 18.64 86.88
C LYS B 28 9.55 19.85 86.03
N ARG B 29 10.45 20.30 85.16
CA ARG B 29 10.14 21.41 84.27
C ARG B 29 8.98 21.07 83.34
N ILE B 30 8.99 19.87 82.77
CA ILE B 30 7.90 19.47 81.88
C ILE B 30 6.60 19.30 82.63
N VAL B 31 6.66 18.72 83.84
CA VAL B 31 5.45 18.59 84.65
C VAL B 31 4.89 19.97 84.99
N GLU B 32 5.76 20.94 85.22
CA GLU B 32 5.31 22.32 85.37
C GLU B 32 4.64 22.81 84.10
N GLY B 33 5.31 22.65 82.96
CA GLY B 33 4.81 23.16 81.69
C GLY B 33 3.46 22.58 81.33
N ILE B 34 3.15 21.41 81.87
CA ILE B 34 1.86 20.78 81.65
C ILE B 34 0.82 21.19 82.70
N LEU B 35 1.16 21.06 83.98
CA LEU B 35 0.22 21.28 85.07
C LEU B 35 0.32 22.67 85.70
N LYS B 36 1.30 23.48 85.32
CA LYS B 36 1.50 24.82 85.86
C LYS B 36 1.68 24.80 87.39
N ARG B 37 2.78 24.18 87.80
CA ARG B 37 3.12 24.06 89.22
C ARG B 37 4.57 24.47 89.45
N PRO B 38 4.88 25.02 90.62
CA PRO B 38 6.27 25.46 90.89
C PRO B 38 7.24 24.29 90.85
N PRO B 39 8.46 24.52 90.34
CA PRO B 39 9.45 23.42 90.29
C PRO B 39 9.77 22.82 91.65
N ASP B 40 9.88 23.67 92.68
CA ASP B 40 10.23 23.17 94.01
C ASP B 40 9.05 22.51 94.68
N GLU B 41 7.83 22.92 94.33
CA GLU B 41 6.63 22.36 94.95
C GLU B 41 6.49 20.88 94.62
N GLN B 42 6.86 20.48 93.41
CA GLN B 42 6.66 19.12 92.92
C GLN B 42 8.00 18.39 92.83
N ARG B 43 8.05 17.20 93.42
CA ARG B 43 9.22 16.33 93.31
C ARG B 43 8.72 14.89 93.22
N LEU B 44 9.66 13.94 93.24
CA LEU B 44 9.35 12.54 92.96
C LEU B 44 9.22 11.72 94.23
N TYR B 45 8.34 10.71 94.14
CA TYR B 45 8.21 9.66 95.14
C TYR B 45 8.44 8.33 94.41
N LYS B 46 9.48 8.31 93.59
CA LYS B 46 9.76 7.20 92.67
C LYS B 46 9.96 5.93 93.49
N ASP B 47 9.08 4.95 93.28
CA ASP B 47 9.24 3.58 93.76
C ASP B 47 9.68 3.52 95.22
N ASP B 48 8.89 4.16 96.10
CA ASP B 48 9.07 4.17 97.54
C ASP B 48 10.37 4.84 97.97
N GLN B 49 10.91 5.75 97.18
CA GLN B 49 12.10 6.50 97.58
C GLN B 49 12.08 7.86 96.89
N LEU B 50 12.79 8.82 97.47
CA LEU B 50 12.79 10.19 96.89
C LEU B 50 14.05 10.36 96.02
N LEU B 51 13.88 10.23 94.70
CA LEU B 51 15.04 10.30 93.76
C LEU B 51 15.85 11.58 94.00
N ASP B 52 17.14 11.55 93.65
CA ASP B 52 18.02 12.74 93.83
C ASP B 52 17.84 13.69 92.64
N ASP B 53 18.67 14.73 92.57
CA ASP B 53 18.59 15.70 91.44
C ASP B 53 19.95 15.80 90.77
N GLY B 54 20.00 16.27 89.52
CA GLY B 54 21.28 16.43 88.81
C GLY B 54 21.71 15.15 88.11
N LYS B 55 21.35 14.00 88.68
CA LYS B 55 21.70 12.73 88.05
C LYS B 55 20.71 12.38 86.96
N THR B 56 21.23 11.89 85.84
CA THR B 56 20.39 11.54 84.72
C THR B 56 19.57 10.29 85.03
N LEU B 57 18.50 10.09 84.25
CA LEU B 57 17.60 8.96 84.49
C LEU B 57 18.34 7.63 84.37
N GLY B 58 19.45 7.61 83.63
CA GLY B 58 20.26 6.40 83.57
C GLY B 58 20.82 6.00 84.92
N GLU B 59 21.30 6.98 85.69
CA GLU B 59 21.88 6.67 87.00
C GLU B 59 20.80 6.42 88.05
N CYS B 60 19.56 6.88 87.81
CA CYS B 60 18.49 6.60 88.77
C CYS B 60 18.13 5.12 88.79
N GLY B 61 18.23 4.44 87.67
CA GLY B 61 17.99 3.01 87.64
C GLY B 61 17.22 2.47 86.45
N PHE B 62 16.34 3.29 85.86
CA PHE B 62 15.57 2.82 84.72
C PHE B 62 16.46 2.57 83.52
N THR B 63 16.35 1.37 82.96
CA THR B 63 17.09 0.99 81.76
C THR B 63 16.18 1.04 80.55
N SER B 64 16.77 1.43 79.41
CA SER B 64 15.99 1.61 78.19
C SER B 64 15.37 0.29 77.71
N GLN B 65 16.15 -0.80 77.76
CA GLN B 65 15.69 -2.04 77.17
C GLN B 65 14.51 -2.66 77.90
N THR B 66 14.29 -2.28 79.16
CA THR B 66 13.16 -2.77 79.93
C THR B 66 12.03 -1.74 80.04
N ALA B 67 12.15 -0.63 79.32
CA ALA B 67 11.14 0.43 79.32
C ALA B 67 10.81 0.79 77.86
N ARG B 68 9.84 0.08 77.31
CA ARG B 68 9.41 0.22 75.93
C ARG B 68 7.94 0.60 75.87
N PRO B 69 7.47 1.13 74.73
CA PRO B 69 6.08 1.58 74.66
C PRO B 69 5.06 0.50 74.96
N GLN B 70 5.37 -0.77 74.69
CA GLN B 70 4.45 -1.85 75.03
C GLN B 70 4.26 -1.98 76.54
N ALA B 71 5.30 -1.70 77.33
CA ALA B 71 5.22 -1.78 78.79
C ALA B 71 5.98 -0.63 79.42
N PRO B 72 5.39 0.57 79.44
CA PRO B 72 6.02 1.68 80.17
C PRO B 72 6.01 1.45 81.66
N ALA B 73 6.90 2.17 82.36
CA ALA B 73 7.07 2.02 83.80
C ALA B 73 6.41 3.18 84.53
N THR B 74 5.90 2.90 85.72
CA THR B 74 5.23 3.93 86.51
C THR B 74 6.23 4.79 87.26
N VAL B 75 5.97 6.10 87.30
CA VAL B 75 6.82 7.04 88.02
C VAL B 75 5.95 7.91 88.92
N GLY B 76 5.90 7.58 90.21
CA GLY B 76 5.09 8.33 91.15
C GLY B 76 5.56 9.76 91.36
N LEU B 77 4.66 10.72 91.10
CA LEU B 77 4.95 12.15 91.27
C LEU B 77 3.82 12.78 92.11
N ALA B 78 3.48 12.11 93.22
CA ALA B 78 2.41 12.62 94.10
C ALA B 78 3.03 13.52 95.18
N PHE B 79 3.66 14.62 94.77
CA PHE B 79 4.30 15.55 95.75
C PHE B 79 3.59 16.91 95.67
N ARG B 80 2.35 16.94 95.20
CA ARG B 80 1.59 18.21 95.07
C ARG B 80 1.48 18.88 96.44
N ALA B 81 1.26 18.08 97.49
CA ALA B 81 1.08 18.64 98.86
C ALA B 81 2.24 19.59 99.17
N ASP B 82 1.92 20.80 99.62
CA ASP B 82 2.98 21.80 99.97
C ASP B 82 4.02 21.82 98.86
N ASP B 83 5.30 21.77 99.21
CA ASP B 83 6.37 21.71 98.17
C ASP B 83 6.98 20.29 98.19
N THR B 84 6.34 19.36 98.90
CA THR B 84 6.84 17.97 98.98
C THR B 84 5.73 17.04 99.49
N GLU B 91 -5.72 4.85 92.57
CA GLU B 91 -6.27 3.51 92.72
C GLU B 91 -5.85 2.64 91.55
N PRO B 92 -6.02 1.33 91.62
CA PRO B 92 -5.91 0.51 90.41
C PRO B 92 -6.93 0.94 89.38
N PHE B 93 -6.54 0.81 88.10
CA PHE B 93 -7.34 1.38 87.02
C PHE B 93 -8.76 0.86 87.05
N SER B 94 -8.93 -0.47 87.03
CA SER B 94 -10.24 -1.11 87.10
C SER B 94 -10.09 -2.62 87.18
N SER B 95 -11.08 -3.31 87.74
CA SER B 95 -11.08 -4.76 87.77
C SER B 95 -11.74 -5.30 86.52
N PRO B 96 -11.04 -6.05 85.68
CA PRO B 96 -11.67 -6.61 84.47
C PRO B 96 -12.79 -7.55 84.83
N PRO B 97 -13.89 -7.55 84.06
CA PRO B 97 -15.04 -8.42 84.30
C PRO B 97 -14.90 -9.78 83.63
N MET C 3 -0.87 22.29 72.33
CA MET C 3 -0.78 21.09 71.50
C MET C 3 -1.07 19.83 72.31
N TYR C 4 -1.97 19.95 73.29
CA TYR C 4 -2.30 18.85 74.18
C TYR C 4 -3.81 18.74 74.30
N VAL C 5 -4.31 17.50 74.38
CA VAL C 5 -5.73 17.22 74.38
C VAL C 5 -6.04 16.26 75.52
N LYS C 6 -7.14 16.50 76.22
CA LYS C 6 -7.58 15.65 77.32
C LYS C 6 -8.56 14.60 76.83
N LEU C 7 -8.68 13.52 77.61
CA LEU C 7 -9.57 12.40 77.29
C LEU C 7 -10.16 11.88 78.61
N ILE C 8 -11.43 12.19 78.85
CA ILE C 8 -12.09 11.74 80.07
C ILE C 8 -12.86 10.45 79.79
N SER C 9 -12.70 9.48 80.69
CA SER C 9 -13.40 8.17 80.55
C SER C 9 -14.68 8.17 81.38
N SER C 10 -15.56 7.18 81.16
CA SER C 10 -16.83 7.09 81.92
C SER C 10 -16.54 6.81 83.40
N ASP C 11 -15.50 6.03 83.68
CA ASP C 11 -15.14 5.68 85.08
C ASP C 11 -14.77 6.96 85.83
N GLY C 12 -13.92 7.81 85.24
CA GLY C 12 -13.50 9.07 85.90
C GLY C 12 -12.04 9.38 85.64
N HIS C 13 -11.18 8.35 85.61
CA HIS C 13 -9.74 8.56 85.34
C HIS C 13 -9.58 9.45 84.10
N GLU C 14 -8.72 10.46 84.19
CA GLU C 14 -8.49 11.37 83.04
C GLU C 14 -7.11 11.10 82.43
N PHE C 15 -7.00 11.13 81.11
CA PHE C 15 -5.70 10.87 80.42
C PHE C 15 -5.34 12.08 79.56
N ILE C 16 -4.05 12.27 79.29
CA ILE C 16 -3.59 13.40 78.48
C ILE C 16 -2.47 12.91 77.55
N VAL C 17 -2.59 13.23 76.28
CA VAL C 17 -1.64 12.83 75.25
C VAL C 17 -1.52 13.98 74.24
N LYS C 18 -0.46 13.94 73.44
CA LYS C 18 -0.20 14.98 72.45
C LYS C 18 -1.32 15.03 71.40
N ARG C 19 -1.51 16.21 70.83
CA ARG C 19 -2.52 16.38 69.79
C ARG C 19 -2.24 15.53 68.57
N GLU C 20 -1.03 15.61 68.03
CA GLU C 20 -0.65 14.88 66.83
C GLU C 20 -0.68 13.38 67.05
N HIS C 21 -0.51 12.92 68.29
CA HIS C 21 -0.55 11.51 68.62
C HIS C 21 -1.95 10.97 68.77
N ALA C 22 -2.98 11.81 68.66
CA ALA C 22 -4.36 11.42 68.88
C ALA C 22 -5.23 11.85 67.70
N LEU C 23 -4.65 11.92 66.50
CA LEU C 23 -5.41 12.19 65.28
C LEU C 23 -5.41 11.00 64.33
N THR C 24 -4.98 9.84 64.81
CA THR C 24 -5.02 8.63 63.99
C THR C 24 -6.43 8.06 63.88
N SER C 25 -7.34 8.48 64.75
CA SER C 25 -8.72 8.01 64.75
C SER C 25 -9.62 9.10 64.16
N GLY C 26 -10.43 8.72 63.17
CA GLY C 26 -11.29 9.69 62.52
C GLY C 26 -12.34 10.29 63.45
N THR C 27 -12.89 9.46 64.34
CA THR C 27 -13.94 9.93 65.23
C THR C 27 -13.44 11.02 66.18
N ILE C 28 -12.23 10.85 66.73
CA ILE C 28 -11.65 11.87 67.59
C ILE C 28 -11.33 13.15 66.84
N LYS C 29 -11.08 13.08 65.54
CA LYS C 29 -10.97 14.26 64.70
C LYS C 29 -12.32 14.93 64.44
N ALA C 30 -13.36 14.13 64.21
CA ALA C 30 -14.68 14.69 63.98
C ALA C 30 -15.21 15.40 65.23
N MET C 31 -14.96 14.83 66.40
CA MET C 31 -15.45 15.46 67.64
C MET C 31 -14.77 16.79 67.93
N LEU C 32 -13.64 17.07 67.28
CA LEU C 32 -12.92 18.33 67.51
C LEU C 32 -13.17 19.35 66.40
N SER C 33 -14.04 19.05 65.44
CA SER C 33 -14.29 19.94 64.31
C SER C 33 -15.78 20.28 64.27
N GLY C 34 -16.09 21.56 64.41
CA GLY C 34 -17.45 22.02 64.33
C GLY C 34 -17.74 23.06 65.40
N PRO C 35 -18.92 22.98 66.01
CA PRO C 35 -19.21 23.81 67.18
C PRO C 35 -18.50 23.28 68.41
N GLY C 36 -17.75 22.19 68.22
CA GLY C 36 -16.99 21.58 69.29
C GLY C 36 -15.52 21.94 69.26
N GLN C 37 -15.22 23.18 68.90
CA GLN C 37 -13.84 23.66 68.99
C GLN C 37 -13.38 23.82 70.42
N PHE C 38 -14.30 23.90 71.37
CA PHE C 38 -14.01 23.75 72.80
C PHE C 38 -13.11 24.86 73.31
N ALA C 39 -13.21 26.02 72.67
CA ALA C 39 -12.43 27.19 73.07
C ALA C 39 -13.29 28.24 73.74
N ASN C 44 -8.42 21.32 75.26
CA ASN C 44 -9.66 20.64 74.86
C ASN C 44 -9.86 19.36 75.65
N GLU C 45 -11.11 19.03 75.94
CA GLU C 45 -11.47 17.88 76.75
C GLU C 45 -12.65 17.16 76.12
N VAL C 46 -12.45 15.90 75.73
CA VAL C 46 -13.45 15.11 75.03
C VAL C 46 -14.04 14.13 76.03
N ASN C 47 -15.36 14.14 76.19
CA ASN C 47 -15.98 13.28 77.23
C ASN C 47 -16.56 12.01 76.60
N PHE C 48 -15.99 10.84 76.94
CA PHE C 48 -16.56 9.55 76.45
C PHE C 48 -17.56 9.06 77.50
N ARG C 49 -18.73 8.58 77.07
CA ARG C 49 -19.79 8.22 78.06
C ARG C 49 -19.90 6.70 78.24
N GLU C 50 -19.26 5.90 77.37
CA GLU C 50 -19.45 4.42 77.46
C GLU C 50 -18.13 3.69 77.21
N ILE C 51 -17.05 4.07 77.91
CA ILE C 51 -15.79 3.34 77.75
C ILE C 51 -15.16 3.20 79.13
N PRO C 52 -14.80 1.99 79.57
CA PRO C 52 -14.09 1.84 80.85
C PRO C 52 -12.67 2.37 80.76
N SER C 53 -11.94 2.17 81.87
CA SER C 53 -10.61 2.77 81.99
C SER C 53 -9.53 1.83 81.43
N HIS C 54 -9.63 0.54 81.72
CA HIS C 54 -8.58 -0.40 81.33
C HIS C 54 -8.42 -0.44 79.82
N VAL C 55 -9.55 -0.45 79.08
CA VAL C 55 -9.48 -0.42 77.63
C VAL C 55 -8.82 0.86 77.15
N LEU C 56 -9.27 2.00 77.68
CA LEU C 56 -8.72 3.30 77.28
C LEU C 56 -7.23 3.41 77.56
N SER C 57 -6.71 2.72 78.56
CA SER C 57 -5.27 2.73 78.78
C SER C 57 -4.53 2.19 77.56
N LYS C 58 -4.90 0.99 77.11
CA LYS C 58 -4.21 0.39 75.98
C LYS C 58 -4.52 1.12 74.68
N VAL C 59 -5.70 1.73 74.57
CA VAL C 59 -5.97 2.57 73.40
C VAL C 59 -4.97 3.70 73.32
N CYS C 60 -4.68 4.36 74.44
CA CYS C 60 -3.65 5.39 74.45
C CYS C 60 -2.27 4.82 74.16
N MET C 61 -1.95 3.66 74.75
CA MET C 61 -0.64 3.07 74.50
C MET C 61 -0.42 2.71 73.03
N TYR C 62 -1.48 2.38 72.30
CA TYR C 62 -1.31 1.93 70.91
C TYR C 62 -0.76 3.02 70.02
N PHE C 63 -1.07 4.29 70.32
CA PHE C 63 -0.69 5.38 69.43
C PHE C 63 0.82 5.53 69.32
N THR C 64 1.53 5.49 70.45
CA THR C 64 2.98 5.61 70.42
C THR C 64 3.62 4.44 69.69
N TYR C 65 3.11 3.23 69.92
CA TYR C 65 3.61 2.06 69.22
C TYR C 65 3.43 2.21 67.71
N LYS C 66 2.29 2.73 67.28
CA LYS C 66 2.07 2.91 65.85
C LYS C 66 2.97 3.98 65.26
N VAL C 67 3.09 5.12 65.94
CA VAL C 67 3.82 6.25 65.34
C VAL C 67 5.32 5.97 65.32
N ARG C 68 5.86 5.35 66.37
CA ARG C 68 7.31 5.22 66.47
C ARG C 68 7.85 4.19 65.50
N TYR C 69 7.29 2.99 65.47
CA TYR C 69 7.89 1.90 64.65
C TYR C 69 7.28 1.86 63.24
N THR C 70 7.04 3.02 62.63
CA THR C 70 6.53 3.02 61.24
C THR C 70 7.70 3.24 60.28
N ASN C 71 7.61 2.71 59.04
CA ASN C 71 8.67 2.91 58.02
C ASN C 71 10.06 2.71 58.65
N SER C 72 10.23 1.63 59.42
CA SER C 72 11.55 1.34 60.05
C SER C 72 12.02 -0.05 59.63
N SER C 73 13.26 -0.16 59.15
CA SER C 73 13.79 -1.46 58.67
C SER C 73 13.81 -2.47 59.81
N THR C 74 14.10 -2.00 61.04
CA THR C 74 14.20 -2.93 62.20
C THR C 74 12.95 -3.80 62.28
N GLU C 75 13.12 -5.12 62.43
CA GLU C 75 11.96 -6.02 62.60
C GLU C 75 11.12 -5.51 63.77
N ILE C 76 9.79 -5.46 63.61
CA ILE C 76 8.91 -4.89 64.68
C ILE C 76 8.52 -6.01 65.64
N PRO C 77 8.42 -5.75 66.97
CA PRO C 77 7.98 -6.76 67.93
C PRO C 77 6.46 -7.02 67.86
N GLU C 78 5.90 -7.67 68.87
CA GLU C 78 4.48 -8.01 68.86
C GLU C 78 3.77 -7.33 70.03
N PHE C 79 2.56 -6.84 69.78
CA PHE C 79 1.75 -6.24 70.82
C PHE C 79 1.21 -7.31 71.76
N PRO C 80 1.42 -7.15 73.07
CA PRO C 80 0.85 -8.10 74.03
C PRO C 80 -0.59 -7.75 74.39
N ILE C 81 -1.51 -8.67 74.14
CA ILE C 81 -2.93 -8.46 74.44
C ILE C 81 -3.39 -9.61 75.33
N ALA C 82 -3.96 -9.28 76.48
CA ALA C 82 -4.45 -10.30 77.39
C ALA C 82 -5.72 -10.94 76.84
N PRO C 83 -5.85 -12.26 76.98
CA PRO C 83 -7.05 -12.94 76.46
C PRO C 83 -8.35 -12.46 77.10
N GLU C 84 -8.31 -12.06 78.37
CA GLU C 84 -9.54 -11.78 79.10
C GLU C 84 -10.29 -10.59 78.51
N ILE C 85 -9.55 -9.53 78.12
CA ILE C 85 -10.19 -8.28 77.71
C ILE C 85 -10.34 -8.17 76.20
N ALA C 86 -9.99 -9.20 75.43
CA ALA C 86 -9.78 -9.05 74.00
C ALA C 86 -11.02 -8.50 73.28
N LEU C 87 -12.22 -8.91 73.73
CA LEU C 87 -13.43 -8.50 73.03
C LEU C 87 -13.63 -6.98 73.12
N GLU C 88 -13.36 -6.40 74.29
CA GLU C 88 -13.69 -4.99 74.50
C GLU C 88 -12.84 -4.08 73.63
N LEU C 89 -11.58 -4.43 73.39
CA LEU C 89 -10.79 -3.64 72.45
C LEU C 89 -11.41 -3.69 71.05
N LEU C 90 -12.00 -4.82 70.68
CA LEU C 90 -12.66 -4.90 69.37
C LEU C 90 -13.87 -3.99 69.31
N MET C 91 -14.76 -4.10 70.30
CA MET C 91 -15.94 -3.23 70.21
C MET C 91 -15.61 -1.76 70.48
N ALA C 92 -14.44 -1.45 71.02
CA ALA C 92 -14.00 -0.06 71.13
C ALA C 92 -13.32 0.46 69.88
N ALA C 93 -12.51 -0.36 69.20
CA ALA C 93 -11.91 0.05 67.95
C ALA C 93 -12.95 0.19 66.85
N ASN C 94 -14.05 -0.57 66.95
CA ASN C 94 -15.16 -0.34 66.03
C ASN C 94 -15.71 1.07 66.19
N PHE C 95 -15.88 1.53 67.43
CA PHE C 95 -16.39 2.87 67.67
C PHE C 95 -15.39 3.94 67.26
N LEU C 96 -14.13 3.78 67.65
CA LEU C 96 -13.12 4.80 67.43
C LEU C 96 -12.55 4.78 66.01
N ASP C 97 -12.75 3.69 65.27
CA ASP C 97 -12.19 3.55 63.92
C ASP C 97 -10.69 3.79 63.93
N CYS C 98 -9.96 2.93 64.65
CA CYS C 98 -8.52 3.08 64.76
C CYS C 98 -7.79 2.18 63.77
N ASN D 116 -34.49 -64.20 16.41
CA ASN D 116 -35.92 -63.92 16.38
C ASN D 116 -36.23 -62.54 16.97
N VAL D 117 -37.36 -61.96 16.57
CA VAL D 117 -37.72 -60.63 17.03
C VAL D 117 -37.94 -60.62 18.54
N ASN D 118 -38.30 -61.77 19.11
CA ASN D 118 -38.37 -61.88 20.57
C ASN D 118 -36.98 -61.94 21.19
N HIS D 119 -36.06 -62.65 20.54
CA HIS D 119 -34.69 -62.77 21.02
C HIS D 119 -33.79 -61.77 20.27
N THR D 120 -33.94 -60.50 20.63
CA THR D 120 -33.17 -59.44 20.01
C THR D 120 -33.02 -58.29 20.99
N THR D 121 -32.40 -57.21 20.52
CA THR D 121 -32.18 -56.04 21.36
C THR D 121 -33.50 -55.32 21.62
N VAL D 122 -33.45 -54.37 22.56
CA VAL D 122 -34.68 -53.74 23.06
C VAL D 122 -35.29 -52.82 22.02
N THR D 123 -34.46 -52.05 21.32
CA THR D 123 -34.94 -50.90 20.53
C THR D 123 -35.45 -51.35 19.16
N ASN D 124 -36.53 -52.14 19.20
CA ASN D 124 -37.33 -52.46 18.01
C ASN D 124 -36.48 -52.99 16.86
N SER D 125 -35.56 -53.91 17.20
CA SER D 125 -34.71 -54.53 16.21
C SER D 125 -35.28 -55.89 15.82
N THR D 126 -34.80 -56.41 14.69
CA THR D 126 -35.19 -57.73 14.21
C THR D 126 -33.97 -58.44 13.66
N PRO D 127 -33.72 -59.69 14.07
CA PRO D 127 -32.58 -60.43 13.53
C PRO D 127 -32.68 -60.69 12.04
N LEU D 128 -33.84 -60.55 11.42
CA LEU D 128 -33.92 -60.58 9.96
C LEU D 128 -33.12 -59.42 9.37
N ARG D 129 -33.32 -58.21 9.89
CA ARG D 129 -32.54 -57.06 9.44
C ARG D 129 -31.06 -57.23 9.76
N ALA D 130 -30.75 -57.76 10.94
CA ALA D 130 -29.35 -57.99 11.31
C ALA D 130 -28.69 -58.98 10.37
N ALA D 131 -29.40 -60.02 9.96
CA ALA D 131 -28.89 -60.94 8.96
C ALA D 131 -28.71 -60.25 7.61
N CYS D 132 -29.63 -59.35 7.27
CA CYS D 132 -29.51 -58.60 6.01
C CYS D 132 -28.21 -57.83 5.95
N PHE D 133 -27.62 -57.49 7.11
CA PHE D 133 -26.28 -56.94 7.11
C PHE D 133 -25.27 -57.93 6.54
N ASP D 134 -25.38 -59.20 6.92
CA ASP D 134 -24.50 -60.23 6.37
C ASP D 134 -24.82 -60.50 4.91
N GLY D 135 -26.10 -60.54 4.55
CA GLY D 135 -26.50 -60.76 3.19
C GLY D 135 -26.34 -62.17 2.67
N ARG D 136 -26.28 -63.18 3.55
CA ARG D 136 -26.13 -64.55 3.10
C ARG D 136 -27.38 -65.02 2.38
N LEU D 137 -27.20 -65.98 1.46
CA LEU D 137 -28.33 -66.56 0.76
C LEU D 137 -29.22 -67.40 1.67
N ASP D 138 -28.71 -67.82 2.83
CA ASP D 138 -29.52 -68.58 3.77
C ASP D 138 -30.74 -67.76 4.21
N ILE D 139 -30.59 -66.44 4.26
CA ILE D 139 -31.72 -65.58 4.61
C ILE D 139 -32.84 -65.74 3.59
N VAL D 140 -32.51 -65.67 2.31
CA VAL D 140 -33.52 -65.86 1.26
C VAL D 140 -34.06 -67.29 1.32
N LYS D 141 -33.21 -68.25 1.65
CA LYS D 141 -33.66 -69.65 1.69
C LYS D 141 -34.70 -69.88 2.78
N TYR D 142 -34.50 -69.30 3.96
CA TYR D 142 -35.31 -69.68 5.12
C TYR D 142 -36.22 -68.53 5.52
N LEU D 143 -35.71 -67.34 5.83
CA LEU D 143 -36.53 -66.35 6.51
C LEU D 143 -37.26 -65.46 5.52
N VAL D 144 -36.56 -64.94 4.51
CA VAL D 144 -37.20 -64.08 3.52
C VAL D 144 -38.27 -64.84 2.75
N GLU D 145 -38.00 -66.10 2.42
CA GLU D 145 -38.99 -66.93 1.76
C GLU D 145 -40.21 -67.13 2.65
N ASN D 146 -39.99 -67.36 3.94
CA ASN D 146 -41.08 -67.53 4.91
C ASN D 146 -41.56 -66.16 5.37
N ASN D 147 -42.36 -66.15 6.44
CA ASN D 147 -42.86 -64.89 6.98
C ASN D 147 -41.71 -64.02 7.48
N ALA D 148 -41.86 -62.71 7.30
CA ALA D 148 -40.83 -61.75 7.64
C ALA D 148 -41.36 -60.74 8.65
N ASN D 149 -40.45 -59.99 9.26
CA ASN D 149 -40.81 -58.94 10.19
C ASN D 149 -41.65 -57.88 9.48
N ILE D 150 -42.82 -57.58 10.05
CA ILE D 150 -43.79 -56.74 9.33
C ILE D 150 -43.32 -55.29 9.28
N SER D 151 -42.96 -54.72 10.43
CA SER D 151 -42.60 -53.31 10.48
C SER D 151 -41.81 -53.02 11.75
N ILE D 152 -40.89 -52.06 11.65
CA ILE D 152 -40.10 -51.57 12.77
C ILE D 152 -39.91 -50.07 12.61
N ALA D 153 -39.45 -49.43 13.68
CA ALA D 153 -39.21 -48.00 13.68
C ALA D 153 -38.11 -47.68 14.69
N ASN D 154 -37.50 -46.51 14.52
CA ASN D 154 -36.42 -46.06 15.38
C ASN D 154 -36.55 -44.54 15.59
N LYS D 155 -35.47 -43.94 16.12
CA LYS D 155 -35.46 -42.52 16.42
C LYS D 155 -35.76 -41.67 15.19
N TYR D 156 -35.02 -41.89 14.11
CA TYR D 156 -35.29 -41.22 12.84
C TYR D 156 -36.25 -42.01 11.95
N ASP D 157 -37.02 -42.91 12.54
CA ASP D 157 -38.11 -43.61 11.87
C ASP D 157 -37.61 -44.44 10.68
N ASN D 158 -36.73 -45.39 10.97
CA ASN D 158 -36.29 -46.32 9.94
C ASN D 158 -37.38 -47.35 9.66
N THR D 159 -37.52 -47.71 8.39
CA THR D 159 -38.37 -48.82 7.98
C THR D 159 -37.55 -49.74 7.10
N CYS D 160 -38.10 -50.92 6.81
CA CYS D 160 -37.37 -51.93 6.05
C CYS D 160 -37.02 -51.43 4.66
N LEU D 161 -37.93 -50.69 4.03
CA LEU D 161 -37.70 -50.22 2.67
C LEU D 161 -36.54 -49.24 2.62
N MET D 162 -36.25 -48.54 3.72
CA MET D 162 -35.10 -47.66 3.75
C MET D 162 -33.81 -48.44 3.90
N ILE D 163 -33.71 -49.29 4.93
CA ILE D 163 -32.48 -50.02 5.18
C ILE D 163 -32.14 -50.93 4.01
N ALA D 164 -33.15 -51.42 3.28
CA ALA D 164 -32.86 -52.20 2.08
C ALA D 164 -32.12 -51.37 1.04
N ALA D 165 -32.58 -50.15 0.80
CA ALA D 165 -31.90 -49.29 -0.16
C ALA D 165 -30.52 -48.88 0.35
N TYR D 166 -30.40 -48.62 1.65
CA TYR D 166 -29.12 -48.23 2.22
C TYR D 166 -28.09 -49.34 2.10
N LYS D 167 -28.52 -50.59 2.29
CA LYS D 167 -27.63 -51.73 2.08
C LYS D 167 -27.19 -51.77 0.62
N GLY D 168 -25.87 -51.79 0.40
CA GLY D 168 -25.36 -51.84 -0.96
C GLY D 168 -25.75 -53.11 -1.69
N HIS D 169 -26.09 -54.16 -0.93
CA HIS D 169 -26.56 -55.39 -1.53
C HIS D 169 -28.00 -55.22 -2.00
N THR D 170 -28.25 -55.59 -3.26
CA THR D 170 -29.53 -55.31 -3.90
C THR D 170 -30.31 -56.54 -4.34
N ASP D 171 -29.73 -57.74 -4.26
CA ASP D 171 -30.50 -58.94 -4.60
C ASP D 171 -31.64 -59.15 -3.62
N VAL D 172 -31.38 -58.90 -2.33
CA VAL D 172 -32.45 -59.01 -1.31
C VAL D 172 -33.43 -57.84 -1.53
N VAL D 173 -32.89 -56.66 -1.86
CA VAL D 173 -33.75 -55.47 -2.10
C VAL D 173 -34.62 -55.73 -3.33
N ARG D 174 -34.01 -56.21 -4.42
CA ARG D 174 -34.79 -56.57 -5.62
C ARG D 174 -35.79 -57.66 -5.23
N TYR D 175 -35.31 -58.68 -4.51
CA TYR D 175 -36.22 -59.78 -4.07
C TYR D 175 -37.38 -59.16 -3.28
N LEU D 176 -37.08 -58.13 -2.49
CA LEU D 176 -38.14 -57.44 -1.70
C LEU D 176 -39.21 -56.91 -2.64
N LEU D 177 -38.79 -56.21 -3.71
CA LEU D 177 -39.76 -55.74 -4.73
C LEU D 177 -40.44 -56.97 -5.35
N GLU D 178 -39.66 -58.01 -5.64
CA GLU D 178 -40.25 -59.27 -6.19
C GLU D 178 -41.32 -59.78 -5.22
N GLN D 179 -41.20 -59.40 -3.94
CA GLN D 179 -42.22 -59.79 -2.94
C GLN D 179 -43.25 -58.66 -2.82
N ARG D 180 -43.48 -57.93 -3.92
CA ARG D 180 -44.45 -56.80 -3.91
C ARG D 180 -44.07 -55.84 -2.78
N ALA D 181 -42.78 -55.47 -2.70
CA ALA D 181 -42.34 -54.51 -1.66
C ALA D 181 -43.22 -53.27 -1.73
N ASP D 182 -43.71 -52.78 -0.57
CA ASP D 182 -44.51 -51.54 -0.56
C ASP D 182 -43.65 -50.40 -1.13
N PRO D 183 -44.16 -49.59 -2.07
CA PRO D 183 -43.37 -48.53 -2.70
C PRO D 183 -43.37 -47.24 -1.87
N ASN D 184 -44.05 -47.25 -0.71
CA ASN D 184 -44.16 -46.01 0.09
C ASN D 184 -43.63 -46.24 1.50
N ALA D 185 -43.01 -45.22 2.11
CA ALA D 185 -42.53 -45.33 3.47
C ALA D 185 -42.17 -43.92 3.94
N LYS D 186 -41.88 -43.80 5.24
CA LYS D 186 -41.58 -42.49 5.82
C LYS D 186 -40.43 -42.62 6.81
N ALA D 187 -39.88 -41.46 7.16
CA ALA D 187 -38.80 -41.36 8.13
C ALA D 187 -39.08 -40.13 8.99
N HIS D 188 -38.08 -39.67 9.73
CA HIS D 188 -38.24 -38.45 10.52
C HIS D 188 -38.56 -37.26 9.62
N CYS D 189 -37.90 -37.17 8.47
CA CYS D 189 -38.24 -36.23 7.43
C CYS D 189 -39.00 -36.96 6.33
N GLY D 190 -39.51 -36.20 5.35
CA GLY D 190 -40.26 -36.80 4.27
C GLY D 190 -39.39 -37.42 3.19
N ALA D 191 -38.77 -38.56 3.49
CA ALA D 191 -37.85 -39.22 2.59
C ALA D 191 -38.25 -40.68 2.41
N THR D 192 -38.47 -41.09 1.15
CA THR D 192 -38.59 -42.52 0.85
C THR D 192 -37.90 -42.79 -0.50
N ALA D 193 -36.59 -43.07 -0.41
CA ALA D 193 -35.77 -43.68 -1.44
C ALA D 193 -35.46 -42.77 -2.63
N LEU D 194 -36.17 -41.65 -2.77
CA LEU D 194 -35.76 -40.63 -3.75
C LEU D 194 -34.97 -39.52 -3.07
N HIS D 195 -35.28 -39.23 -1.82
CA HIS D 195 -34.40 -38.45 -0.96
C HIS D 195 -33.33 -39.32 -0.31
N PHE D 196 -33.36 -40.63 -0.53
CA PHE D 196 -32.51 -41.56 0.18
C PHE D 196 -31.56 -42.35 -0.72
N ALA D 197 -32.00 -42.72 -1.93
CA ALA D 197 -31.10 -43.27 -2.94
C ALA D 197 -30.31 -42.18 -3.66
N ALA D 198 -30.65 -40.91 -3.42
CA ALA D 198 -29.94 -39.81 -4.09
C ALA D 198 -28.50 -39.72 -3.62
N GLU D 199 -28.30 -39.53 -2.32
CA GLU D 199 -26.95 -39.47 -1.75
C GLU D 199 -26.28 -40.84 -1.68
N ALA D 200 -27.06 -41.93 -1.73
CA ALA D 200 -26.47 -43.26 -1.69
C ALA D 200 -25.59 -43.50 -2.91
N GLY D 201 -26.00 -43.02 -4.07
CA GLY D 201 -25.23 -43.19 -5.28
C GLY D 201 -25.35 -44.55 -5.93
N HIS D 202 -26.18 -45.43 -5.39
CA HIS D 202 -26.41 -46.73 -6.01
C HIS D 202 -27.38 -46.58 -7.16
N ILE D 203 -26.85 -46.31 -8.36
CA ILE D 203 -27.68 -45.97 -9.51
C ILE D 203 -28.60 -47.14 -9.87
N ASP D 204 -28.17 -48.35 -9.58
CA ASP D 204 -28.94 -49.53 -9.96
C ASP D 204 -30.29 -49.57 -9.25
N ILE D 205 -30.33 -49.28 -7.96
CA ILE D 205 -31.61 -49.32 -7.25
C ILE D 205 -32.45 -48.10 -7.57
N VAL D 206 -31.80 -47.00 -7.97
CA VAL D 206 -32.56 -45.86 -8.48
C VAL D 206 -33.31 -46.27 -9.73
N LYS D 207 -32.62 -46.96 -10.64
CA LYS D 207 -33.29 -47.49 -11.83
C LYS D 207 -34.36 -48.51 -11.45
N GLU D 208 -34.11 -49.31 -10.41
CA GLU D 208 -35.09 -50.28 -9.94
C GLU D 208 -36.37 -49.60 -9.48
N LEU D 209 -36.24 -48.52 -8.71
CA LEU D 209 -37.42 -47.83 -8.21
C LEU D 209 -38.13 -47.07 -9.33
N ILE D 210 -37.37 -46.54 -10.30
CA ILE D 210 -38.00 -45.96 -11.48
C ILE D 210 -38.75 -47.03 -12.26
N LYS D 211 -38.26 -48.28 -12.22
CA LYS D 211 -38.90 -49.36 -12.96
C LYS D 211 -40.34 -49.58 -12.54
N TRP D 212 -40.64 -49.33 -11.26
CA TRP D 212 -42.00 -49.49 -10.75
C TRP D 212 -42.82 -48.22 -10.88
N ARG D 213 -42.29 -47.20 -11.55
CA ARG D 213 -43.04 -45.98 -11.86
C ARG D 213 -43.54 -45.29 -10.59
N ALA D 214 -42.70 -45.29 -9.56
CA ALA D 214 -43.02 -44.62 -8.31
C ALA D 214 -42.85 -43.12 -8.45
N ALA D 215 -43.53 -42.36 -7.58
CA ALA D 215 -43.50 -40.91 -7.62
C ALA D 215 -43.09 -40.39 -6.25
N ILE D 216 -43.04 -39.06 -6.12
CA ILE D 216 -42.61 -38.42 -4.88
C ILE D 216 -43.04 -36.96 -4.91
N VAL D 217 -43.20 -36.38 -3.73
CA VAL D 217 -43.41 -34.94 -3.57
C VAL D 217 -42.19 -34.37 -2.87
N VAL D 218 -42.17 -33.05 -2.67
CA VAL D 218 -41.01 -32.40 -2.08
C VAL D 218 -40.93 -32.75 -0.60
N ASN D 219 -39.70 -32.69 -0.06
CA ASN D 219 -39.47 -32.82 1.37
C ASN D 219 -39.19 -31.43 1.93
N GLY D 220 -40.10 -30.94 2.77
CA GLY D 220 -39.99 -29.60 3.31
C GLY D 220 -38.72 -29.36 4.11
N HIS D 221 -38.33 -30.36 4.90
CA HIS D 221 -37.08 -30.25 5.66
C HIS D 221 -35.88 -30.14 4.72
N GLY D 222 -35.86 -30.95 3.67
CA GLY D 222 -34.79 -30.90 2.69
C GLY D 222 -35.19 -30.15 1.44
N MET D 223 -34.97 -30.77 0.28
CA MET D 223 -35.33 -30.18 -0.99
C MET D 223 -36.07 -31.22 -1.83
N THR D 224 -36.30 -30.88 -3.10
CA THR D 224 -36.82 -31.85 -4.04
C THR D 224 -35.79 -32.95 -4.24
N PRO D 225 -36.22 -34.19 -4.49
CA PRO D 225 -35.24 -35.27 -4.71
C PRO D 225 -34.28 -34.98 -5.84
N LEU D 226 -34.72 -34.26 -6.88
CA LEU D 226 -33.80 -33.85 -7.93
C LEU D 226 -32.71 -32.92 -7.41
N LYS D 227 -33.07 -32.01 -6.49
CA LYS D 227 -32.14 -31.01 -6.00
C LYS D 227 -31.05 -31.57 -5.09
N VAL D 228 -31.21 -32.79 -4.58
CA VAL D 228 -30.22 -33.34 -3.66
C VAL D 228 -28.88 -33.54 -4.38
N ALA D 229 -28.93 -34.12 -5.57
CA ALA D 229 -27.72 -34.34 -6.36
C ALA D 229 -27.08 -33.04 -6.84
N ALA D 230 -27.83 -31.93 -6.84
CA ALA D 230 -27.25 -30.65 -7.25
C ALA D 230 -26.16 -30.21 -6.29
N GLU D 231 -26.39 -30.33 -4.99
CA GLU D 231 -25.39 -30.01 -3.98
C GLU D 231 -24.47 -31.18 -3.67
N SER D 232 -24.81 -32.38 -4.16
CA SER D 232 -23.94 -33.54 -3.97
C SER D 232 -22.77 -33.54 -4.94
N CYS D 233 -22.80 -32.63 -5.93
CA CYS D 233 -21.74 -32.57 -6.97
C CYS D 233 -21.90 -33.75 -7.93
N LYS D 234 -22.72 -34.74 -7.56
CA LYS D 234 -22.98 -35.90 -8.46
C LYS D 234 -23.77 -35.39 -9.68
N ALA D 235 -23.67 -36.05 -10.83
CA ALA D 235 -24.34 -35.51 -12.04
C ALA D 235 -25.25 -36.54 -12.71
N ASP D 236 -24.71 -37.69 -13.13
CA ASP D 236 -25.51 -38.68 -13.90
C ASP D 236 -26.92 -38.83 -13.32
N VAL D 237 -27.06 -38.74 -12.00
CA VAL D 237 -28.38 -38.97 -11.35
C VAL D 237 -29.41 -38.04 -11.99
N VAL D 238 -29.05 -36.79 -12.25
CA VAL D 238 -30.06 -35.80 -12.74
C VAL D 238 -30.70 -36.31 -14.04
N GLU D 239 -29.89 -36.76 -15.02
CA GLU D 239 -30.46 -37.16 -16.33
C GLU D 239 -31.41 -38.35 -16.14
N LEU D 240 -31.01 -39.35 -15.36
CA LEU D 240 -31.89 -40.52 -15.10
C LEU D 240 -33.19 -40.02 -14.46
N LEU D 241 -33.08 -39.16 -13.45
CA LEU D 241 -34.29 -38.65 -12.76
C LEU D 241 -35.15 -37.86 -13.75
N LEU D 242 -34.52 -37.00 -14.55
CA LEU D 242 -35.25 -36.17 -15.54
C LEU D 242 -36.01 -37.10 -16.50
N SER D 243 -35.45 -38.28 -16.78
CA SER D 243 -36.10 -39.22 -17.74
C SER D 243 -37.51 -39.56 -17.28
N HIS D 244 -37.67 -39.92 -16.00
CA HIS D 244 -39.02 -40.28 -15.46
C HIS D 244 -39.74 -39.01 -15.02
N ALA D 245 -39.09 -37.86 -15.19
CA ALA D 245 -39.68 -36.58 -14.73
C ALA D 245 -40.57 -35.98 -15.83
N ASP D 246 -41.87 -35.85 -15.57
CA ASP D 246 -42.81 -35.21 -16.55
C ASP D 246 -43.38 -33.96 -15.89
N CYS D 247 -42.57 -33.25 -15.10
CA CYS D 247 -43.03 -32.08 -14.38
C CYS D 247 -42.89 -30.83 -15.27
N ASP D 248 -43.04 -29.66 -14.67
CA ASP D 248 -43.02 -28.41 -15.42
C ASP D 248 -41.66 -28.18 -16.06
N ARG D 249 -41.67 -27.58 -17.26
CA ARG D 249 -40.43 -27.23 -17.92
C ARG D 249 -39.67 -26.16 -17.14
N ARG D 250 -40.38 -25.35 -16.36
CA ARG D 250 -39.76 -24.32 -15.55
C ARG D 250 -38.78 -24.93 -14.55
N SER D 251 -39.06 -26.15 -14.11
CA SER D 251 -38.14 -26.83 -13.21
C SER D 251 -36.81 -27.13 -13.89
N ARG D 252 -36.85 -27.45 -15.18
CA ARG D 252 -35.63 -27.76 -15.92
C ARG D 252 -34.68 -26.57 -15.95
N ILE D 253 -35.23 -25.36 -16.10
CA ILE D 253 -34.39 -24.17 -16.19
C ILE D 253 -33.58 -23.98 -14.92
N GLU D 254 -34.21 -24.10 -13.77
CA GLU D 254 -33.54 -23.87 -12.50
C GLU D 254 -32.84 -25.11 -11.94
N ALA D 255 -33.06 -26.28 -12.52
CA ALA D 255 -32.41 -27.50 -12.07
C ALA D 255 -31.07 -27.74 -12.76
N LEU D 256 -30.66 -26.87 -13.67
CA LEU D 256 -29.40 -27.03 -14.38
C LEU D 256 -28.41 -25.91 -14.08
N GLU D 257 -28.83 -24.81 -13.49
CA GLU D 257 -27.92 -23.73 -13.13
C GLU D 257 -27.28 -23.94 -11.76
N LEU D 258 -27.75 -24.92 -10.99
CA LEU D 258 -27.22 -25.19 -9.66
C LEU D 258 -26.23 -26.34 -9.67
N LEU D 259 -26.33 -27.25 -10.65
CA LEU D 259 -25.35 -28.31 -10.80
C LEU D 259 -23.99 -27.76 -11.18
N GLY D 260 -23.94 -26.82 -12.14
CA GLY D 260 -22.69 -26.19 -12.48
C GLY D 260 -22.15 -25.31 -11.37
N ALA D 261 -23.05 -24.58 -10.68
CA ALA D 261 -22.61 -23.64 -9.66
C ALA D 261 -21.88 -24.35 -8.53
N SER D 262 -22.33 -25.55 -8.15
CA SER D 262 -21.69 -26.27 -7.07
C SER D 262 -20.26 -26.67 -7.43
N PHE D 263 -19.98 -26.88 -8.72
CA PHE D 263 -18.65 -27.29 -9.12
C PHE D 263 -17.63 -26.17 -8.94
N ALA D 264 -18.10 -24.92 -8.92
CA ALA D 264 -17.17 -23.79 -8.80
C ALA D 264 -16.43 -23.82 -7.47
N ASN D 265 -17.13 -24.10 -6.37
CA ASN D 265 -16.56 -24.12 -5.03
C ASN D 265 -17.03 -25.37 -4.31
N ASP D 266 -16.24 -26.44 -4.41
CA ASP D 266 -16.54 -27.70 -3.72
C ASP D 266 -15.20 -28.37 -3.39
N ARG D 267 -15.26 -29.62 -2.95
CA ARG D 267 -14.09 -30.32 -2.44
C ARG D 267 -13.70 -31.50 -3.33
N GLU D 268 -14.62 -32.43 -3.60
CA GLU D 268 -14.23 -33.68 -4.24
C GLU D 268 -13.80 -33.50 -5.69
N ASN D 269 -14.58 -32.79 -6.49
CA ASN D 269 -14.32 -32.64 -7.92
C ASN D 269 -14.44 -31.17 -8.30
N TYR D 270 -13.30 -30.51 -8.48
CA TYR D 270 -13.25 -29.10 -8.85
C TYR D 270 -12.75 -28.97 -10.27
N ASP D 271 -13.57 -28.31 -11.12
CA ASP D 271 -13.21 -28.13 -12.53
C ASP D 271 -13.88 -26.85 -13.00
N ILE D 272 -13.08 -25.82 -13.27
CA ILE D 272 -13.62 -24.51 -13.62
C ILE D 272 -14.29 -24.55 -15.00
N ILE D 273 -13.74 -25.34 -15.92
CA ILE D 273 -14.22 -25.33 -17.30
C ILE D 273 -15.67 -25.77 -17.42
N LYS D 274 -16.06 -26.85 -16.74
CA LYS D 274 -17.43 -27.33 -16.80
C LYS D 274 -18.44 -26.33 -16.26
N THR D 275 -18.02 -25.46 -15.34
CA THR D 275 -18.96 -24.52 -14.72
C THR D 275 -19.54 -23.54 -15.74
N TYR D 276 -18.68 -22.95 -16.56
CA TYR D 276 -19.17 -22.02 -17.58
C TYR D 276 -20.01 -22.76 -18.62
N HIS D 277 -19.58 -23.95 -19.01
CA HIS D 277 -20.29 -24.70 -20.04
C HIS D 277 -21.70 -25.08 -19.59
N TYR D 278 -21.84 -25.50 -18.34
CA TYR D 278 -23.13 -25.96 -17.83
C TYR D 278 -24.12 -24.83 -17.58
N LEU D 279 -23.71 -23.58 -17.74
CA LEU D 279 -24.60 -22.44 -17.60
C LEU D 279 -25.02 -21.86 -18.95
N TYR D 280 -24.27 -22.13 -20.01
CA TYR D 280 -24.61 -21.67 -21.36
C TYR D 280 -25.86 -22.32 -21.88
N LEU D 281 -25.96 -23.65 -21.79
CA LEU D 281 -27.22 -24.33 -22.03
C LEU D 281 -28.33 -23.77 -21.15
N ALA D 282 -28.00 -23.43 -19.91
CA ALA D 282 -29.01 -22.93 -18.99
C ALA D 282 -29.62 -21.63 -19.47
N MET D 283 -28.79 -20.67 -19.90
CA MET D 283 -29.38 -19.43 -20.43
C MET D 283 -30.07 -19.66 -21.78
N LEU D 284 -29.47 -20.45 -22.68
CA LEU D 284 -30.10 -20.61 -23.98
C LEU D 284 -31.38 -21.44 -23.95
N GLU D 285 -31.63 -22.19 -22.88
CA GLU D 285 -32.92 -22.84 -22.71
C GLU D 285 -34.01 -21.88 -22.23
N ARG D 286 -33.66 -20.61 -22.05
CA ARG D 286 -34.61 -19.58 -21.60
C ARG D 286 -34.91 -18.57 -22.69
N PHE D 287 -34.31 -18.72 -23.88
CA PHE D 287 -34.59 -17.82 -24.98
C PHE D 287 -35.21 -18.53 -26.18
N GLN D 288 -35.53 -19.82 -26.05
CA GLN D 288 -36.23 -20.57 -27.09
C GLN D 288 -37.74 -20.56 -26.84
N ASP D 289 -38.20 -19.86 -25.81
CA ASP D 289 -39.59 -19.96 -25.36
C ASP D 289 -40.52 -18.97 -26.04
N GLY D 290 -40.01 -18.17 -26.98
CA GLY D 290 -40.85 -17.25 -27.72
C GLY D 290 -41.37 -16.10 -26.87
N ASP D 291 -40.47 -15.20 -26.47
CA ASP D 291 -40.81 -14.04 -25.66
C ASP D 291 -41.42 -14.45 -24.31
N ASN D 292 -40.98 -15.60 -23.80
CA ASN D 292 -41.39 -16.08 -22.49
C ASN D 292 -40.19 -16.15 -21.54
N ILE D 293 -39.30 -15.16 -21.64
CA ILE D 293 -38.07 -15.13 -20.86
C ILE D 293 -38.38 -14.99 -19.38
N LEU D 294 -38.05 -16.00 -18.59
CA LEU D 294 -38.15 -15.93 -17.14
C LEU D 294 -36.90 -15.24 -16.62
N GLU D 295 -36.93 -13.91 -16.57
CA GLU D 295 -35.75 -13.12 -16.26
C GLU D 295 -35.23 -13.42 -14.87
N LYS D 296 -34.01 -12.98 -14.60
CA LYS D 296 -33.33 -13.25 -13.35
C LYS D 296 -33.36 -11.99 -12.48
N GLU D 297 -34.39 -11.89 -11.63
CA GLU D 297 -34.49 -10.78 -10.69
C GLU D 297 -33.42 -10.92 -9.62
N VAL D 298 -32.76 -9.81 -9.30
CA VAL D 298 -31.61 -9.83 -8.40
C VAL D 298 -31.72 -8.69 -7.40
N LEU D 299 -31.15 -8.91 -6.22
CA LEU D 299 -31.00 -7.88 -5.21
C LEU D 299 -29.76 -7.04 -5.51
N PRO D 300 -29.65 -5.85 -4.94
CA PRO D 300 -28.43 -5.06 -5.11
C PRO D 300 -27.21 -5.82 -4.62
N PRO D 301 -26.06 -5.65 -5.27
CA PRO D 301 -24.89 -6.46 -4.92
C PRO D 301 -24.48 -6.30 -3.47
N ILE D 302 -24.11 -7.43 -2.85
CA ILE D 302 -23.66 -7.44 -1.47
C ILE D 302 -22.15 -7.25 -1.48
N HIS D 303 -21.67 -6.27 -0.71
CA HIS D 303 -20.24 -5.97 -0.68
C HIS D 303 -19.42 -7.15 -0.16
N ALA D 304 -20.00 -8.01 0.67
CA ALA D 304 -19.27 -9.17 1.19
C ALA D 304 -18.90 -10.12 0.06
N TYR D 305 -19.84 -10.40 -0.84
CA TYR D 305 -19.61 -11.31 -1.96
C TYR D 305 -19.13 -10.53 -3.19
N GLY D 306 -17.99 -9.89 -3.01
CA GLY D 306 -17.47 -9.06 -4.09
C GLY D 306 -18.32 -7.82 -4.29
N ASN D 307 -18.31 -7.35 -5.55
CA ASN D 307 -19.08 -6.17 -5.94
C ASN D 307 -19.76 -6.36 -7.28
N ARG D 308 -19.68 -7.55 -7.86
CA ARG D 308 -20.28 -7.82 -9.17
C ARG D 308 -21.77 -8.08 -9.00
N THR D 309 -22.45 -8.32 -10.12
CA THR D 309 -23.89 -8.55 -10.14
C THR D 309 -24.19 -9.81 -10.94
N GLU D 310 -25.21 -10.54 -10.51
CA GLU D 310 -25.64 -11.74 -11.23
C GLU D 310 -26.02 -11.38 -12.66
N CYS D 311 -25.51 -12.17 -13.60
CA CYS D 311 -25.66 -11.86 -15.02
C CYS D 311 -26.99 -12.35 -15.56
N ARG D 312 -27.59 -11.56 -16.45
CA ARG D 312 -28.86 -11.90 -17.07
C ARG D 312 -28.84 -11.87 -18.60
N ASN D 313 -28.01 -11.06 -19.22
CA ASN D 313 -27.95 -11.03 -20.68
C ASN D 313 -27.15 -12.23 -21.19
N PRO D 314 -27.45 -12.71 -22.40
CA PRO D 314 -26.70 -13.86 -22.93
C PRO D 314 -25.21 -13.63 -23.10
N GLN D 315 -24.76 -12.37 -23.24
CA GLN D 315 -23.38 -12.13 -23.61
C GLN D 315 -22.48 -11.86 -22.40
N GLU D 316 -23.04 -11.81 -21.19
CA GLU D 316 -22.23 -11.44 -20.04
C GLU D 316 -21.20 -12.51 -19.70
N LEU D 317 -21.62 -13.77 -19.62
CA LEU D 317 -20.67 -14.82 -19.26
C LEU D 317 -19.67 -15.08 -20.37
N GLU D 318 -20.04 -14.78 -21.62
CA GLU D 318 -19.08 -14.92 -22.71
C GLU D 318 -17.92 -13.94 -22.53
N SER D 319 -18.19 -12.79 -21.90
CA SER D 319 -17.16 -11.77 -21.70
C SER D 319 -16.04 -12.29 -20.82
N ILE D 320 -16.37 -13.06 -19.78
CA ILE D 320 -15.39 -13.47 -18.78
C ILE D 320 -15.32 -14.99 -18.68
N ARG D 321 -15.71 -15.69 -19.75
CA ARG D 321 -15.55 -17.13 -19.80
C ARG D 321 -14.11 -17.58 -19.59
N GLN D 322 -13.14 -16.73 -19.92
CA GLN D 322 -11.73 -17.04 -19.69
C GLN D 322 -11.20 -16.46 -18.38
N ASP D 323 -12.04 -15.82 -17.58
CA ASP D 323 -11.62 -15.31 -16.29
C ASP D 323 -11.93 -16.32 -15.20
N ARG D 324 -11.10 -16.30 -14.14
CA ARG D 324 -11.19 -17.28 -13.07
C ARG D 324 -11.90 -16.76 -11.82
N ASP D 325 -11.93 -15.45 -11.62
CA ASP D 325 -12.49 -14.87 -10.39
C ASP D 325 -13.98 -14.60 -10.49
N ALA D 326 -14.46 -14.15 -11.65
CA ALA D 326 -15.88 -13.82 -11.81
C ALA D 326 -16.76 -15.05 -11.62
N LEU D 327 -16.36 -16.18 -12.19
CA LEU D 327 -17.11 -17.41 -11.96
C LEU D 327 -17.06 -17.82 -10.49
N HIS D 328 -15.89 -17.67 -9.86
CA HIS D 328 -15.73 -18.12 -8.48
C HIS D 328 -16.65 -17.38 -7.52
N MET D 329 -16.70 -16.05 -7.62
CA MET D 329 -17.55 -15.32 -6.68
C MET D 329 -18.97 -15.15 -7.21
N GLU D 330 -19.24 -15.58 -8.45
CA GLU D 330 -20.60 -15.60 -8.94
C GLU D 330 -21.33 -16.88 -8.55
N GLY D 331 -20.59 -17.99 -8.41
CA GLY D 331 -21.22 -19.25 -8.06
C GLY D 331 -22.02 -19.20 -6.77
N LEU D 332 -21.45 -18.54 -5.75
CA LEU D 332 -22.14 -18.41 -4.48
C LEU D 332 -23.43 -17.61 -4.62
N ILE D 333 -23.38 -16.49 -5.35
CA ILE D 333 -24.56 -15.67 -5.54
C ILE D 333 -25.64 -16.44 -6.28
N VAL D 334 -25.24 -17.22 -7.30
CA VAL D 334 -26.21 -18.04 -8.02
C VAL D 334 -26.83 -19.09 -7.09
N ARG D 335 -26.01 -19.75 -6.26
CA ARG D 335 -26.55 -20.84 -5.46
C ARG D 335 -27.44 -20.33 -4.33
N GLU D 336 -27.16 -19.11 -3.82
CA GLU D 336 -27.99 -18.57 -2.75
C GLU D 336 -29.43 -18.34 -3.20
N ARG D 337 -29.63 -17.98 -4.47
CA ARG D 337 -30.97 -17.64 -4.94
C ARG D 337 -31.90 -18.84 -4.85
N ILE D 338 -31.41 -20.02 -5.20
CA ILE D 338 -32.25 -21.22 -5.22
C ILE D 338 -32.14 -22.06 -3.95
N LEU D 339 -31.04 -21.95 -3.20
CA LEU D 339 -30.88 -22.76 -1.99
C LEU D 339 -31.91 -22.42 -0.94
N GLY D 340 -32.20 -21.14 -0.74
CA GLY D 340 -33.12 -20.71 0.29
C GLY D 340 -32.41 -20.17 1.52
N ALA D 341 -33.20 -19.57 2.40
CA ALA D 341 -32.63 -18.94 3.60
C ALA D 341 -32.12 -19.99 4.58
N ASP D 342 -32.91 -21.02 4.86
CA ASP D 342 -32.59 -22.02 5.87
C ASP D 342 -32.21 -23.32 5.16
N ASN D 343 -30.92 -23.50 4.94
CA ASN D 343 -30.37 -24.70 4.30
C ASN D 343 -28.86 -24.68 4.49
N ILE D 344 -28.19 -25.67 3.89
CA ILE D 344 -26.73 -25.70 3.93
C ILE D 344 -26.19 -24.85 2.79
N ASP D 345 -25.83 -23.60 3.10
CA ASP D 345 -25.36 -22.69 2.07
C ASP D 345 -23.95 -22.20 2.36
N VAL D 346 -23.67 -21.83 3.62
CA VAL D 346 -22.37 -21.27 3.97
C VAL D 346 -21.47 -22.27 4.69
N SER D 347 -21.94 -23.50 4.90
CA SER D 347 -21.15 -24.46 5.67
C SER D 347 -19.84 -24.79 4.97
N HIS D 348 -19.91 -25.49 3.84
CA HIS D 348 -18.71 -25.85 3.10
C HIS D 348 -18.19 -24.72 2.23
N PRO D 349 -19.01 -24.13 1.33
CA PRO D 349 -18.43 -23.27 0.29
C PRO D 349 -17.87 -21.96 0.81
N ILE D 350 -18.63 -21.26 1.67
CA ILE D 350 -18.20 -19.94 2.13
C ILE D 350 -16.90 -20.05 2.90
N ILE D 351 -16.79 -21.04 3.78
CA ILE D 351 -15.59 -21.20 4.59
C ILE D 351 -14.42 -21.66 3.73
N TYR D 352 -14.67 -22.63 2.84
CA TYR D 352 -13.57 -23.17 2.03
C TYR D 352 -13.02 -22.13 1.08
N ARG D 353 -13.89 -21.33 0.45
CA ARG D 353 -13.40 -20.30 -0.45
C ARG D 353 -12.58 -19.25 0.29
N GLY D 354 -12.98 -18.91 1.50
CA GLY D 354 -12.25 -17.97 2.32
C GLY D 354 -10.89 -18.49 2.76
N ALA D 355 -10.81 -19.79 3.05
CA ALA D 355 -9.54 -20.35 3.52
C ALA D 355 -8.47 -20.30 2.44
N VAL D 356 -8.79 -20.80 1.24
CA VAL D 356 -7.85 -20.76 0.12
C VAL D 356 -7.59 -19.34 -0.35
N TYR D 357 -8.51 -18.41 -0.12
CA TYR D 357 -8.19 -17.00 -0.30
C TYR D 357 -7.13 -16.56 0.69
N ALA D 358 -7.35 -16.82 1.98
CA ALA D 358 -6.55 -16.17 3.02
C ALA D 358 -5.17 -16.79 3.15
N ASP D 359 -4.97 -18.00 2.60
CA ASP D 359 -3.66 -18.64 2.75
C ASP D 359 -2.53 -17.76 2.20
N ASN D 360 -2.84 -16.89 1.24
CA ASN D 360 -1.86 -15.96 0.70
C ASN D 360 -2.45 -14.57 0.44
N MET D 361 -3.63 -14.28 0.97
CA MET D 361 -4.32 -13.03 0.63
C MET D 361 -3.68 -11.84 1.33
N GLU D 362 -2.96 -12.08 2.43
CA GLU D 362 -2.55 -11.10 3.44
C GLU D 362 -3.76 -10.66 4.25
N PHE D 363 -4.85 -11.42 4.24
CA PHE D 363 -5.99 -11.22 5.13
C PHE D 363 -6.66 -9.87 4.91
N GLU D 364 -6.87 -9.49 3.65
CA GLU D 364 -7.56 -8.23 3.36
C GLU D 364 -9.07 -8.38 3.51
N GLN D 365 -9.64 -9.44 2.91
CA GLN D 365 -11.09 -9.63 2.94
C GLN D 365 -11.48 -11.04 3.37
N CYS D 366 -10.57 -11.79 3.99
CA CYS D 366 -10.96 -13.05 4.58
C CYS D 366 -11.99 -12.86 5.68
N ILE D 367 -11.81 -11.84 6.52
CA ILE D 367 -12.82 -11.47 7.49
C ILE D 367 -14.12 -11.02 6.82
N LYS D 368 -14.02 -10.26 5.72
CA LYS D 368 -15.21 -9.85 4.99
C LYS D 368 -16.02 -11.07 4.52
N LEU D 369 -15.34 -12.08 3.99
CA LEU D 369 -16.03 -13.27 3.51
C LEU D 369 -16.59 -14.09 4.68
N TRP D 370 -15.77 -14.30 5.72
CA TRP D 370 -16.20 -15.15 6.83
C TRP D 370 -17.33 -14.54 7.66
N LEU D 371 -17.32 -13.22 7.84
CA LEU D 371 -18.26 -12.59 8.76
C LEU D 371 -19.69 -12.69 8.26
N HIS D 372 -19.90 -12.58 6.94
CA HIS D 372 -21.24 -12.60 6.40
C HIS D 372 -21.96 -13.91 6.66
N ALA D 373 -21.24 -15.03 6.71
CA ALA D 373 -21.86 -16.31 7.03
C ALA D 373 -22.44 -16.27 8.43
N LEU D 374 -21.63 -15.87 9.41
CA LEU D 374 -22.07 -15.85 10.80
C LEU D 374 -23.06 -14.74 11.09
N HIS D 375 -23.19 -13.74 10.23
CA HIS D 375 -24.23 -12.73 10.45
C HIS D 375 -25.62 -13.34 10.45
N LEU D 376 -25.92 -14.23 9.50
CA LEU D 376 -27.22 -14.88 9.47
C LEU D 376 -27.17 -16.35 9.85
N ARG D 377 -26.00 -16.86 10.26
CA ARG D 377 -25.93 -18.23 10.75
C ARG D 377 -26.74 -18.41 12.03
N GLN D 378 -26.92 -17.32 12.79
CA GLN D 378 -27.55 -17.41 14.11
C GLN D 378 -29.05 -17.71 14.05
N LYS D 379 -29.67 -17.68 12.87
CA LYS D 379 -31.08 -18.03 12.78
C LYS D 379 -31.32 -19.45 13.31
N GLY D 380 -30.54 -20.42 12.82
CA GLY D 380 -30.48 -21.74 13.39
C GLY D 380 -29.12 -21.92 14.08
N ASN D 381 -29.17 -22.19 15.38
CA ASN D 381 -27.97 -22.19 16.20
C ASN D 381 -27.49 -23.63 16.40
N ARG D 382 -26.28 -23.90 15.92
CA ARG D 382 -25.56 -25.13 16.20
C ARG D 382 -24.32 -24.81 17.01
N ASN D 383 -23.53 -25.85 17.29
CA ASN D 383 -22.31 -25.67 18.06
C ASN D 383 -21.28 -24.88 17.27
N THR D 384 -21.08 -23.61 17.64
CA THR D 384 -20.06 -22.77 17.06
C THR D 384 -18.73 -22.89 17.79
N HIS D 385 -18.50 -24.02 18.44
CA HIS D 385 -17.25 -24.25 19.18
C HIS D 385 -16.05 -24.05 18.28
N LYS D 386 -15.93 -24.87 17.22
CA LYS D 386 -14.84 -24.69 16.27
C LYS D 386 -14.98 -23.42 15.47
N ASP D 387 -16.19 -22.88 15.34
CA ASP D 387 -16.41 -21.65 14.59
C ASP D 387 -15.84 -20.43 15.29
N LEU D 388 -15.23 -20.60 16.46
CA LEU D 388 -14.59 -19.51 17.18
C LEU D 388 -13.11 -19.74 17.43
N LEU D 389 -12.63 -20.98 17.33
CA LEU D 389 -11.23 -21.30 17.54
C LEU D 389 -10.34 -20.80 16.42
N ARG D 390 -10.89 -20.52 15.24
CA ARG D 390 -10.09 -20.11 14.10
C ARG D 390 -10.19 -18.62 13.81
N PHE D 391 -11.12 -17.90 14.43
CA PHE D 391 -11.15 -16.44 14.37
C PHE D 391 -10.11 -15.80 15.29
N ALA D 392 -9.41 -16.59 16.09
CA ALA D 392 -8.41 -16.06 17.03
C ALA D 392 -7.00 -16.23 16.47
N GLN D 393 -6.72 -17.42 15.91
CA GLN D 393 -5.38 -17.67 15.36
C GLN D 393 -5.06 -16.72 14.21
N VAL D 394 -6.03 -16.44 13.35
CA VAL D 394 -5.77 -15.50 12.26
C VAL D 394 -5.48 -14.11 12.80
N PHE D 395 -6.23 -13.68 13.82
CA PHE D 395 -5.99 -12.39 14.43
C PHE D 395 -4.62 -12.33 15.09
N SER D 396 -4.18 -13.41 15.72
CA SER D 396 -2.80 -13.51 16.14
C SER D 396 -1.82 -13.38 14.98
N GLN D 397 -2.15 -13.96 13.82
CA GLN D 397 -1.17 -14.02 12.74
C GLN D 397 -0.93 -12.70 12.03
N MET D 398 -1.96 -11.87 11.79
CA MET D 398 -1.66 -10.54 11.18
C MET D 398 -0.74 -9.75 12.14
N ILE D 399 -1.09 -9.76 13.43
CA ILE D 399 -0.31 -8.97 14.38
C ILE D 399 1.11 -9.52 14.50
N HIS D 400 1.28 -10.82 14.30
CA HIS D 400 2.63 -11.39 14.23
C HIS D 400 3.34 -10.90 12.97
N LEU D 401 2.59 -10.79 11.87
CA LEU D 401 3.19 -10.31 10.60
C LEU D 401 3.13 -8.79 10.56
N ASN D 402 2.89 -8.16 11.71
CA ASN D 402 2.85 -6.67 11.78
C ASN D 402 1.75 -6.15 10.86
N GLU D 403 0.63 -6.87 10.76
CA GLU D 403 -0.51 -6.44 9.91
C GLU D 403 -1.69 -6.07 10.82
N THR D 404 -2.19 -4.84 10.70
CA THR D 404 -3.32 -4.37 11.55
C THR D 404 -4.57 -4.21 10.68
N VAL D 405 -4.76 -5.10 9.71
CA VAL D 405 -5.92 -5.00 8.78
C VAL D 405 -7.21 -4.90 9.61
N LYS D 406 -7.24 -5.55 10.78
CA LYS D 406 -8.45 -5.53 11.64
C LYS D 406 -8.90 -4.08 11.86
N ALA D 407 -10.11 -3.74 11.43
CA ALA D 407 -10.65 -2.38 11.68
C ALA D 407 -11.04 -2.28 13.15
N PRO D 408 -10.96 -1.09 13.81
CA PRO D 408 -11.22 -1.00 15.25
C PRO D 408 -12.56 -1.57 15.68
N ASP D 409 -13.51 -1.69 14.76
CA ASP D 409 -14.83 -2.22 15.08
C ASP D 409 -14.98 -3.71 14.76
N ILE D 410 -13.91 -4.37 14.29
CA ILE D 410 -14.04 -5.75 13.84
C ILE D 410 -14.38 -6.68 15.00
N GLU D 411 -13.63 -6.59 16.10
CA GLU D 411 -13.81 -7.55 17.18
C GLU D 411 -15.11 -7.34 17.96
N CYS D 412 -15.81 -6.23 17.72
CA CYS D 412 -17.07 -6.00 18.41
C CYS D 412 -18.09 -7.08 18.08
N VAL D 413 -18.13 -7.51 16.81
CA VAL D 413 -19.08 -8.54 16.40
C VAL D 413 -18.76 -9.88 17.08
N LEU D 414 -17.50 -10.28 17.07
CA LEU D 414 -17.15 -11.58 17.65
C LEU D 414 -17.29 -11.56 19.16
N ARG D 415 -17.12 -10.40 19.79
CA ARG D 415 -17.37 -10.28 21.22
C ARG D 415 -18.85 -10.22 21.57
N CYS D 416 -19.69 -9.70 20.66
CA CYS D 416 -21.12 -9.82 20.85
C CYS D 416 -21.57 -11.27 20.70
N SER D 417 -20.94 -12.01 19.79
CA SER D 417 -21.34 -13.39 19.55
C SER D 417 -21.00 -14.30 20.73
N VAL D 418 -19.81 -14.12 21.32
CA VAL D 418 -19.40 -14.99 22.40
C VAL D 418 -20.29 -14.78 23.63
N LEU D 419 -20.67 -13.53 23.92
CA LEU D 419 -21.61 -13.28 25.00
C LEU D 419 -22.97 -13.88 24.68
N GLU D 420 -23.41 -13.76 23.42
CA GLU D 420 -24.72 -14.29 23.04
C GLU D 420 -24.75 -15.81 23.04
N ILE D 421 -23.60 -16.49 23.03
CA ILE D 421 -23.61 -17.94 23.16
C ILE D 421 -23.31 -18.40 24.58
N GLU D 422 -22.59 -17.60 25.38
CA GLU D 422 -22.13 -18.05 26.69
C GLU D 422 -23.28 -18.44 27.61
N GLN D 423 -24.40 -17.72 27.56
CA GLN D 423 -25.51 -18.00 28.46
C GLN D 423 -26.16 -19.35 28.17
N SER D 424 -25.91 -19.92 26.99
CA SER D 424 -26.65 -21.11 26.57
C SER D 424 -26.24 -22.34 27.38
N MET D 425 -24.94 -22.56 27.56
CA MET D 425 -24.49 -23.80 28.20
C MET D 425 -24.87 -23.84 29.67
N ASN D 426 -25.06 -22.67 30.30
CA ASN D 426 -25.55 -22.66 31.67
C ASN D 426 -26.94 -23.27 31.76
N ARG D 427 -27.85 -22.82 30.88
CA ARG D 427 -29.20 -23.38 30.87
C ARG D 427 -29.18 -24.84 30.43
N VAL D 428 -28.28 -25.19 29.52
CA VAL D 428 -28.18 -26.59 29.10
C VAL D 428 -27.75 -27.48 30.26
N LYS D 429 -26.77 -27.01 31.05
CA LYS D 429 -26.34 -27.76 32.22
C LYS D 429 -27.45 -27.87 33.25
N ASN D 430 -28.22 -26.80 33.44
CA ASN D 430 -29.35 -26.86 34.36
C ASN D 430 -30.39 -27.87 33.88
N ILE D 431 -30.68 -27.89 32.59
CA ILE D 431 -31.65 -28.84 32.05
C ILE D 431 -31.12 -30.27 32.14
N SER D 432 -29.86 -30.47 31.76
CA SER D 432 -29.26 -31.80 31.74
C SER D 432 -28.97 -32.24 33.17
N ASP D 433 -29.66 -33.31 33.61
CA ASP D 433 -29.50 -33.78 34.98
C ASP D 433 -28.07 -34.28 35.22
N ALA D 434 -27.58 -35.15 34.35
CA ALA D 434 -26.22 -35.65 34.47
C ALA D 434 -25.37 -35.37 33.25
N ASP D 435 -25.90 -35.60 32.04
CA ASP D 435 -25.22 -35.35 30.76
C ASP D 435 -23.88 -36.08 30.79
N VAL D 436 -22.80 -35.48 30.29
CA VAL D 436 -21.47 -36.09 30.24
C VAL D 436 -20.44 -35.01 30.59
N HIS D 437 -19.17 -35.41 30.55
CA HIS D 437 -18.09 -34.49 30.88
C HIS D 437 -17.91 -33.44 29.78
N ASN D 438 -18.22 -33.82 28.53
CA ASN D 438 -17.99 -32.92 27.39
C ASN D 438 -18.89 -31.68 27.46
N ALA D 439 -20.09 -31.83 28.02
CA ALA D 439 -20.96 -30.68 28.20
C ALA D 439 -20.30 -29.64 29.10
N MET D 440 -19.63 -30.11 30.16
CA MET D 440 -18.85 -29.20 30.99
C MET D 440 -17.65 -28.66 30.24
N ASP D 441 -17.01 -29.51 29.41
CA ASP D 441 -15.82 -29.10 28.70
C ASP D 441 -16.08 -27.94 27.74
N ASN D 442 -17.24 -27.95 27.09
CA ASN D 442 -17.59 -26.83 26.22
C ASN D 442 -17.64 -25.53 27.01
N TYR D 443 -18.28 -25.57 28.18
CA TYR D 443 -18.35 -24.40 29.05
C TYR D 443 -16.96 -23.93 29.47
N GLU D 444 -16.09 -24.88 29.81
CA GLU D 444 -14.72 -24.53 30.17
C GLU D 444 -13.96 -23.89 29.01
N CYS D 445 -13.99 -24.50 27.83
CA CYS D 445 -13.21 -24.05 26.68
C CYS D 445 -13.70 -22.74 26.08
N ASN D 446 -15.00 -22.43 26.15
CA ASN D 446 -15.46 -21.17 25.58
C ASN D 446 -14.87 -19.98 26.33
N LEU D 447 -14.75 -20.08 27.66
CA LEU D 447 -14.11 -19.00 28.42
C LEU D 447 -12.63 -18.88 28.07
N TYR D 448 -11.95 -20.02 27.88
CA TYR D 448 -10.57 -19.99 27.43
C TYR D 448 -10.43 -19.24 26.11
N THR D 449 -11.32 -19.53 25.17
CA THR D 449 -11.33 -18.81 23.90
C THR D 449 -11.62 -17.33 24.07
N PHE D 450 -12.54 -16.97 24.98
CA PHE D 450 -12.82 -15.57 25.25
C PHE D 450 -11.60 -14.83 25.77
N LEU D 451 -10.81 -15.47 26.63
CA LEU D 451 -9.66 -14.80 27.24
C LEU D 451 -8.63 -14.40 26.18
N TYR D 452 -8.39 -15.28 25.21
CA TYR D 452 -7.45 -14.95 24.13
C TYR D 452 -7.95 -13.77 23.32
N LEU D 453 -9.25 -13.73 23.03
CA LEU D 453 -9.81 -12.58 22.33
C LEU D 453 -9.64 -11.31 23.14
N VAL D 454 -9.81 -11.41 24.46
CA VAL D 454 -9.59 -10.26 25.34
C VAL D 454 -8.14 -9.77 25.22
N CYS D 455 -7.18 -10.68 25.27
CA CYS D 455 -5.78 -10.30 25.15
C CYS D 455 -5.50 -9.64 23.80
N ILE D 456 -6.08 -10.19 22.73
CA ILE D 456 -5.94 -9.56 21.42
C ILE D 456 -6.48 -8.14 21.46
N SER D 457 -7.61 -7.93 22.12
CA SER D 457 -8.17 -6.59 22.25
C SER D 457 -7.22 -5.67 22.98
N THR D 458 -6.60 -6.14 24.06
CA THR D 458 -5.65 -5.29 24.79
C THR D 458 -4.46 -4.91 23.91
N LYS D 459 -3.90 -5.86 23.17
CA LYS D 459 -2.66 -5.57 22.45
C LYS D 459 -2.89 -4.56 21.33
N THR D 460 -4.01 -4.65 20.62
CA THR D 460 -4.27 -3.72 19.53
C THR D 460 -4.66 -2.35 20.08
N GLN D 461 -4.27 -1.30 19.35
CA GLN D 461 -4.63 0.06 19.73
C GLN D 461 -5.72 0.59 18.81
N CYS D 462 -6.79 1.10 19.41
CA CYS D 462 -7.96 1.52 18.66
C CYS D 462 -8.52 2.79 19.30
N SER D 463 -9.67 3.23 18.80
CA SER D 463 -10.30 4.45 19.30
C SER D 463 -10.90 4.22 20.69
N GLU D 464 -11.12 5.32 21.41
CA GLU D 464 -11.69 5.23 22.74
C GLU D 464 -13.18 4.87 22.70
N GLU D 465 -13.88 5.28 21.64
CA GLU D 465 -15.26 4.85 21.46
C GLU D 465 -15.35 3.35 21.21
N ASP D 466 -14.40 2.78 20.47
CA ASP D 466 -14.32 1.34 20.35
C ASP D 466 -14.08 0.69 21.71
N GLN D 467 -13.21 1.29 22.53
CA GLN D 467 -13.05 0.79 23.90
C GLN D 467 -14.34 0.88 24.69
N CYS D 468 -15.15 1.91 24.45
CA CYS D 468 -16.44 2.03 25.11
C CYS D 468 -17.35 0.87 24.73
N LYS D 469 -17.40 0.56 23.43
CA LYS D 469 -18.19 -0.59 22.98
C LYS D 469 -17.69 -1.88 23.61
N ILE D 470 -16.36 -2.07 23.62
CA ILE D 470 -15.79 -3.29 24.21
C ILE D 470 -16.09 -3.38 25.70
N ASN D 471 -15.99 -2.27 26.43
CA ASN D 471 -16.27 -2.29 27.85
C ASN D 471 -17.75 -2.56 28.14
N LYS D 472 -18.64 -1.98 27.32
CA LYS D 472 -20.06 -2.27 27.47
C LYS D 472 -20.35 -3.74 27.23
N GLN D 473 -19.68 -4.36 26.25
CA GLN D 473 -19.82 -5.80 26.05
C GLN D 473 -19.22 -6.61 27.19
N ILE D 474 -18.08 -6.17 27.73
CA ILE D 474 -17.39 -6.93 28.77
C ILE D 474 -18.20 -6.94 30.05
N TYR D 475 -18.73 -5.79 30.45
CA TYR D 475 -19.40 -5.71 31.76
C TYR D 475 -20.62 -6.62 31.80
N ASN D 476 -21.26 -6.83 30.64
CA ASN D 476 -22.44 -7.69 30.60
C ASN D 476 -22.12 -9.12 31.03
N LEU D 477 -20.89 -9.58 30.77
CA LEU D 477 -20.54 -10.94 31.15
C LEU D 477 -20.15 -11.02 32.63
N ILE D 478 -19.32 -10.08 33.10
CA ILE D 478 -18.91 -10.10 34.51
C ILE D 478 -20.04 -9.69 35.44
N HIS D 479 -21.15 -9.19 34.90
CA HIS D 479 -22.36 -8.95 35.71
C HIS D 479 -23.02 -10.26 36.13
N LEU D 480 -22.59 -11.38 35.55
CA LEU D 480 -22.97 -12.70 36.00
C LEU D 480 -21.69 -13.48 36.28
N ASP D 481 -21.79 -14.49 37.15
CA ASP D 481 -20.58 -15.26 37.55
C ASP D 481 -20.39 -16.45 36.60
N PRO D 482 -19.35 -16.45 35.74
CA PRO D 482 -19.07 -17.59 34.87
C PRO D 482 -18.06 -18.54 35.53
N ARG D 483 -18.05 -18.56 36.86
CA ARG D 483 -17.11 -19.43 37.62
C ARG D 483 -17.16 -20.85 37.06
N THR D 484 -15.99 -21.48 36.88
CA THR D 484 -16.01 -22.89 36.41
C THR D 484 -14.99 -23.71 37.21
N ARG D 485 -14.97 -25.03 37.01
CA ARG D 485 -14.01 -25.91 37.73
C ARG D 485 -14.21 -25.77 39.25
N GLU D 486 -13.13 -25.52 39.98
CA GLU D 486 -13.21 -25.43 41.47
C GLU D 486 -13.54 -23.99 41.87
N GLY D 487 -14.70 -23.48 41.45
CA GLY D 487 -15.13 -22.13 41.82
C GLY D 487 -14.07 -21.09 41.48
N PHE D 488 -13.36 -21.27 40.36
CA PHE D 488 -12.35 -20.26 39.93
C PHE D 488 -13.05 -19.14 39.17
N THR D 489 -12.80 -17.88 39.55
CA THR D 489 -13.39 -16.73 38.83
C THR D 489 -12.55 -16.41 37.59
N LEU D 490 -12.94 -15.38 36.85
CA LEU D 490 -12.18 -14.98 35.63
C LEU D 490 -10.80 -14.46 36.04
N LEU D 491 -10.73 -13.72 37.16
CA LEU D 491 -9.44 -13.20 37.62
C LEU D 491 -8.49 -14.32 38.00
N HIS D 492 -9.01 -15.35 38.68
CA HIS D 492 -8.16 -16.45 39.12
C HIS D 492 -7.50 -17.15 37.94
N LEU D 493 -8.27 -17.39 36.89
CA LEU D 493 -7.69 -17.95 35.67
C LEU D 493 -6.73 -16.96 35.02
N ALA D 494 -7.03 -15.67 35.09
CA ALA D 494 -6.20 -14.68 34.42
C ALA D 494 -4.86 -14.50 35.10
N VAL D 495 -4.75 -14.86 36.38
CA VAL D 495 -3.55 -14.58 37.15
C VAL D 495 -2.68 -15.80 37.41
N ASN D 496 -3.01 -16.96 36.83
CA ASN D 496 -2.21 -18.16 37.03
C ASN D 496 -1.86 -18.78 35.70
N SER D 497 -0.79 -19.57 35.70
CA SER D 497 -0.33 -20.26 34.50
C SER D 497 -1.28 -21.43 34.20
N ASN D 498 -1.95 -21.36 33.07
CA ASN D 498 -2.90 -22.40 32.68
C ASN D 498 -2.18 -23.61 32.09
N SER D 511 -0.63 -16.14 29.67
CA SER D 511 -1.82 -15.94 30.49
C SER D 511 -1.50 -16.08 31.97
N PHE D 512 -0.26 -16.49 32.25
CA PHE D 512 0.19 -16.59 33.64
C PHE D 512 0.20 -15.22 34.30
N PRO D 513 0.65 -14.19 33.57
CA PRO D 513 0.67 -12.83 34.10
C PRO D 513 0.59 -11.85 32.94
N ASN D 514 -0.58 -11.23 32.78
CA ASN D 514 -0.79 -10.21 31.75
C ASN D 514 -1.17 -8.92 32.45
N ALA D 515 -0.28 -7.92 32.39
CA ALA D 515 -0.49 -6.69 33.14
C ALA D 515 -1.70 -5.92 32.63
N LEU D 516 -1.82 -5.76 31.31
CA LEU D 516 -2.93 -4.99 30.76
C LEU D 516 -4.26 -5.69 30.98
N VAL D 517 -4.28 -7.01 30.87
CA VAL D 517 -5.52 -7.76 31.04
C VAL D 517 -6.07 -7.59 32.44
N THR D 518 -5.21 -7.69 33.46
CA THR D 518 -5.65 -7.52 34.84
C THR D 518 -6.18 -6.11 35.08
N LYS D 519 -5.48 -5.11 34.54
CA LYS D 519 -5.91 -3.72 34.72
C LYS D 519 -7.29 -3.52 34.09
N LEU D 520 -7.48 -4.02 32.87
CA LEU D 520 -8.75 -3.86 32.18
C LEU D 520 -9.87 -4.58 32.93
N LEU D 521 -9.59 -5.80 33.41
CA LEU D 521 -10.60 -6.56 34.13
C LEU D 521 -11.00 -5.86 35.43
N LEU D 522 -10.02 -5.34 36.18
CA LEU D 522 -10.34 -4.64 37.41
C LEU D 522 -11.10 -3.35 37.13
N ASP D 523 -10.72 -2.63 36.08
CA ASP D 523 -11.41 -1.39 35.74
C ASP D 523 -12.85 -1.66 35.34
N CYS D 524 -13.09 -2.75 34.61
CA CYS D 524 -14.45 -3.08 34.20
C CYS D 524 -15.32 -3.44 35.41
N GLY D 525 -14.69 -3.85 36.51
CA GLY D 525 -15.42 -4.12 37.73
C GLY D 525 -15.55 -5.59 38.07
N ALA D 526 -14.75 -6.05 39.02
CA ALA D 526 -14.81 -7.44 39.48
C ALA D 526 -14.50 -7.47 40.97
N GLU D 527 -14.96 -8.53 41.63
CA GLU D 527 -14.71 -8.69 43.06
C GLU D 527 -13.24 -8.96 43.33
N VAL D 528 -12.57 -7.97 43.92
CA VAL D 528 -11.16 -8.12 44.25
C VAL D 528 -10.95 -9.20 45.32
N ASN D 529 -11.95 -9.44 46.17
CA ASN D 529 -11.91 -10.52 47.15
C ASN D 529 -12.91 -11.59 46.72
N ALA D 530 -12.40 -12.74 46.29
CA ALA D 530 -13.22 -13.87 45.89
C ALA D 530 -12.73 -15.12 46.58
N VAL D 531 -13.66 -16.02 46.87
CA VAL D 531 -13.39 -17.23 47.64
C VAL D 531 -13.58 -18.43 46.72
N ASP D 532 -12.60 -19.33 46.70
CA ASP D 532 -12.69 -20.56 45.87
C ASP D 532 -12.92 -21.77 46.79
N ASN D 533 -12.92 -22.98 46.22
CA ASN D 533 -13.15 -24.22 47.01
C ASN D 533 -12.15 -24.29 48.16
N GLU D 534 -10.91 -23.84 47.92
CA GLU D 534 -9.90 -23.82 48.96
C GLU D 534 -9.81 -22.47 49.66
N GLY D 535 -10.64 -21.50 49.26
CA GLY D 535 -10.69 -20.21 49.90
C GLY D 535 -9.62 -19.24 49.48
N ASN D 536 -8.72 -19.63 48.58
CA ASN D 536 -7.61 -18.76 48.20
C ASN D 536 -8.11 -17.53 47.46
N SER D 537 -7.43 -16.41 47.68
CA SER D 537 -7.75 -15.14 47.05
C SER D 537 -6.81 -14.92 45.86
N ALA D 538 -6.88 -13.73 45.27
CA ALA D 538 -6.00 -13.42 44.14
C ALA D 538 -4.54 -13.42 44.57
N LEU D 539 -4.24 -12.89 45.75
CA LEU D 539 -2.86 -12.84 46.22
C LEU D 539 -2.35 -14.22 46.58
N HIS D 540 -3.26 -15.13 46.96
CA HIS D 540 -2.83 -16.47 47.37
C HIS D 540 -2.31 -17.29 46.20
N ILE D 541 -2.58 -16.85 44.97
CA ILE D 541 -2.18 -17.61 43.80
C ILE D 541 -0.90 -17.06 43.19
N ILE D 542 -0.80 -15.74 43.04
CA ILE D 542 0.38 -15.15 42.44
C ILE D 542 1.59 -15.24 43.37
N VAL D 543 1.39 -15.58 44.64
CA VAL D 543 2.51 -15.60 45.58
C VAL D 543 3.37 -16.84 45.36
N GLN D 544 2.80 -17.89 44.79
CA GLN D 544 3.53 -19.12 44.48
C GLN D 544 3.96 -19.18 43.01
N TYR D 545 4.36 -18.05 42.43
CA TYR D 545 4.71 -17.99 41.01
C TYR D 545 5.90 -18.89 40.68
N ASN D 546 6.91 -18.89 41.55
CA ASN D 546 8.10 -19.75 41.52
C ASN D 546 9.10 -19.38 40.43
N ARG D 547 8.90 -18.29 39.69
CA ARG D 547 9.86 -17.83 38.68
C ARG D 547 10.13 -16.35 38.90
N PRO D 548 10.85 -16.00 39.97
CA PRO D 548 11.11 -14.57 40.25
C PRO D 548 11.85 -13.85 39.13
N ILE D 549 12.84 -14.51 38.51
CA ILE D 549 13.58 -13.87 37.43
C ILE D 549 12.66 -13.62 36.23
N SER D 550 11.82 -14.60 35.91
CA SER D 550 10.85 -14.41 34.84
C SER D 550 9.84 -13.35 35.24
N ASP D 551 9.84 -12.23 34.54
CA ASP D 551 8.94 -11.11 34.82
C ASP D 551 9.14 -10.56 36.23
N PHE D 552 10.37 -10.15 36.54
CA PHE D 552 10.63 -9.39 37.76
C PHE D 552 10.20 -7.93 37.63
N LEU D 553 9.77 -7.54 36.43
CA LEU D 553 9.19 -6.22 36.21
C LEU D 553 7.69 -6.29 35.97
N THR D 554 7.13 -7.49 35.79
CA THR D 554 5.69 -7.67 35.64
C THR D 554 5.05 -8.24 36.90
N LEU D 555 5.85 -8.87 37.77
CA LEU D 555 5.38 -9.31 39.07
C LEU D 555 5.24 -8.14 40.05
N HIS D 556 5.64 -6.94 39.62
CA HIS D 556 5.50 -5.73 40.40
C HIS D 556 4.42 -4.84 39.79
N SER D 557 3.50 -5.45 39.05
CA SER D 557 2.37 -4.72 38.49
C SER D 557 1.07 -5.28 39.05
N ILE D 558 0.94 -6.60 39.01
CA ILE D 558 -0.28 -7.25 39.52
C ILE D 558 -0.42 -7.02 41.01
N ILE D 559 0.70 -6.99 41.75
CA ILE D 559 0.63 -6.81 43.19
C ILE D 559 0.13 -5.41 43.54
N ILE D 560 0.69 -4.38 42.89
CA ILE D 560 0.26 -3.02 43.18
C ILE D 560 -1.17 -2.81 42.71
N SER D 561 -1.55 -3.42 41.59
CA SER D 561 -2.94 -3.30 41.12
C SER D 561 -3.89 -3.97 42.10
N LEU D 562 -3.45 -5.06 42.75
CA LEU D 562 -4.30 -5.73 43.72
C LEU D 562 -4.45 -4.92 45.00
N VAL D 563 -3.35 -4.40 45.54
CA VAL D 563 -3.43 -3.70 46.81
C VAL D 563 -4.27 -2.43 46.67
N GLU D 564 -4.10 -1.71 45.55
CA GLU D 564 -5.00 -0.60 45.27
C GLU D 564 -6.37 -1.14 44.88
N ALA D 565 -7.39 -0.28 45.01
CA ALA D 565 -8.79 -0.58 44.74
C ALA D 565 -9.31 -1.68 45.65
N GLY D 566 -8.67 -1.94 46.80
CA GLY D 566 -9.16 -2.93 47.74
C GLY D 566 -8.44 -4.26 47.68
N ALA D 567 -8.01 -4.74 48.84
CA ALA D 567 -7.41 -6.06 49.00
C ALA D 567 -7.24 -6.31 50.49
N HIS D 568 -7.40 -7.56 50.89
CA HIS D 568 -7.23 -7.97 52.28
C HIS D 568 -6.04 -8.90 52.38
N THR D 569 -5.07 -8.55 53.21
CA THR D 569 -3.76 -9.17 53.18
C THR D 569 -3.54 -10.22 54.26
N ASP D 570 -4.59 -10.61 55.00
CA ASP D 570 -4.38 -11.58 56.07
C ASP D 570 -5.49 -12.62 56.15
N MET D 571 -6.18 -12.87 55.04
CA MET D 571 -7.22 -13.88 55.04
C MET D 571 -6.62 -15.28 55.18
N THR D 572 -7.27 -16.12 55.96
CA THR D 572 -6.89 -17.52 56.13
C THR D 572 -7.93 -18.41 55.49
N ASN D 573 -7.49 -19.42 54.75
CA ASN D 573 -8.36 -20.19 53.89
C ASN D 573 -8.17 -21.69 54.08
N LYS D 574 -9.23 -22.37 54.49
CA LYS D 574 -9.32 -23.83 54.50
C LYS D 574 -8.39 -24.44 55.54
N GLN D 575 -7.53 -23.60 56.11
CA GLN D 575 -6.56 -23.96 57.13
C GLN D 575 -5.81 -22.71 57.52
N ASN D 576 -5.17 -22.75 58.68
CA ASN D 576 -4.45 -21.58 59.16
C ASN D 576 -3.23 -21.31 58.29
N LYS D 577 -3.35 -20.32 57.41
CA LYS D 577 -2.27 -19.93 56.51
C LYS D 577 -2.56 -18.54 55.98
N THR D 578 -1.50 -17.79 55.76
CA THR D 578 -1.56 -16.40 55.31
C THR D 578 -0.86 -16.26 53.98
N PRO D 579 -1.17 -15.22 53.21
CA PRO D 579 -0.42 -14.99 51.95
C PRO D 579 1.08 -14.89 52.17
N LEU D 580 1.51 -14.26 53.25
CA LEU D 580 2.94 -14.20 53.56
C LEU D 580 3.47 -15.56 54.00
N ASP D 581 2.65 -16.32 54.73
CA ASP D 581 3.07 -17.64 55.19
C ASP D 581 3.30 -18.59 54.03
N LYS D 582 2.45 -18.54 53.01
CA LYS D 582 2.55 -19.47 51.89
C LYS D 582 3.58 -19.02 50.85
N SER D 583 4.21 -17.87 51.04
CA SER D 583 5.20 -17.36 50.10
C SER D 583 6.35 -18.35 49.91
N THR D 584 6.45 -18.93 48.71
CA THR D 584 7.49 -19.92 48.44
C THR D 584 8.84 -19.23 48.22
N THR D 585 8.84 -18.08 47.57
CA THR D 585 10.07 -17.38 47.23
C THR D 585 10.36 -16.29 48.25
N GLY D 586 11.65 -16.10 48.53
CA GLY D 586 12.05 -15.01 49.41
C GLY D 586 11.85 -13.65 48.76
N VAL D 587 11.83 -13.62 47.43
CA VAL D 587 11.61 -12.36 46.71
C VAL D 587 10.21 -11.83 47.00
N SER D 588 9.20 -12.69 46.89
CA SER D 588 7.83 -12.27 47.15
C SER D 588 7.64 -11.90 48.61
N GLU D 589 8.35 -12.57 49.52
CA GLU D 589 8.20 -12.30 50.94
C GLU D 589 8.62 -10.87 51.29
N ILE D 590 9.61 -10.31 50.61
CA ILE D 590 10.00 -8.92 50.83
C ILE D 590 9.30 -7.96 49.89
N LEU D 591 8.81 -8.41 48.73
CA LEU D 591 8.09 -7.52 47.84
C LEU D 591 6.77 -7.06 48.46
N LEU D 592 6.13 -7.93 49.23
CA LEU D 592 4.86 -7.58 49.85
C LEU D 592 5.03 -6.51 50.92
N LYS D 593 6.07 -6.63 51.75
CA LYS D 593 6.19 -5.87 52.99
C LYS D 593 6.10 -4.36 52.79
N THR D 594 6.15 -3.89 51.54
CA THR D 594 6.23 -2.45 51.30
C THR D 594 4.86 -1.77 51.38
N GLN D 595 3.77 -2.53 51.33
CA GLN D 595 2.47 -1.94 51.03
C GLN D 595 1.36 -2.28 52.03
N MET D 596 1.67 -2.93 53.16
CA MET D 596 0.60 -3.16 54.12
C MET D 596 0.54 -2.06 55.16
N LYS D 597 -0.46 -2.16 56.04
CA LYS D 597 -0.66 -1.21 57.12
C LYS D 597 -1.43 -1.92 58.22
N MET D 598 -1.06 -1.64 59.46
CA MET D 598 -1.62 -2.31 60.62
C MET D 598 -2.67 -1.44 61.27
N SER D 599 -3.67 -2.09 61.87
CA SER D 599 -4.71 -1.41 62.61
C SER D 599 -5.09 -2.25 63.81
N LEU D 600 -5.56 -1.58 64.87
CA LEU D 600 -5.88 -2.26 66.12
C LEU D 600 -6.93 -3.34 65.95
N LYS D 601 -7.86 -3.17 65.01
CA LYS D 601 -8.87 -4.19 64.76
C LYS D 601 -8.24 -5.51 64.32
N CYS D 602 -7.25 -5.43 63.44
CA CYS D 602 -6.57 -6.64 62.98
C CYS D 602 -5.84 -7.34 64.11
N LEU D 603 -5.07 -6.59 64.91
CA LEU D 603 -4.36 -7.19 66.03
C LEU D 603 -5.29 -7.72 67.10
N ALA D 604 -6.48 -7.18 67.24
CA ALA D 604 -7.47 -7.70 68.18
C ALA D 604 -8.22 -8.92 67.65
N ALA D 605 -8.40 -9.02 66.33
CA ALA D 605 -9.15 -10.14 65.77
C ALA D 605 -8.44 -11.47 65.99
N ARG D 606 -7.11 -11.49 65.85
CA ARG D 606 -6.38 -12.75 65.89
C ARG D 606 -6.52 -13.44 67.24
N ALA D 607 -6.37 -12.69 68.33
CA ALA D 607 -6.38 -13.29 69.67
C ALA D 607 -7.72 -13.93 69.99
N VAL D 608 -8.81 -13.42 69.41
CA VAL D 608 -10.12 -13.99 69.67
C VAL D 608 -10.20 -15.41 69.13
N ARG D 609 -9.65 -15.65 67.94
CA ARG D 609 -9.76 -16.96 67.32
C ARG D 609 -8.66 -17.90 67.81
N ALA D 610 -7.43 -17.40 67.94
CA ALA D 610 -6.34 -18.25 68.39
C ALA D 610 -6.59 -18.77 69.80
N ASN D 611 -7.03 -17.90 70.69
CA ASN D 611 -7.49 -18.29 72.03
C ASN D 611 -9.01 -18.37 71.94
N ASP D 612 -9.51 -19.56 71.61
CA ASP D 612 -10.92 -19.71 71.26
C ASP D 612 -11.83 -19.41 72.45
N ILE D 613 -12.74 -18.46 72.24
CA ILE D 613 -13.79 -18.14 73.21
C ILE D 613 -15.09 -18.05 72.42
N ASN D 614 -16.22 -18.01 73.11
CA ASN D 614 -17.52 -17.91 72.46
C ASN D 614 -17.65 -16.51 71.88
N TYR D 615 -17.29 -16.37 70.60
CA TYR D 615 -17.36 -15.09 69.89
C TYR D 615 -18.65 -14.93 69.10
N GLN D 616 -19.73 -15.60 69.53
CA GLN D 616 -20.99 -15.56 68.82
C GLN D 616 -22.07 -14.99 69.72
N ASP D 617 -22.87 -14.07 69.17
CA ASP D 617 -24.07 -13.46 69.74
C ASP D 617 -23.77 -12.43 70.83
N GLN D 618 -22.51 -12.12 71.12
CA GLN D 618 -22.16 -11.08 72.08
C GLN D 618 -21.48 -9.89 71.41
N ILE D 619 -21.56 -9.81 70.09
CA ILE D 619 -20.94 -8.73 69.33
C ILE D 619 -21.92 -8.21 68.30
N PRO D 620 -21.69 -7.00 67.78
CA PRO D 620 -22.52 -6.50 66.68
C PRO D 620 -22.51 -7.46 65.50
N ARG D 621 -23.63 -7.46 64.77
CA ARG D 621 -23.83 -8.45 63.71
C ARG D 621 -22.77 -8.34 62.62
N THR D 622 -22.42 -7.11 62.23
CA THR D 622 -21.49 -6.92 61.12
C THR D 622 -20.12 -7.49 61.42
N LEU D 623 -19.62 -7.28 62.64
CA LEU D 623 -18.26 -7.73 62.97
C LEU D 623 -18.18 -9.25 63.08
N GLU D 624 -19.31 -9.93 63.15
CA GLU D 624 -19.29 -11.39 63.24
C GLU D 624 -18.64 -12.00 62.00
N GLU D 625 -19.01 -11.50 60.81
CA GLU D 625 -18.35 -11.95 59.60
C GLU D 625 -16.88 -11.51 59.54
N PHE D 626 -16.59 -10.27 59.91
CA PHE D 626 -15.23 -9.75 59.85
C PHE D 626 -14.26 -10.52 60.73
N VAL D 627 -14.72 -11.03 61.88
CA VAL D 627 -13.88 -11.85 62.74
C VAL D 627 -13.78 -13.28 62.23
N GLY D 628 -14.38 -13.58 61.08
CA GLY D 628 -14.35 -14.91 60.52
C GLY D 628 -13.14 -15.21 59.68
N PHE D 629 -12.83 -14.33 58.72
CA PHE D 629 -11.71 -14.60 57.82
C PHE D 629 -10.41 -14.02 58.36
N HIS D 630 -10.50 -13.10 59.32
CA HIS D 630 -9.30 -12.52 59.92
C HIS D 630 -8.86 -13.31 61.14
N MET E 1 -30.73 -12.41 -70.55
CA MET E 1 -31.57 -13.38 -71.23
C MET E 1 -31.89 -14.54 -70.26
N SER E 2 -32.49 -15.62 -70.77
CA SER E 2 -32.89 -16.75 -69.91
C SER E 2 -31.70 -17.67 -69.72
N LEU E 3 -31.24 -17.77 -68.48
CA LEU E 3 -30.18 -18.71 -68.14
C LEU E 3 -30.66 -20.14 -68.42
N LYS E 4 -30.06 -20.76 -69.44
CA LYS E 4 -30.50 -22.06 -69.91
C LYS E 4 -29.39 -22.68 -70.73
N PRO E 5 -29.21 -23.99 -70.64
CA PRO E 5 -28.21 -24.65 -71.50
C PRO E 5 -28.65 -24.57 -72.96
N ARG E 6 -27.92 -23.78 -73.75
CA ARG E 6 -28.23 -23.60 -75.15
C ARG E 6 -26.98 -23.87 -75.98
N VAL E 7 -27.19 -24.43 -77.17
CA VAL E 7 -26.07 -24.81 -78.03
C VAL E 7 -25.36 -23.56 -78.53
N VAL E 8 -24.03 -23.60 -78.44
CA VAL E 8 -23.19 -22.49 -78.89
C VAL E 8 -21.86 -23.07 -79.37
N ASP E 9 -21.19 -22.36 -80.27
CA ASP E 9 -19.91 -22.78 -80.81
C ASP E 9 -18.77 -22.12 -80.04
N PHE E 10 -17.54 -22.50 -80.39
CA PHE E 10 -16.38 -22.03 -79.63
C PHE E 10 -15.61 -20.97 -80.42
N ASP E 11 -15.44 -21.19 -81.72
CA ASP E 11 -14.59 -20.30 -82.52
C ASP E 11 -15.14 -18.88 -82.55
N GLU E 12 -16.45 -18.72 -82.71
CA GLU E 12 -17.04 -17.40 -82.73
C GLU E 12 -16.96 -16.73 -81.36
N THR E 13 -17.03 -17.52 -80.29
CA THR E 13 -17.03 -16.95 -78.95
C THR E 13 -15.63 -16.50 -78.53
N TRP E 14 -14.60 -17.27 -78.89
CA TRP E 14 -13.27 -17.04 -78.32
C TRP E 14 -12.70 -15.68 -78.72
N ASN E 15 -12.84 -15.29 -79.99
CA ASN E 15 -12.27 -14.02 -80.43
C ASN E 15 -12.92 -12.84 -79.74
N LYS E 16 -14.22 -12.94 -79.45
CA LYS E 16 -14.92 -11.86 -78.74
C LYS E 16 -14.29 -11.62 -77.37
N LEU E 17 -14.00 -12.68 -76.64
CA LEU E 17 -13.34 -12.52 -75.34
C LEU E 17 -11.90 -12.06 -75.52
N LEU E 18 -11.22 -12.56 -76.56
CA LEU E 18 -9.80 -12.24 -76.76
C LEU E 18 -9.60 -10.75 -77.04
N THR E 19 -10.52 -10.15 -77.81
CA THR E 19 -10.37 -8.74 -78.17
C THR E 19 -10.29 -7.86 -76.93
N THR E 20 -11.17 -8.07 -75.96
CA THR E 20 -11.18 -7.29 -74.73
C THR E 20 -10.16 -7.79 -73.72
N ILE E 21 -9.76 -9.06 -73.78
CA ILE E 21 -8.75 -9.59 -72.88
C ILE E 21 -7.36 -9.09 -73.26
N LYS E 22 -7.19 -8.63 -74.50
CA LYS E 22 -5.92 -8.04 -74.92
C LYS E 22 -5.65 -6.74 -74.18
N ALA E 23 -6.63 -5.83 -74.12
CA ALA E 23 -6.40 -4.51 -73.54
C ALA E 23 -6.26 -4.58 -72.02
N VAL E 24 -7.03 -5.46 -71.36
CA VAL E 24 -6.99 -5.58 -69.90
C VAL E 24 -5.58 -6.00 -69.49
N VAL E 25 -4.87 -6.67 -70.40
CA VAL E 25 -3.43 -6.87 -70.27
C VAL E 25 -2.77 -5.61 -70.79
N MET E 26 -1.84 -5.06 -70.00
CA MET E 26 -1.19 -3.76 -70.17
C MET E 26 -2.16 -2.60 -69.86
N LEU E 27 -3.42 -2.90 -69.52
CA LEU E 27 -4.29 -1.92 -68.85
C LEU E 27 -4.53 -0.66 -69.69
N GLU E 28 -5.12 -0.85 -70.86
CA GLU E 28 -5.59 0.29 -71.65
C GLU E 28 -7.07 0.50 -71.34
N TYR E 29 -7.70 1.47 -72.01
CA TYR E 29 -9.07 1.85 -71.68
C TYR E 29 -10.06 0.77 -72.12
N VAL E 30 -11.16 0.67 -71.39
CA VAL E 30 -12.27 -0.21 -71.74
C VAL E 30 -13.55 0.41 -71.20
N GLU E 31 -14.64 0.21 -71.92
CA GLU E 31 -15.92 0.78 -71.51
C GLU E 31 -16.48 0.02 -70.31
N ARG E 32 -17.21 0.75 -69.46
CA ARG E 32 -17.89 0.13 -68.34
C ARG E 32 -18.95 -0.86 -68.82
N ALA E 33 -19.79 -0.43 -69.77
CA ALA E 33 -20.87 -1.28 -70.25
C ALA E 33 -20.32 -2.53 -70.92
N THR E 34 -19.29 -2.39 -71.75
CA THR E 34 -18.72 -3.55 -72.43
C THR E 34 -18.13 -4.53 -71.42
N TRP E 35 -17.46 -4.03 -70.39
CA TRP E 35 -16.93 -4.90 -69.34
C TRP E 35 -18.06 -5.63 -68.62
N ASN E 36 -19.16 -4.92 -68.33
CA ASN E 36 -20.26 -5.55 -67.60
C ASN E 36 -20.91 -6.66 -68.41
N ASP E 37 -21.00 -6.49 -69.74
CA ASP E 37 -21.72 -7.44 -70.56
C ASP E 37 -21.04 -8.80 -70.61
N ARG E 38 -19.70 -8.81 -70.70
CA ARG E 38 -19.00 -10.03 -71.07
C ARG E 38 -19.04 -11.10 -69.99
N PHE E 39 -19.47 -10.76 -68.77
CA PHE E 39 -19.65 -11.80 -67.76
C PHE E 39 -20.71 -12.83 -68.16
N SER E 40 -21.59 -12.50 -69.12
CA SER E 40 -22.61 -13.43 -69.57
C SER E 40 -22.05 -14.55 -70.45
N ASP E 41 -20.85 -14.38 -70.99
CA ASP E 41 -20.32 -15.34 -71.95
C ASP E 41 -19.58 -16.51 -71.29
N ILE E 42 -18.79 -16.24 -70.25
CA ILE E 42 -18.07 -17.32 -69.58
C ILE E 42 -19.04 -18.31 -68.96
N TYR E 43 -20.18 -17.82 -68.48
CA TYR E 43 -21.22 -18.72 -67.96
C TYR E 43 -21.66 -19.72 -69.01
N ALA E 44 -22.17 -19.24 -70.13
CA ALA E 44 -22.62 -20.11 -71.22
C ALA E 44 -21.49 -20.91 -71.85
N LEU E 45 -20.24 -20.50 -71.64
CA LEU E 45 -19.12 -21.27 -72.19
C LEU E 45 -18.64 -22.36 -71.24
N CYS E 46 -18.91 -22.24 -69.94
CA CYS E 46 -18.50 -23.24 -68.96
C CYS E 46 -19.61 -24.22 -68.68
N VAL E 47 -20.77 -24.01 -69.31
CA VAL E 47 -21.87 -24.97 -69.26
C VAL E 47 -22.70 -24.80 -70.53
N ALA E 48 -23.00 -25.89 -71.20
CA ALA E 48 -23.62 -25.82 -72.51
C ALA E 48 -24.70 -26.89 -72.61
N TYR E 49 -25.52 -26.78 -73.65
CA TYR E 49 -26.59 -27.72 -73.94
C TYR E 49 -26.06 -29.09 -74.37
N PRO E 50 -25.14 -29.19 -75.37
CA PRO E 50 -24.68 -30.51 -75.78
C PRO E 50 -23.86 -31.23 -74.72
N GLU E 51 -22.83 -30.56 -74.20
CA GLU E 51 -21.93 -31.12 -73.20
C GLU E 51 -21.07 -30.02 -72.61
N PRO E 52 -20.55 -30.18 -71.39
CA PRO E 52 -19.79 -29.11 -70.73
C PRO E 52 -18.47 -28.83 -71.44
N LEU E 53 -18.38 -27.66 -72.07
CA LEU E 53 -17.21 -27.27 -72.86
C LEU E 53 -16.28 -26.40 -71.99
N GLY E 54 -15.73 -27.01 -70.95
CA GLY E 54 -14.91 -26.28 -70.02
C GLY E 54 -13.41 -26.49 -70.14
N GLU E 55 -12.99 -27.75 -70.32
CA GLU E 55 -11.57 -28.06 -70.33
C GLU E 55 -10.84 -27.40 -71.50
N ARG E 56 -11.44 -27.44 -72.69
CA ARG E 56 -10.86 -26.78 -73.86
C ARG E 56 -10.84 -25.26 -73.67
N LEU E 57 -11.88 -24.72 -73.04
CA LEU E 57 -11.91 -23.30 -72.70
C LEU E 57 -10.73 -22.92 -71.82
N TYR E 58 -10.44 -23.73 -70.80
CA TYR E 58 -9.24 -23.50 -70.01
C TYR E 58 -7.98 -23.68 -70.84
N THR E 59 -7.99 -24.68 -71.74
CA THR E 59 -6.79 -25.06 -72.47
C THR E 59 -6.26 -23.89 -73.30
N GLU E 60 -7.16 -23.17 -73.98
CA GLU E 60 -6.68 -22.05 -74.78
C GLU E 60 -6.55 -20.75 -73.98
N THR E 61 -6.81 -20.78 -72.67
CA THR E 61 -6.50 -19.62 -71.84
C THR E 61 -4.99 -19.46 -71.67
N LYS E 62 -4.20 -20.41 -72.16
CA LYS E 62 -2.77 -20.42 -71.91
C LYS E 62 -2.01 -19.51 -72.87
N ILE E 63 -2.34 -19.59 -74.16
CA ILE E 63 -1.40 -19.20 -75.20
C ILE E 63 -1.18 -17.68 -75.24
N PHE E 64 -2.23 -16.88 -75.06
CA PHE E 64 -2.07 -15.43 -75.14
C PHE E 64 -1.28 -14.91 -73.95
N LEU E 65 -1.64 -15.36 -72.75
CA LEU E 65 -0.90 -14.99 -71.54
C LEU E 65 0.53 -15.47 -71.62
N GLU E 66 0.77 -16.58 -72.32
CA GLU E 66 2.13 -17.09 -72.47
C GLU E 66 2.95 -16.24 -73.43
N ASN E 67 2.36 -15.87 -74.56
CA ASN E 67 3.11 -15.24 -75.64
C ASN E 67 3.12 -13.72 -75.59
N HIS E 68 2.37 -13.11 -74.67
CA HIS E 68 2.63 -11.70 -74.41
C HIS E 68 4.01 -11.53 -73.79
N VAL E 69 4.36 -12.38 -72.83
CA VAL E 69 5.69 -12.34 -72.24
C VAL E 69 6.74 -12.79 -73.25
N ARG E 70 6.35 -13.64 -74.21
CA ARG E 70 7.28 -13.97 -75.31
C ARG E 70 7.68 -12.73 -76.09
N HIS E 71 6.69 -11.91 -76.48
CA HIS E 71 7.00 -10.65 -77.14
C HIS E 71 7.81 -9.73 -76.22
N LEU E 72 7.52 -9.78 -74.92
CA LEU E 72 8.17 -8.86 -73.99
C LEU E 72 9.65 -9.19 -73.82
N HIS E 73 9.98 -10.49 -73.76
CA HIS E 73 11.32 -10.95 -73.47
C HIS E 73 12.14 -11.05 -74.76
N LYS E 74 13.45 -10.89 -74.60
CA LYS E 74 14.41 -10.81 -75.70
C LYS E 74 14.18 -9.54 -76.50
N ARG E 75 13.12 -8.81 -76.16
CA ARG E 75 12.96 -7.43 -76.59
C ARG E 75 13.30 -6.48 -75.45
N VAL E 76 13.11 -6.94 -74.21
CA VAL E 76 13.60 -6.18 -73.06
C VAL E 76 15.10 -5.92 -73.17
N LEU E 77 15.85 -6.95 -73.58
CA LEU E 77 17.31 -6.80 -73.72
C LEU E 77 17.69 -5.83 -74.83
N GLU E 78 16.77 -5.55 -75.76
CA GLU E 78 17.07 -4.64 -76.87
C GLU E 78 17.44 -3.25 -76.39
N SER E 79 16.70 -2.74 -75.40
CA SER E 79 16.98 -1.41 -74.89
C SER E 79 18.27 -1.42 -74.07
N GLU E 80 19.14 -0.46 -74.35
CA GLU E 80 20.40 -0.30 -73.62
C GLU E 80 20.40 1.04 -72.90
N GLU E 81 21.18 1.11 -71.81
CA GLU E 81 21.12 2.16 -70.80
C GLU E 81 19.78 2.18 -70.08
N GLN E 82 18.90 1.23 -70.40
CA GLN E 82 17.65 1.07 -69.64
C GLN E 82 17.48 -0.35 -69.12
N VAL E 83 18.52 -1.18 -69.16
CA VAL E 83 18.38 -2.57 -68.71
C VAL E 83 17.87 -2.60 -67.27
N LEU E 84 18.21 -1.57 -66.48
CA LEU E 84 17.61 -1.42 -65.17
C LEU E 84 16.16 -0.96 -65.26
N VAL E 85 15.74 -0.46 -66.42
CA VAL E 85 14.40 0.11 -66.54
C VAL E 85 13.38 -0.90 -67.07
N MET E 86 13.81 -1.86 -67.89
CA MET E 86 12.87 -2.85 -68.43
C MET E 86 12.16 -3.62 -67.31
N TYR E 87 12.91 -4.12 -66.33
CA TYR E 87 12.32 -4.96 -65.31
C TYR E 87 11.32 -4.18 -64.46
N HIS E 88 11.63 -2.92 -64.15
CA HIS E 88 10.72 -2.09 -63.35
C HIS E 88 9.58 -1.54 -64.21
N ARG E 89 9.74 -1.56 -65.53
CA ARG E 89 8.82 -0.84 -66.41
C ARG E 89 7.53 -1.62 -66.63
N TYR E 90 7.63 -2.82 -67.20
CA TYR E 90 6.46 -3.52 -67.71
C TYR E 90 5.80 -4.41 -66.66
N TRP E 91 6.56 -4.84 -65.64
CA TRP E 91 5.94 -5.43 -64.46
C TRP E 91 4.92 -4.50 -63.83
N GLU E 92 5.22 -3.19 -63.80
CA GLU E 92 4.33 -2.21 -63.19
C GLU E 92 2.91 -2.33 -63.74
N GLU E 93 2.77 -2.55 -65.05
CA GLU E 93 1.46 -2.71 -65.64
C GLU E 93 0.96 -4.15 -65.55
N TYR E 94 1.83 -5.13 -65.86
CA TYR E 94 1.36 -6.50 -66.02
C TYR E 94 0.89 -7.10 -64.68
N SER E 95 1.71 -6.93 -63.63
CA SER E 95 1.35 -7.50 -62.33
C SER E 95 0.08 -6.85 -61.78
N LYS E 96 -0.06 -5.53 -61.96
CA LYS E 96 -1.25 -4.85 -61.47
C LYS E 96 -2.44 -5.12 -62.38
N GLY E 97 -2.22 -5.63 -63.58
CA GLY E 97 -3.33 -6.00 -64.44
C GLY E 97 -3.87 -7.38 -64.14
N ALA E 98 -3.01 -8.30 -63.73
CA ALA E 98 -3.39 -9.70 -63.51
C ALA E 98 -4.50 -9.88 -62.47
N ASP E 99 -4.52 -9.07 -61.41
CA ASP E 99 -5.56 -9.21 -60.40
C ASP E 99 -6.94 -8.92 -61.00
N TYR E 100 -7.01 -7.95 -61.92
CA TYR E 100 -8.26 -7.66 -62.60
C TYR E 100 -8.74 -8.87 -63.42
N MET E 101 -7.82 -9.54 -64.11
CA MET E 101 -8.12 -10.83 -64.73
C MET E 101 -8.70 -11.82 -63.73
N ASP E 102 -8.16 -11.85 -62.51
CA ASP E 102 -8.66 -12.80 -61.52
C ASP E 102 -10.14 -12.57 -61.21
N CYS E 103 -10.54 -11.30 -61.05
CA CYS E 103 -11.94 -11.01 -60.74
C CYS E 103 -12.86 -11.46 -61.85
N LEU E 104 -12.46 -11.24 -63.11
CA LEU E 104 -13.27 -11.60 -64.25
C LEU E 104 -13.29 -13.11 -64.50
N TYR E 105 -12.29 -13.85 -64.00
CA TYR E 105 -12.30 -15.31 -64.17
C TYR E 105 -12.68 -16.04 -62.88
N ARG E 106 -13.13 -15.31 -61.86
CA ARG E 106 -13.53 -15.90 -60.58
C ARG E 106 -14.33 -17.21 -60.73
N TYR E 107 -15.30 -17.24 -61.65
CA TYR E 107 -16.24 -18.37 -61.68
C TYR E 107 -15.53 -19.70 -61.96
N LEU E 108 -14.63 -19.70 -62.94
CA LEU E 108 -13.85 -20.89 -63.28
C LEU E 108 -12.96 -21.34 -62.14
N ASN E 109 -12.28 -20.41 -61.47
CA ASN E 109 -11.57 -20.71 -60.24
C ASN E 109 -12.47 -21.28 -59.15
N THR E 110 -13.75 -20.89 -59.15
CA THR E 110 -14.66 -21.30 -58.08
C THR E 110 -15.14 -22.73 -58.27
N GLN E 111 -15.76 -23.03 -59.40
CA GLN E 111 -16.54 -24.26 -59.49
C GLN E 111 -15.80 -25.46 -60.05
N PHE E 112 -14.71 -25.29 -60.81
CA PHE E 112 -14.08 -26.46 -61.37
C PHE E 112 -12.56 -26.46 -61.22
N ILE E 113 -11.96 -25.29 -61.01
CA ILE E 113 -10.50 -25.22 -60.98
C ILE E 113 -9.96 -25.74 -59.66
N LYS E 114 -10.45 -25.22 -58.54
CA LYS E 114 -9.92 -25.59 -57.24
C LYS E 114 -10.48 -26.91 -56.72
N LYS E 115 -11.47 -27.49 -57.40
CA LYS E 115 -11.99 -28.79 -56.99
C LYS E 115 -10.96 -29.89 -57.17
N ASN E 116 -10.02 -29.70 -58.09
CA ASN E 116 -8.96 -30.66 -58.34
C ASN E 116 -7.64 -30.28 -57.66
N LYS E 117 -7.65 -29.26 -56.82
CA LYS E 117 -6.45 -28.82 -56.13
C LYS E 117 -5.96 -29.86 -55.12
N PRO E 135 -2.00 -30.37 -60.94
CA PRO E 135 -3.16 -29.46 -60.87
C PRO E 135 -2.77 -28.00 -61.05
N LEU E 136 -3.75 -27.17 -61.38
CA LEU E 136 -3.51 -25.78 -61.73
C LEU E 136 -4.11 -24.85 -60.67
N MET E 137 -3.41 -23.75 -60.39
CA MET E 137 -3.89 -22.74 -59.47
C MET E 137 -4.60 -21.63 -60.25
N GLU E 138 -4.94 -20.53 -59.56
CA GLU E 138 -5.74 -19.48 -60.17
C GLU E 138 -4.98 -18.81 -61.32
N ILE E 139 -5.71 -17.98 -62.07
CA ILE E 139 -5.18 -17.42 -63.31
C ILE E 139 -4.08 -16.41 -63.02
N GLY E 140 -4.28 -15.54 -62.03
CA GLY E 140 -3.32 -14.48 -61.78
C GLY E 140 -1.96 -15.02 -61.34
N GLU E 141 -1.96 -15.97 -60.41
CA GLU E 141 -0.72 -16.60 -60.00
C GLU E 141 -0.09 -17.44 -61.10
N LEU E 142 -0.89 -18.02 -62.00
CA LEU E 142 -0.31 -18.67 -63.18
C LEU E 142 0.40 -17.64 -64.06
N ALA E 143 -0.23 -16.49 -64.28
CA ALA E 143 0.41 -15.43 -65.06
C ALA E 143 1.73 -15.01 -64.43
N LEU E 144 1.74 -14.84 -63.11
CA LEU E 144 2.98 -14.54 -62.41
C LEU E 144 3.99 -15.67 -62.50
N ASP E 145 3.54 -16.92 -62.53
CA ASP E 145 4.46 -18.05 -62.61
C ASP E 145 5.17 -18.08 -63.96
N MET E 146 4.45 -17.83 -65.06
CA MET E 146 5.12 -17.75 -66.36
C MET E 146 6.13 -16.59 -66.41
N TRP E 147 5.77 -15.45 -65.81
CA TRP E 147 6.72 -14.36 -65.70
C TRP E 147 7.97 -14.79 -64.94
N ARG E 148 7.79 -15.54 -63.86
CA ARG E 148 8.93 -16.08 -63.13
C ARG E 148 9.77 -16.99 -64.01
N LYS E 149 9.12 -17.87 -64.78
CA LYS E 149 9.84 -18.86 -65.56
C LYS E 149 10.64 -18.21 -66.69
N LEU E 150 10.06 -17.23 -67.37
CA LEU E 150 10.58 -16.79 -68.67
C LEU E 150 11.13 -15.36 -68.64
N MET E 151 10.47 -14.44 -67.93
CA MET E 151 10.82 -13.03 -68.09
C MET E 151 12.21 -12.73 -67.52
N VAL E 152 12.41 -12.98 -66.23
CA VAL E 152 13.59 -12.45 -65.55
C VAL E 152 14.64 -13.53 -65.32
N GLU E 153 14.22 -14.72 -64.91
CA GLU E 153 15.17 -15.79 -64.59
C GLU E 153 16.07 -16.21 -65.75
N PRO E 154 15.58 -16.29 -66.99
CA PRO E 154 16.55 -16.36 -68.11
C PRO E 154 17.46 -15.14 -68.18
N LEU E 155 16.96 -13.95 -67.83
CA LEU E 155 17.72 -12.72 -68.00
C LEU E 155 18.58 -12.40 -66.77
N GLN E 156 18.28 -13.00 -65.61
CA GLN E 156 18.88 -12.56 -64.35
C GLN E 156 20.40 -12.66 -64.38
N ALA E 157 20.95 -13.61 -65.13
CA ALA E 157 22.40 -13.76 -65.17
C ALA E 157 23.09 -12.45 -65.50
N ILE E 158 22.50 -11.67 -66.41
CA ILE E 158 22.98 -10.29 -66.62
C ILE E 158 22.52 -9.39 -65.49
N LEU E 159 21.27 -9.55 -65.04
CA LEU E 159 20.69 -8.61 -64.09
C LEU E 159 20.97 -8.95 -62.64
N ILE E 160 21.58 -10.10 -62.35
CA ILE E 160 21.99 -10.33 -60.97
C ILE E 160 23.07 -9.34 -60.57
N ARG E 161 24.00 -9.06 -61.49
CA ARG E 161 25.04 -8.12 -61.21
C ARG E 161 24.65 -6.75 -61.79
N MET E 162 25.57 -5.79 -61.75
CA MET E 162 25.32 -4.44 -62.31
C MET E 162 24.34 -3.66 -61.43
N LEU E 163 23.63 -4.34 -60.53
CA LEU E 163 22.65 -3.66 -59.69
C LEU E 163 23.35 -2.84 -58.62
N LEU E 164 24.16 -3.50 -57.79
CA LEU E 164 24.98 -2.83 -56.80
C LEU E 164 26.25 -2.25 -57.41
N ARG E 165 26.43 -2.35 -58.71
CA ARG E 165 27.40 -1.49 -59.37
C ARG E 165 26.96 -0.03 -59.25
N GLU E 166 25.65 0.20 -59.33
CA GLU E 166 25.11 1.54 -59.11
C GLU E 166 24.86 1.81 -57.63
N ILE E 167 24.42 0.79 -56.89
CA ILE E 167 23.98 1.00 -55.51
C ILE E 167 25.17 1.02 -54.55
N LYS E 168 26.10 0.07 -54.70
CA LYS E 168 27.32 0.03 -53.92
C LYS E 168 28.08 1.33 -54.06
N ASN E 169 27.92 2.00 -55.20
CA ASN E 169 28.44 3.36 -55.36
C ASN E 169 27.43 4.32 -54.75
N ASP E 170 27.04 4.01 -53.51
CA ASP E 170 26.54 4.98 -52.55
C ASP E 170 27.65 5.51 -51.68
N ARG E 171 28.73 4.73 -51.54
CA ARG E 171 29.97 5.17 -50.89
C ARG E 171 30.91 5.72 -51.95
N GLY E 172 30.47 6.78 -52.61
CA GLY E 172 31.24 7.42 -53.66
C GLY E 172 30.57 7.54 -55.01
N GLY E 173 29.24 7.58 -55.06
CA GLY E 173 28.54 7.75 -56.31
C GLY E 173 27.17 8.37 -56.10
N GLU E 174 26.67 9.00 -57.15
CA GLU E 174 25.38 9.68 -57.08
C GLU E 174 24.24 8.67 -56.94
N ASP E 175 23.21 9.05 -56.20
CA ASP E 175 22.06 8.19 -56.01
C ASP E 175 21.24 8.11 -57.30
N PRO E 176 20.94 6.91 -57.78
CA PRO E 176 20.00 6.78 -58.91
C PRO E 176 18.57 6.93 -58.42
N ASN E 177 17.60 6.69 -59.31
CA ASN E 177 16.20 6.74 -58.93
C ASN E 177 15.94 5.71 -57.83
N GLN E 178 15.52 6.20 -56.66
CA GLN E 178 15.18 5.29 -55.56
C GLN E 178 14.02 4.38 -55.94
N LYS E 179 13.14 4.85 -56.82
CA LYS E 179 11.93 4.10 -57.16
C LYS E 179 12.26 2.83 -57.92
N VAL E 180 13.14 2.91 -58.92
CA VAL E 180 13.30 1.80 -59.86
C VAL E 180 13.89 0.58 -59.17
N ILE E 181 15.03 0.75 -58.51
CA ILE E 181 15.72 -0.37 -57.86
C ILE E 181 14.98 -0.91 -56.65
N HIS E 182 14.34 -0.05 -55.86
CA HIS E 182 13.52 -0.53 -54.75
C HIS E 182 12.41 -1.44 -55.26
N GLY E 183 11.71 -1.02 -56.32
CA GLY E 183 10.69 -1.87 -56.89
C GLY E 183 11.26 -3.13 -57.52
N VAL E 184 12.45 -3.02 -58.12
CA VAL E 184 13.10 -4.19 -58.71
C VAL E 184 13.34 -5.26 -57.65
N ILE E 185 13.85 -4.85 -56.49
CA ILE E 185 14.09 -5.79 -55.41
C ILE E 185 12.78 -6.27 -54.81
N ASN E 186 11.80 -5.37 -54.66
CA ASN E 186 10.55 -5.72 -54.00
C ASN E 186 9.75 -6.75 -54.81
N SER E 187 9.69 -6.59 -56.12
CA SER E 187 8.92 -7.49 -56.97
C SER E 187 9.44 -8.92 -56.97
N PHE E 188 10.69 -9.13 -56.54
CA PHE E 188 11.19 -10.49 -56.37
C PHE E 188 10.39 -11.23 -55.32
N VAL E 189 9.95 -10.52 -54.27
CA VAL E 189 9.12 -11.13 -53.23
C VAL E 189 7.72 -11.42 -53.78
N HIS E 190 7.22 -10.53 -54.64
CA HIS E 190 5.81 -10.57 -55.03
C HIS E 190 5.46 -11.83 -55.81
N VAL E 191 6.40 -12.37 -56.59
CA VAL E 191 6.07 -13.51 -57.44
C VAL E 191 5.76 -14.74 -56.58
N GLU E 192 6.56 -14.99 -55.55
CA GLU E 192 6.33 -16.09 -54.63
C GLU E 192 5.60 -15.61 -53.37
N GLN E 193 4.86 -14.51 -53.48
CA GLN E 193 4.08 -14.02 -52.36
C GLN E 193 3.01 -15.02 -51.94
N TYR E 194 2.35 -15.65 -52.92
CA TYR E 194 1.33 -16.64 -52.65
C TYR E 194 1.89 -18.05 -52.49
N LYS E 195 3.20 -18.21 -52.59
CA LYS E 195 3.82 -19.47 -52.19
C LYS E 195 3.80 -19.57 -50.67
N LYS E 196 3.03 -20.53 -50.16
CA LYS E 196 2.58 -20.48 -48.76
C LYS E 196 3.75 -20.51 -47.79
N LYS E 197 4.72 -21.40 -48.01
CA LYS E 197 5.87 -21.53 -47.14
C LYS E 197 7.10 -20.92 -47.82
N PHE E 198 8.14 -20.70 -47.02
CA PHE E 198 9.41 -20.17 -47.50
C PHE E 198 9.22 -18.87 -48.29
N PRO E 199 8.68 -17.82 -47.67
CA PRO E 199 8.29 -16.63 -48.44
C PRO E 199 9.44 -15.92 -49.14
N LEU E 200 10.64 -15.92 -48.55
CA LEU E 200 11.71 -15.05 -48.99
C LEU E 200 12.95 -15.82 -49.48
N LYS E 201 12.79 -17.09 -49.84
CA LYS E 201 13.94 -17.88 -50.24
C LYS E 201 14.59 -17.37 -51.52
N PHE E 202 13.80 -17.05 -52.55
CA PHE E 202 14.37 -16.58 -53.81
C PHE E 202 15.14 -15.28 -53.63
N TYR E 203 14.66 -14.40 -52.75
CA TYR E 203 15.40 -13.18 -52.41
C TYR E 203 16.79 -13.52 -51.89
N GLN E 204 16.90 -14.56 -51.07
CA GLN E 204 18.21 -15.02 -50.63
C GLN E 204 19.01 -15.61 -51.79
N GLU E 205 18.35 -16.37 -52.67
CA GLU E 205 19.06 -17.05 -53.75
C GLU E 205 19.72 -16.07 -54.71
N ILE E 206 19.00 -15.02 -55.10
CA ILE E 206 19.46 -14.18 -56.20
C ILE E 206 20.11 -12.90 -55.71
N PHE E 207 19.76 -12.44 -54.52
CA PHE E 207 20.22 -11.14 -54.06
C PHE E 207 21.06 -11.19 -52.79
N GLU E 208 20.57 -11.89 -51.75
CA GLU E 208 21.14 -11.75 -50.42
C GLU E 208 22.59 -12.20 -50.37
N SER E 209 22.90 -13.36 -50.95
CA SER E 209 24.25 -13.90 -50.81
C SER E 209 25.32 -13.03 -51.47
N PRO E 210 25.22 -12.64 -52.75
CA PRO E 210 26.28 -11.82 -53.33
C PRO E 210 26.35 -10.43 -52.73
N PHE E 211 25.19 -9.80 -52.51
CA PHE E 211 25.17 -8.47 -51.91
C PHE E 211 25.79 -8.50 -50.51
N LEU E 212 25.57 -9.59 -49.77
CA LEU E 212 26.25 -9.76 -48.49
C LEU E 212 27.75 -9.87 -48.67
N THR E 213 28.21 -10.91 -49.38
CA THR E 213 29.63 -11.23 -49.44
C THR E 213 30.47 -10.16 -50.10
N GLU E 214 30.11 -9.70 -51.30
CA GLU E 214 30.97 -8.75 -52.01
C GLU E 214 31.01 -7.41 -51.29
N THR E 215 29.86 -6.93 -50.79
CA THR E 215 29.84 -5.66 -50.07
C THR E 215 30.64 -5.77 -48.78
N GLY E 216 30.51 -6.88 -48.05
CA GLY E 216 31.32 -7.07 -46.86
C GLY E 216 32.81 -7.08 -47.17
N GLU E 217 33.19 -7.77 -48.25
CA GLU E 217 34.60 -7.79 -48.66
C GLU E 217 35.11 -6.39 -48.96
N TYR E 218 34.37 -5.63 -49.77
CA TYR E 218 34.82 -4.29 -50.13
C TYR E 218 34.90 -3.39 -48.90
N TYR E 219 33.89 -3.45 -48.02
CA TYR E 219 33.86 -2.57 -46.87
C TYR E 219 34.96 -2.93 -45.87
N LYS E 220 35.32 -4.22 -45.81
CA LYS E 220 36.41 -4.63 -44.94
C LYS E 220 37.76 -4.21 -45.49
N GLN E 221 37.97 -4.38 -46.80
CA GLN E 221 39.25 -4.05 -47.39
C GLN E 221 39.48 -2.55 -47.48
N GLU E 222 38.40 -1.76 -47.56
CA GLU E 222 38.57 -0.32 -47.61
C GLU E 222 39.13 0.22 -46.30
N ALA E 223 38.76 -0.40 -45.17
CA ALA E 223 39.21 0.10 -43.88
C ALA E 223 40.71 -0.07 -43.68
N SER E 224 41.34 -0.98 -44.44
CA SER E 224 42.77 -1.20 -44.31
C SER E 224 43.57 0.05 -44.69
N ASN E 225 43.15 0.76 -45.74
CA ASN E 225 43.84 1.97 -46.14
C ASN E 225 43.80 3.01 -45.02
N LEU E 226 42.61 3.26 -44.46
CA LEU E 226 42.48 4.22 -43.37
C LEU E 226 43.26 3.76 -42.15
N LEU E 227 43.36 2.45 -41.91
CA LEU E 227 44.21 1.94 -40.84
C LEU E 227 45.66 2.32 -41.09
N GLN E 228 46.11 2.21 -42.34
CA GLN E 228 47.47 2.61 -42.68
C GLN E 228 47.65 4.11 -42.56
N GLU E 229 46.58 4.88 -42.72
CA GLU E 229 46.71 6.32 -42.93
C GLU E 229 47.05 7.06 -41.65
N SER E 230 46.15 7.04 -40.65
CA SER E 230 46.15 8.08 -39.64
C SER E 230 46.19 7.47 -38.25
N ASN E 231 46.01 8.33 -37.25
CA ASN E 231 46.15 7.94 -35.84
C ASN E 231 44.98 7.07 -35.40
N CYS E 232 45.16 6.39 -34.26
CA CYS E 232 44.13 5.51 -33.74
C CYS E 232 42.84 6.27 -33.41
N SER E 233 42.97 7.44 -32.79
CA SER E 233 41.78 8.25 -32.51
C SER E 233 41.13 8.74 -33.80
N GLN E 234 41.95 9.19 -34.76
CA GLN E 234 41.42 9.58 -36.06
C GLN E 234 40.74 8.40 -36.74
N TYR E 235 41.33 7.22 -36.63
CA TYR E 235 40.73 6.01 -37.21
C TYR E 235 39.40 5.68 -36.54
N MET E 236 39.31 5.82 -35.22
CA MET E 236 38.06 5.54 -34.53
C MET E 236 36.97 6.52 -34.95
N GLU E 237 37.33 7.80 -35.09
CA GLU E 237 36.36 8.77 -35.59
C GLU E 237 35.92 8.40 -37.00
N LYS E 238 36.87 7.99 -37.85
CA LYS E 238 36.53 7.55 -39.20
C LYS E 238 35.52 6.40 -39.18
N VAL E 239 35.81 5.36 -38.38
CA VAL E 239 34.95 4.18 -38.40
C VAL E 239 33.58 4.51 -37.83
N LEU E 240 33.51 5.39 -36.84
CA LEU E 240 32.20 5.82 -36.34
C LEU E 240 31.41 6.57 -37.41
N GLY E 241 32.07 7.49 -38.11
CA GLY E 241 31.39 8.22 -39.17
C GLY E 241 30.91 7.30 -40.28
N ARG E 242 31.72 6.31 -40.65
CA ARG E 242 31.31 5.34 -41.66
C ARG E 242 30.16 4.47 -41.18
N LEU E 243 30.19 4.07 -39.90
CA LEU E 243 29.11 3.26 -39.35
C LEU E 243 27.79 4.01 -39.35
N LYS E 244 27.84 5.33 -39.11
CA LYS E 244 26.62 6.12 -39.08
C LYS E 244 25.90 6.10 -40.43
N ASP E 245 26.65 6.18 -41.53
CA ASP E 245 26.03 6.35 -42.84
C ASP E 245 25.37 5.07 -43.34
N GLU E 246 25.97 3.92 -43.05
CA GLU E 246 25.48 2.68 -43.65
C GLU E 246 24.07 2.33 -43.18
N GLU E 247 23.68 2.77 -41.98
CA GLU E 247 22.32 2.51 -41.53
C GLU E 247 21.30 3.21 -42.42
N ILE E 248 21.51 4.51 -42.67
CA ILE E 248 20.62 5.25 -43.55
C ILE E 248 20.67 4.67 -44.95
N ARG E 249 21.87 4.30 -45.39
CA ARG E 249 22.03 3.71 -46.75
C ARG E 249 21.24 2.40 -46.79
N CYS E 250 21.29 1.59 -45.72
CA CYS E 250 20.66 0.24 -45.72
C CYS E 250 19.14 0.32 -45.87
N ARG E 251 18.47 1.23 -45.15
CA ARG E 251 16.99 1.25 -45.14
C ARG E 251 16.39 1.47 -46.54
N LYS E 252 17.16 2.00 -47.50
CA LYS E 252 16.57 2.36 -48.81
C LYS E 252 16.20 1.14 -49.66
N TYR E 253 16.79 -0.04 -49.39
CA TYR E 253 16.53 -1.18 -50.30
C TYR E 253 16.53 -2.55 -49.60
N LEU E 254 15.77 -2.71 -48.51
CA LEU E 254 15.69 -4.03 -47.89
C LEU E 254 14.41 -4.19 -47.09
N HIS E 255 14.10 -5.43 -46.76
CA HIS E 255 12.97 -5.79 -45.93
C HIS E 255 13.27 -5.49 -44.47
N PRO E 256 12.23 -5.21 -43.67
CA PRO E 256 12.46 -4.90 -42.25
C PRO E 256 13.15 -6.01 -41.46
N SER E 257 13.05 -7.26 -41.88
CA SER E 257 13.57 -8.39 -41.12
C SER E 257 15.05 -8.66 -41.42
N SER E 258 15.77 -7.64 -41.89
CA SER E 258 17.18 -7.78 -42.21
C SER E 258 18.02 -6.61 -41.71
N TYR E 259 17.53 -5.84 -40.73
CA TYR E 259 18.30 -4.70 -40.24
C TYR E 259 19.46 -5.13 -39.36
N THR E 260 19.35 -6.31 -38.74
CA THR E 260 20.31 -6.69 -37.70
C THR E 260 21.54 -7.38 -38.29
N LYS E 261 21.31 -8.28 -39.25
CA LYS E 261 22.39 -9.18 -39.68
C LYS E 261 23.51 -8.43 -40.40
N VAL E 262 23.17 -7.41 -41.21
CA VAL E 262 24.20 -6.72 -41.98
C VAL E 262 25.18 -6.00 -41.06
N ILE E 263 24.68 -5.22 -40.11
CA ILE E 263 25.56 -4.43 -39.26
C ILE E 263 26.39 -5.32 -38.36
N HIS E 264 25.96 -6.56 -38.14
CA HIS E 264 26.74 -7.48 -37.31
C HIS E 264 28.08 -7.79 -37.96
N GLU E 265 28.07 -8.26 -39.21
CA GLU E 265 29.31 -8.49 -39.93
C GLU E 265 30.03 -7.19 -40.24
N CYS E 266 29.28 -6.11 -40.48
CA CYS E 266 29.91 -4.81 -40.71
C CYS E 266 30.73 -4.38 -39.50
N GLN E 267 30.20 -4.63 -38.30
CA GLN E 267 30.96 -4.38 -37.08
C GLN E 267 32.16 -5.29 -36.99
N GLN E 268 31.96 -6.61 -37.14
CA GLN E 268 33.06 -7.55 -36.98
C GLN E 268 34.24 -7.20 -37.87
N ARG E 269 34.00 -7.02 -39.17
CA ARG E 269 35.10 -6.74 -40.10
C ARG E 269 35.83 -5.46 -39.73
N MET E 270 35.20 -4.60 -38.93
CA MET E 270 35.79 -3.32 -38.56
C MET E 270 36.56 -3.40 -37.23
N VAL E 271 36.06 -4.17 -36.27
CA VAL E 271 36.61 -4.11 -34.92
C VAL E 271 37.34 -5.41 -34.55
N ALA E 272 36.74 -6.56 -34.86
CA ALA E 272 37.32 -7.82 -34.40
C ALA E 272 38.63 -8.13 -35.11
N ASP E 273 38.83 -7.55 -36.30
CA ASP E 273 40.08 -7.74 -37.01
C ASP E 273 41.25 -7.13 -36.26
N HIS E 274 41.06 -5.95 -35.69
CA HIS E 274 42.11 -5.21 -35.00
C HIS E 274 41.82 -5.10 -33.51
N LEU E 275 41.05 -6.05 -32.98
CA LEU E 275 40.83 -6.11 -31.53
C LEU E 275 42.14 -6.05 -30.74
N GLN E 276 43.20 -6.65 -31.26
CA GLN E 276 44.49 -6.57 -30.59
C GLN E 276 44.99 -5.13 -30.50
N PHE E 277 44.92 -4.40 -31.63
CA PHE E 277 45.37 -3.02 -31.65
C PHE E 277 44.48 -2.15 -30.75
N LEU E 278 43.19 -2.47 -30.68
CA LEU E 278 42.28 -1.68 -29.86
C LEU E 278 42.53 -1.94 -28.37
N HIS E 279 42.75 -3.19 -27.98
CA HIS E 279 43.10 -3.50 -26.60
C HIS E 279 44.42 -2.86 -26.22
N ALA E 280 45.40 -2.89 -27.13
CA ALA E 280 46.60 -2.12 -26.94
C ALA E 280 46.29 -0.63 -27.06
N GLU E 281 47.20 0.19 -26.54
CA GLU E 281 47.10 1.65 -26.50
C GLU E 281 45.93 2.11 -25.64
N CYS E 282 45.30 1.22 -24.87
CA CYS E 282 44.34 1.67 -23.87
C CYS E 282 45.01 2.55 -22.83
N HIS E 283 46.30 2.31 -22.59
CA HIS E 283 47.10 3.21 -21.78
C HIS E 283 47.24 4.55 -22.49
N ASN E 284 47.67 5.56 -21.72
CA ASN E 284 47.81 6.96 -22.15
C ASN E 284 46.46 7.58 -22.51
N ILE E 285 45.36 6.84 -22.38
CA ILE E 285 44.02 7.36 -22.62
C ILE E 285 43.25 7.22 -21.31
N ILE E 286 43.78 6.42 -20.40
CA ILE E 286 43.24 6.27 -19.06
C ILE E 286 44.24 6.78 -18.01
N ARG E 287 45.52 6.82 -18.36
CA ARG E 287 46.53 7.46 -17.52
C ARG E 287 46.34 8.97 -17.50
N GLN E 288 45.75 9.51 -18.56
CA GLN E 288 45.18 10.86 -18.57
C GLN E 288 43.76 10.68 -19.08
N GLU E 289 43.08 11.79 -19.36
CA GLU E 289 41.73 11.70 -19.86
C GLU E 289 41.36 12.91 -20.68
N LYS E 290 41.21 12.71 -21.99
CA LYS E 290 40.44 13.58 -22.86
C LYS E 290 39.18 12.82 -23.20
N LYS E 291 38.08 13.15 -22.50
CA LYS E 291 36.96 12.24 -22.39
C LYS E 291 36.34 11.87 -23.73
N ASN E 292 36.58 12.67 -24.77
CA ASN E 292 36.10 12.32 -26.10
C ASN E 292 36.62 10.96 -26.54
N ASP E 293 37.89 10.67 -26.26
CA ASP E 293 38.51 9.47 -26.78
C ASP E 293 37.84 8.21 -26.25
N MET E 294 37.87 7.98 -24.92
CA MET E 294 37.25 6.76 -24.44
C MET E 294 35.73 6.85 -24.49
N ALA E 295 35.18 8.06 -24.60
CA ALA E 295 33.75 8.20 -24.86
C ALA E 295 33.37 7.58 -26.19
N ASN E 296 34.19 7.79 -27.22
CA ASN E 296 34.03 7.07 -28.48
C ASN E 296 34.33 5.59 -28.30
N MET E 297 35.35 5.28 -27.50
CA MET E 297 35.85 3.91 -27.35
C MET E 297 34.81 2.96 -26.75
N TYR E 298 34.04 3.43 -25.76
CA TYR E 298 33.20 2.52 -24.98
C TYR E 298 32.24 1.74 -25.86
N VAL E 299 31.55 2.42 -26.79
CA VAL E 299 30.49 1.77 -27.56
C VAL E 299 31.04 0.65 -28.43
N LEU E 300 32.18 0.90 -29.08
CA LEU E 300 32.74 -0.09 -30.00
C LEU E 300 33.07 -1.40 -29.29
N LEU E 301 33.71 -1.32 -28.13
CA LEU E 301 34.01 -2.51 -27.36
C LEU E 301 32.79 -3.11 -26.65
N ARG E 302 31.75 -2.30 -26.39
CA ARG E 302 30.51 -2.89 -25.88
C ARG E 302 29.82 -3.71 -26.96
N ALA E 303 29.94 -3.30 -28.23
CA ALA E 303 29.33 -4.05 -29.32
C ALA E 303 30.03 -5.39 -29.53
N VAL E 304 31.34 -5.35 -29.77
CA VAL E 304 32.09 -6.58 -30.00
C VAL E 304 32.22 -7.35 -28.69
N SER E 305 32.22 -8.68 -28.79
CA SER E 305 32.27 -9.52 -27.60
C SER E 305 33.67 -9.54 -27.00
N THR E 306 33.72 -9.78 -25.68
CA THR E 306 34.95 -10.00 -24.93
C THR E 306 35.89 -8.80 -24.91
N GLY E 307 35.47 -7.67 -25.50
CA GLY E 307 36.33 -6.49 -25.51
C GLY E 307 36.39 -5.79 -24.16
N LEU E 308 35.26 -5.76 -23.44
CA LEU E 308 35.17 -4.94 -22.24
C LEU E 308 36.10 -5.36 -21.09
N PRO E 309 36.27 -6.64 -20.74
CA PRO E 309 36.96 -6.97 -19.46
C PRO E 309 38.30 -6.27 -19.26
N HIS E 310 39.09 -6.08 -20.31
CA HIS E 310 40.43 -5.51 -20.15
C HIS E 310 40.37 -4.11 -19.55
N MET E 311 39.46 -3.28 -20.06
CA MET E 311 39.38 -1.89 -19.61
C MET E 311 38.98 -1.80 -18.14
N ILE E 312 38.24 -2.79 -17.64
CA ILE E 312 37.82 -2.78 -16.24
C ILE E 312 39.04 -2.83 -15.33
N GLN E 313 39.89 -3.82 -15.53
CA GLN E 313 41.11 -3.92 -14.73
C GLN E 313 42.05 -2.75 -15.02
N GLU E 314 42.06 -2.27 -16.26
CA GLU E 314 42.91 -1.14 -16.59
C GLU E 314 42.54 0.10 -15.78
N LEU E 315 41.24 0.38 -15.67
CA LEU E 315 40.79 1.51 -14.86
C LEU E 315 41.04 1.24 -13.38
N GLN E 316 40.81 -0.01 -12.94
CA GLN E 316 41.02 -0.35 -11.54
C GLN E 316 42.46 -0.10 -11.11
N ASN E 317 43.42 -0.41 -11.99
CA ASN E 317 44.82 -0.17 -11.67
C ASN E 317 45.09 1.32 -11.46
N HIS E 318 44.51 2.16 -12.33
CA HIS E 318 44.75 3.60 -12.21
C HIS E 318 44.02 4.21 -11.02
N ILE E 319 42.95 3.57 -10.56
CA ILE E 319 42.19 4.11 -9.43
C ILE E 319 43.07 4.21 -8.18
N HIS E 320 43.85 3.17 -7.91
CA HIS E 320 44.62 3.11 -6.67
C HIS E 320 45.63 4.24 -6.57
N ASP E 321 46.31 4.55 -7.69
CA ASP E 321 47.37 5.56 -7.73
C ASP E 321 47.02 6.80 -6.92
N GLU E 322 45.81 7.31 -7.11
CA GLU E 322 45.25 8.32 -6.22
C GLU E 322 44.57 7.61 -5.05
N GLY E 323 44.99 7.98 -3.84
CA GLY E 323 44.73 7.19 -2.66
C GLY E 323 45.96 6.49 -2.11
N LEU E 324 46.79 5.92 -2.98
CA LEU E 324 48.17 5.64 -2.63
C LEU E 324 49.02 6.90 -2.71
N ARG E 325 48.46 7.98 -3.24
CA ARG E 325 49.10 9.30 -3.28
C ARG E 325 48.24 10.27 -2.51
N ALA E 326 48.91 11.28 -1.93
CA ALA E 326 48.28 12.36 -1.17
C ALA E 326 47.67 11.84 0.13
N THR E 327 47.73 10.53 0.36
CA THR E 327 47.31 9.98 1.64
C THR E 327 48.52 9.60 2.49
N SER E 328 49.59 9.14 1.85
CA SER E 328 50.85 8.93 2.54
C SER E 328 51.52 10.26 2.83
N ASN E 329 52.62 10.20 3.58
CA ASN E 329 53.34 11.39 4.02
C ASN E 329 52.42 12.33 4.78
N LEU E 330 51.52 11.75 5.59
CA LEU E 330 50.54 12.50 6.37
C LEU E 330 50.62 12.04 7.82
N THR E 331 51.53 12.66 8.58
CA THR E 331 51.69 12.39 10.00
C THR E 331 51.90 13.73 10.70
N GLN E 332 50.89 14.15 11.47
CA GLN E 332 50.88 15.48 12.07
C GLN E 332 49.80 15.50 13.14
N GLU E 333 49.58 16.68 13.70
CA GLU E 333 48.46 16.88 14.62
C GLU E 333 47.14 16.87 13.88
N ASN E 334 46.06 16.59 14.62
CA ASN E 334 44.71 16.39 14.08
C ASN E 334 44.73 15.56 12.79
N MET E 335 45.56 14.51 12.80
CA MET E 335 45.72 13.69 11.60
C MET E 335 44.51 12.84 11.24
N PRO E 336 43.61 12.43 12.16
CA PRO E 336 42.41 11.71 11.70
C PRO E 336 41.52 12.54 10.79
N THR E 337 41.46 13.86 11.01
CA THR E 337 40.59 14.71 10.19
C THR E 337 41.05 14.73 8.73
N LEU E 338 42.36 14.84 8.50
CA LEU E 338 42.85 14.94 7.13
C LEU E 338 42.60 13.66 6.35
N PHE E 339 42.69 12.51 7.01
CA PHE E 339 42.50 11.24 6.33
C PHE E 339 41.10 11.12 5.75
N VAL E 340 40.08 11.42 6.56
CA VAL E 340 38.71 11.39 6.06
C VAL E 340 38.46 12.55 5.12
N GLU E 341 39.18 13.66 5.27
CA GLU E 341 39.06 14.79 4.36
C GLU E 341 39.83 14.55 3.06
N SER E 342 40.37 13.35 2.88
CA SER E 342 41.03 12.96 1.64
C SER E 342 40.45 11.70 1.03
N VAL E 343 39.84 10.83 1.82
CA VAL E 343 39.20 9.63 1.26
C VAL E 343 38.00 10.00 0.41
N LEU E 344 37.22 11.01 0.83
CA LEU E 344 35.93 11.28 0.19
C LEU E 344 36.11 11.85 -1.21
N GLU E 345 37.18 12.61 -1.45
CA GLU E 345 37.34 13.29 -2.74
C GLU E 345 37.60 12.28 -3.85
N VAL E 346 38.22 11.15 -3.53
CA VAL E 346 38.45 10.10 -4.52
C VAL E 346 37.13 9.56 -5.03
N HIS E 347 36.19 9.29 -4.11
CA HIS E 347 34.84 8.91 -4.52
C HIS E 347 34.16 10.03 -5.31
N GLY E 348 34.26 11.26 -4.81
CA GLY E 348 33.55 12.38 -5.39
C GLY E 348 33.93 12.69 -6.83
N LYS E 349 35.23 12.78 -7.10
CA LYS E 349 35.70 13.07 -8.45
C LYS E 349 35.36 11.94 -9.42
N PHE E 350 35.59 10.70 -9.00
CA PHE E 350 35.50 9.57 -9.91
C PHE E 350 34.06 9.10 -10.12
N VAL E 351 33.12 9.47 -9.25
CA VAL E 351 31.74 9.09 -9.53
C VAL E 351 31.17 9.89 -10.71
N GLN E 352 31.50 11.19 -10.77
CA GLN E 352 30.93 12.05 -11.84
C GLN E 352 31.32 11.49 -13.22
N LEU E 353 32.60 11.20 -13.43
CA LEU E 353 33.07 10.74 -14.78
C LEU E 353 32.38 9.42 -15.16
N ILE E 354 32.33 8.46 -14.23
CA ILE E 354 31.78 7.12 -14.57
C ILE E 354 30.24 7.21 -14.70
N ASN E 355 29.68 8.39 -14.44
CA ASN E 355 28.21 8.59 -14.55
C ASN E 355 27.91 9.61 -15.65
N THR E 356 28.95 10.21 -16.24
CA THR E 356 28.76 11.25 -17.29
C THR E 356 29.39 10.79 -18.60
N VAL E 357 30.73 10.76 -18.67
CA VAL E 357 31.43 10.40 -19.94
C VAL E 357 30.97 9.00 -20.38
N LEU E 358 31.00 8.03 -19.46
CA LEU E 358 30.54 6.65 -19.78
C LEU E 358 29.23 6.39 -19.06
N ASN E 359 28.17 6.09 -19.81
CA ASN E 359 26.86 5.88 -19.14
C ASN E 359 27.07 4.95 -17.94
N GLY E 360 26.31 5.16 -16.88
CA GLY E 360 26.48 4.37 -15.65
C GLY E 360 26.42 2.88 -15.94
N ASP E 361 27.36 2.11 -15.38
CA ASP E 361 27.41 0.64 -15.61
C ASP E 361 27.83 -0.04 -14.32
N GLN E 362 27.01 -0.97 -13.81
CA GLN E 362 27.33 -1.63 -12.54
C GLN E 362 28.71 -2.26 -12.56
N HIS E 363 29.19 -2.69 -13.74
CA HIS E 363 30.53 -3.25 -13.82
C HIS E 363 31.58 -2.22 -13.45
N PHE E 364 31.41 -0.98 -13.91
CA PHE E 364 32.35 0.07 -13.56
C PHE E 364 32.21 0.47 -12.09
N MET E 365 30.99 0.40 -11.55
CA MET E 365 30.80 0.61 -10.12
C MET E 365 31.56 -0.43 -9.31
N SER E 366 31.57 -1.68 -9.77
CA SER E 366 32.29 -2.74 -9.06
C SER E 366 33.78 -2.48 -9.00
N ALA E 367 34.37 -1.95 -10.08
CA ALA E 367 35.79 -1.64 -10.05
C ALA E 367 36.14 -0.61 -8.98
N LEU E 368 35.38 0.50 -8.96
CA LEU E 368 35.68 1.58 -7.98
C LEU E 368 35.58 1.01 -6.56
N ASP E 369 34.51 0.28 -6.27
CA ASP E 369 34.31 -0.25 -4.89
C ASP E 369 35.52 -1.11 -4.50
N LYS E 370 35.91 -2.06 -5.35
CA LYS E 370 37.02 -2.99 -4.99
C LYS E 370 38.29 -2.18 -4.71
N ALA E 371 38.55 -1.16 -5.54
CA ALA E 371 39.76 -0.33 -5.35
C ALA E 371 39.64 0.42 -4.02
N LEU E 372 38.44 0.93 -3.71
CA LEU E 372 38.23 1.71 -2.46
C LEU E 372 38.24 0.78 -1.24
N THR E 373 38.02 -0.52 -1.45
CA THR E 373 38.04 -1.48 -0.32
C THR E 373 39.47 -1.96 -0.09
N SER E 374 40.46 -1.16 -0.49
CA SER E 374 41.88 -1.56 -0.32
C SER E 374 42.78 -0.32 -0.28
N VAL E 375 42.22 0.84 0.11
CA VAL E 375 43.07 2.05 0.27
C VAL E 375 43.06 2.48 1.74
N VAL E 376 42.14 1.93 2.54
CA VAL E 376 42.02 2.33 3.98
C VAL E 376 42.00 1.09 4.88
N ASN E 377 42.24 -0.10 4.33
CA ASN E 377 42.26 -1.35 5.14
C ASN E 377 43.59 -2.10 4.94
N TYR E 378 44.61 -1.42 4.43
CA TYR E 378 45.93 -2.06 4.21
C TYR E 378 46.65 -2.22 5.55
N ARG E 379 47.85 -2.82 5.53
CA ARG E 379 48.64 -3.00 6.78
C ARG E 379 49.96 -2.25 6.65
N LYS E 386 45.10 0.86 12.09
CA LYS E 386 45.14 2.15 12.79
C LYS E 386 43.91 2.99 12.45
N ALA E 387 43.59 3.05 11.15
CA ALA E 387 42.47 3.82 10.62
C ALA E 387 41.14 3.45 11.28
N PRO E 388 40.83 2.17 11.51
CA PRO E 388 39.58 1.87 12.24
C PRO E 388 39.53 2.53 13.61
N GLU E 389 40.66 2.66 14.30
CA GLU E 389 40.69 3.40 15.55
C GLU E 389 40.60 4.90 15.28
N LEU E 390 41.21 5.37 14.20
CA LEU E 390 41.16 6.79 13.84
C LEU E 390 39.74 7.26 13.57
N LEU E 391 38.87 6.38 13.08
CA LEU E 391 37.49 6.78 12.83
C LEU E 391 36.77 7.15 14.13
N ALA E 392 37.03 6.43 15.21
CA ALA E 392 36.44 6.79 16.49
C ALA E 392 36.95 8.14 16.98
N LYS E 393 38.25 8.39 16.81
CA LYS E 393 38.81 9.69 17.16
C LYS E 393 38.15 10.80 16.36
N TYR E 394 37.84 10.53 15.09
CA TYR E 394 37.12 11.52 14.29
C TYR E 394 35.79 11.89 14.92
N CYS E 395 34.99 10.89 15.29
CA CYS E 395 33.68 11.17 15.87
C CYS E 395 33.81 11.84 17.22
N ASP E 396 34.86 11.53 17.96
CA ASP E 396 35.03 12.09 19.30
C ASP E 396 35.16 13.61 19.25
N ASN E 397 35.96 14.12 18.30
CA ASN E 397 36.28 15.54 18.29
C ASN E 397 35.08 16.40 17.87
N LEU E 398 34.32 15.96 16.87
CA LEU E 398 33.25 16.78 16.32
C LEU E 398 32.17 17.09 17.34
N LEU E 399 31.63 16.07 18.00
CA LEU E 399 30.52 16.29 18.93
C LEU E 399 30.97 17.09 20.14
N LYS E 400 32.14 16.76 20.68
CA LYS E 400 32.69 17.51 21.81
C LYS E 400 33.04 18.93 21.40
N GLU E 412 25.17 18.01 11.45
CA GLU E 412 24.47 16.98 10.69
C GLU E 412 25.05 16.82 9.29
N ASP E 413 25.35 17.94 8.63
CA ASP E 413 25.90 17.89 7.28
C ASP E 413 27.26 17.19 7.27
N ARG E 414 28.10 17.51 8.26
CA ARG E 414 29.42 16.88 8.32
C ARG E 414 29.30 15.39 8.67
N LEU E 415 28.38 15.04 9.57
CA LEU E 415 28.18 13.65 9.93
C LEU E 415 27.58 12.83 8.78
N THR E 416 26.89 13.49 7.85
CA THR E 416 26.33 12.76 6.71
C THR E 416 27.41 12.09 5.89
N SER E 417 28.57 12.74 5.75
CA SER E 417 29.65 12.16 4.95
C SER E 417 30.35 11.02 5.67
N PHE E 418 30.26 10.97 7.00
CA PHE E 418 30.98 9.94 7.75
C PHE E 418 30.43 8.55 7.46
N ILE E 419 29.11 8.44 7.26
CA ILE E 419 28.49 7.13 7.12
C ILE E 419 28.99 6.42 5.86
N THR E 420 29.45 7.17 4.87
CA THR E 420 29.92 6.58 3.63
C THR E 420 31.22 5.80 3.85
N VAL E 421 32.15 6.39 4.60
CA VAL E 421 33.45 5.76 4.80
C VAL E 421 33.33 4.49 5.63
N PHE E 422 32.43 4.49 6.61
CA PHE E 422 32.32 3.34 7.52
C PHE E 422 31.93 2.07 6.77
N LYS E 423 31.16 2.20 5.69
CA LYS E 423 30.70 1.03 4.96
C LYS E 423 31.84 0.25 4.32
N TYR E 424 33.00 0.89 4.12
CA TYR E 424 34.12 0.22 3.47
C TYR E 424 35.11 -0.39 4.46
N ILE E 425 34.95 -0.11 5.75
CA ILE E 425 35.86 -0.64 6.75
C ILE E 425 35.58 -2.12 6.95
N ASP E 426 36.64 -2.91 7.10
CA ASP E 426 36.51 -4.34 7.33
C ASP E 426 36.92 -4.72 8.75
N LYS E 428 36.11 -3.57 12.37
CA LYS E 428 34.76 -3.19 12.80
C LYS E 428 34.52 -3.60 14.25
N ASP E 429 35.24 -4.62 14.71
CA ASP E 429 35.17 -4.99 16.12
C ASP E 429 35.69 -3.87 17.00
N VAL E 430 36.80 -3.24 16.58
CA VAL E 430 37.32 -2.09 17.32
C VAL E 430 36.31 -0.96 17.32
N PHE E 431 35.66 -0.70 16.19
CA PHE E 431 34.63 0.34 16.18
C PHE E 431 33.45 0.00 17.08
N GLN E 432 33.10 -1.28 17.18
CA GLN E 432 32.00 -1.69 18.05
C GLN E 432 32.33 -1.60 19.52
N LYS E 433 33.59 -1.83 19.91
CA LYS E 433 33.91 -1.83 21.34
C LYS E 433 34.53 -0.53 21.81
N PHE E 434 35.55 -0.05 21.09
CA PHE E 434 36.32 1.14 21.43
C PHE E 434 35.45 2.38 21.58
N TYR E 435 34.32 2.44 20.91
CA TYR E 435 33.46 3.62 20.89
C TYR E 435 32.74 3.87 22.21
N ALA E 436 32.28 2.81 22.87
CA ALA E 436 31.57 2.97 24.14
C ALA E 436 32.46 3.60 25.20
N ARG E 437 33.78 3.46 25.06
CA ARG E 437 34.68 3.93 26.10
C ARG E 437 34.64 5.46 26.23
N MET E 438 34.79 6.17 25.12
CA MET E 438 34.62 7.62 25.19
C MET E 438 33.16 8.03 25.06
N LEU E 439 32.26 7.11 24.73
CA LEU E 439 30.84 7.40 24.95
C LEU E 439 30.54 7.58 26.43
N ALA E 440 31.10 6.72 27.28
CA ALA E 440 30.87 6.81 28.72
C ALA E 440 31.39 8.13 29.28
N LYS E 441 32.62 8.51 28.90
CA LYS E 441 33.20 9.73 29.43
C LYS E 441 32.44 10.98 29.00
N ARG E 442 31.76 10.94 27.86
CA ARG E 442 30.87 12.02 27.46
C ARG E 442 29.55 11.97 28.22
N LEU E 443 29.03 10.76 28.48
CA LEU E 443 27.79 10.65 29.22
C LEU E 443 27.93 11.17 30.64
N ILE E 444 29.02 10.78 31.32
CA ILE E 444 29.19 11.14 32.74
C ILE E 444 30.34 12.14 32.85
N HIS E 445 30.59 12.62 34.07
CA HIS E 445 31.57 13.67 34.32
C HIS E 445 31.24 14.91 33.48
N GLY E 446 29.95 15.19 33.33
CA GLY E 446 29.53 16.24 32.42
C GLY E 446 29.95 15.89 31.00
N LEU E 447 30.43 16.89 30.28
CA LEU E 447 30.95 16.71 28.92
C LEU E 447 29.91 16.04 28.01
N SER E 448 28.64 16.41 28.22
CA SER E 448 27.52 15.86 27.48
C SER E 448 26.97 16.94 26.54
N MET E 449 26.75 16.58 25.29
CA MET E 449 26.37 17.55 24.27
C MET E 449 24.84 17.53 24.10
N SER E 450 24.36 18.20 23.07
CA SER E 450 22.93 18.19 22.76
C SER E 450 22.46 16.76 22.57
N MET E 451 21.44 16.37 23.34
CA MET E 451 20.96 14.99 23.33
C MET E 451 20.51 14.63 21.93
N ASP E 452 20.04 15.62 21.16
CA ASP E 452 19.58 15.37 19.81
C ASP E 452 20.69 14.79 18.94
N SER E 453 21.90 15.36 19.02
CA SER E 453 23.01 14.84 18.23
C SER E 453 23.40 13.43 18.66
N GLU E 454 23.40 13.18 19.96
CA GLU E 454 23.71 11.85 20.47
C GLU E 454 22.73 10.83 19.93
N GLU E 455 21.43 11.16 19.92
CA GLU E 455 20.45 10.23 19.39
C GLU E 455 20.52 10.13 17.88
N ALA E 456 20.90 11.21 17.19
CA ALA E 456 20.98 11.19 15.74
C ALA E 456 22.10 10.26 15.27
N MET E 457 23.24 10.30 15.97
CA MET E 457 24.33 9.39 15.64
C MET E 457 23.86 7.94 15.71
N ILE E 458 23.18 7.59 16.80
CA ILE E 458 22.65 6.24 16.97
C ILE E 458 21.64 5.92 15.88
N ASN E 459 20.75 6.87 15.58
CA ASN E 459 19.68 6.63 14.62
C ASN E 459 20.24 6.37 13.22
N LYS E 460 21.24 7.13 12.81
CA LYS E 460 21.89 6.92 11.52
C LYS E 460 22.72 5.65 11.48
N LEU E 461 23.46 5.33 12.56
CA LEU E 461 24.26 4.12 12.56
C LEU E 461 23.41 2.85 12.63
N LYS E 462 22.23 2.93 13.24
CA LYS E 462 21.38 1.74 13.37
C LYS E 462 20.87 1.29 12.02
N GLN E 463 20.66 2.23 11.09
CA GLN E 463 20.13 1.88 9.78
C GLN E 463 21.09 0.98 9.02
N ALA E 464 22.40 1.28 9.11
CA ALA E 464 23.38 0.55 8.32
C ALA E 464 23.48 -0.92 8.73
N CYS E 465 23.43 -1.21 10.02
CA CYS E 465 23.68 -2.57 10.50
C CYS E 465 22.55 -3.14 11.36
N GLY E 466 21.41 -2.46 11.45
CA GLY E 466 20.27 -3.01 12.17
C GLY E 466 20.43 -2.98 13.68
N TYR E 467 19.48 -3.63 14.35
CA TYR E 467 19.48 -3.69 15.81
C TYR E 467 20.60 -4.55 16.36
N GLU E 468 21.05 -5.56 15.62
CA GLU E 468 22.02 -6.53 16.11
C GLU E 468 23.34 -5.88 16.48
N PHE E 469 23.87 -5.03 15.60
CA PHE E 469 25.18 -4.42 15.83
C PHE E 469 25.17 -3.50 17.05
N THR E 470 24.12 -2.70 17.18
CA THR E 470 24.07 -1.64 18.18
C THR E 470 22.90 -1.83 19.14
N SER E 471 22.69 -3.07 19.59
CA SER E 471 21.61 -3.34 20.53
C SER E 471 21.90 -2.73 21.90
N LYS E 472 23.15 -2.78 22.34
CA LYS E 472 23.48 -2.35 23.69
C LYS E 472 23.28 -0.86 23.88
N LEU E 473 23.87 -0.05 23.00
CA LEU E 473 24.01 1.39 23.27
C LEU E 473 22.67 2.11 23.38
N HIS E 474 21.59 1.50 22.90
CA HIS E 474 20.27 2.07 23.11
C HIS E 474 19.92 2.07 24.60
N ARG E 475 20.54 1.19 25.38
CA ARG E 475 20.25 1.11 26.81
C ARG E 475 20.88 2.26 27.58
N MET E 476 22.13 2.62 27.25
CA MET E 476 22.84 3.65 28.02
C MET E 476 22.11 4.99 27.98
N TYR E 477 21.74 5.47 26.78
CA TYR E 477 21.18 6.80 26.68
C TYR E 477 19.81 6.89 27.34
N THR E 478 19.05 5.78 27.35
CA THR E 478 17.75 5.79 28.00
C THR E 478 17.87 5.94 29.50
N ASP E 479 18.97 5.47 30.09
CA ASP E 479 19.12 5.49 31.54
C ASP E 479 19.15 6.91 32.09
N MET E 480 19.85 7.82 31.40
CA MET E 480 20.03 9.16 31.94
C MET E 480 18.71 9.91 32.01
N SER E 481 17.84 9.72 31.02
CA SER E 481 16.49 10.28 31.10
C SER E 481 15.73 9.68 32.28
N MET F 1 -36.94 3.44 -36.44
CA MET F 1 -37.33 2.18 -35.75
C MET F 1 -38.46 1.51 -36.55
N ASP F 2 -38.38 0.18 -36.72
CA ASP F 2 -39.42 -0.56 -37.48
C ASP F 2 -39.61 0.10 -38.84
N VAL F 3 -38.51 0.57 -39.45
CA VAL F 3 -38.59 1.24 -40.78
C VAL F 3 -38.58 0.17 -41.87
N PHE F 4 -39.64 0.12 -42.69
CA PHE F 4 -39.74 -0.90 -43.77
C PHE F 4 -40.69 -0.36 -44.84
N LEU F 5 -40.23 0.59 -45.66
CA LEU F 5 -41.12 1.23 -46.66
C LEU F 5 -41.03 0.49 -48.00
N MET F 6 -42.15 -0.04 -48.47
CA MET F 6 -42.17 -0.71 -49.80
C MET F 6 -42.39 0.38 -50.86
N ILE F 7 -41.48 1.35 -50.95
CA ILE F 7 -41.67 2.49 -51.89
C ILE F 7 -41.73 2.00 -53.33
N ARG F 8 -42.70 2.50 -54.11
CA ARG F 8 -42.81 2.14 -55.54
C ARG F 8 -43.19 3.38 -56.34
N ARG F 9 -42.21 4.04 -56.95
CA ARG F 9 -42.45 5.27 -57.76
C ARG F 9 -42.91 4.87 -59.17
N HIS F 10 -43.12 5.86 -60.05
CA HIS F 10 -43.62 5.57 -61.42
C HIS F 10 -42.48 4.95 -62.23
N LYS F 11 -42.51 3.63 -62.43
CA LYS F 11 -41.43 2.92 -63.17
C LYS F 11 -40.13 3.06 -62.37
N THR F 12 -40.23 3.50 -61.11
CA THR F 12 -39.03 3.63 -60.24
C THR F 12 -39.33 2.94 -58.90
N THR F 13 -38.30 2.37 -58.26
CA THR F 13 -38.54 1.60 -57.01
C THR F 13 -37.48 1.95 -55.97
N ILE F 14 -37.91 2.32 -54.76
CA ILE F 14 -36.94 2.61 -53.67
C ILE F 14 -37.25 1.64 -52.52
N PHE F 15 -36.23 0.91 -52.06
CA PHE F 15 -36.44 -0.09 -50.98
C PHE F 15 -36.16 0.58 -49.63
N THR F 16 -36.21 1.92 -49.60
CA THR F 16 -35.88 2.65 -48.35
C THR F 16 -36.65 2.01 -47.18
N ASP F 17 -35.97 1.81 -46.05
CA ASP F 17 -36.61 1.21 -44.85
C ASP F 17 -37.80 2.09 -44.44
N SER F 22 -39.34 9.98 -39.17
CA SER F 22 -39.21 10.80 -40.40
C SER F 22 -40.58 11.39 -40.78
N THR F 23 -40.67 12.73 -40.84
CA THR F 23 -41.95 13.39 -41.21
C THR F 23 -42.25 13.08 -42.69
N VAL F 24 -43.52 13.16 -43.08
CA VAL F 24 -43.88 12.96 -44.52
C VAL F 24 -42.97 13.87 -45.36
N PHE F 25 -42.72 15.09 -44.88
CA PHE F 25 -41.80 16.02 -45.59
C PHE F 25 -40.40 15.42 -45.59
N GLU F 26 -39.99 14.82 -44.46
CA GLU F 26 -38.66 14.16 -44.38
C GLU F 26 -38.62 13.00 -45.39
N LEU F 27 -39.75 12.31 -45.57
CA LEU F 27 -39.80 11.23 -46.58
C LEU F 27 -39.57 11.85 -47.96
N LYS F 28 -40.22 12.98 -48.24
CA LYS F 28 -39.98 13.70 -49.51
C LYS F 28 -38.50 14.10 -49.55
N ARG F 29 -37.94 14.50 -48.41
CA ARG F 29 -36.52 14.89 -48.33
C ARG F 29 -35.65 13.70 -48.74
N ILE F 30 -35.99 12.50 -48.26
CA ILE F 30 -35.24 11.27 -48.66
C ILE F 30 -35.41 11.08 -50.17
N VAL F 31 -36.63 11.31 -50.68
CA VAL F 31 -36.87 11.21 -52.14
C VAL F 31 -35.93 12.21 -52.83
N GLU F 32 -35.78 13.41 -52.27
CA GLU F 32 -34.83 14.40 -52.82
C GLU F 32 -33.42 13.87 -52.61
N GLY F 33 -33.17 13.21 -51.48
CA GLY F 33 -31.85 12.62 -51.21
C GLY F 33 -31.49 11.61 -52.30
N ILE F 34 -32.49 11.13 -53.04
CA ILE F 34 -32.25 10.13 -54.12
C ILE F 34 -32.60 10.76 -55.47
N LEU F 35 -33.90 10.94 -55.74
CA LEU F 35 -34.37 11.49 -57.04
C LEU F 35 -33.88 12.94 -57.19
N LYS F 36 -33.48 13.58 -56.09
CA LYS F 36 -33.02 14.99 -56.14
C LYS F 36 -34.16 15.86 -56.71
N ARG F 37 -35.37 15.69 -56.20
CA ARG F 37 -36.54 16.44 -56.71
C ARG F 37 -37.14 17.28 -55.57
N PRO F 38 -37.95 18.32 -55.87
CA PRO F 38 -38.58 19.13 -54.83
C PRO F 38 -39.47 18.28 -53.91
N PRO F 39 -39.36 18.45 -52.56
CA PRO F 39 -40.17 17.66 -51.63
C PRO F 39 -41.67 17.82 -51.93
N ASP F 40 -42.11 19.06 -52.16
CA ASP F 40 -43.53 19.30 -52.50
C ASP F 40 -43.84 18.55 -53.81
N GLU F 41 -42.93 18.59 -54.78
CA GLU F 41 -43.12 17.83 -56.05
C GLU F 41 -43.25 16.34 -55.71
N GLN F 42 -42.43 15.86 -54.77
CA GLN F 42 -42.50 14.44 -54.35
C GLN F 42 -43.36 14.35 -53.08
N ARG F 43 -44.38 15.21 -52.98
CA ARG F 43 -45.28 15.20 -51.79
C ARG F 43 -45.58 13.76 -51.37
N MET G 3 -23.41 6.65 -52.13
CA MET G 3 -23.20 5.75 -51.00
C MET G 3 -24.39 4.79 -50.84
N TYR G 4 -25.36 4.93 -51.74
CA TYR G 4 -26.33 3.88 -52.03
C TYR G 4 -26.09 3.38 -53.44
N VAL G 5 -26.45 2.11 -53.68
CA VAL G 5 -26.22 1.50 -55.02
C VAL G 5 -27.58 1.28 -55.71
N LYS G 6 -27.59 1.24 -57.04
CA LYS G 6 -28.84 1.00 -57.81
C LYS G 6 -28.57 -0.01 -58.93
N LEU G 7 -29.30 -1.12 -58.94
CA LEU G 7 -29.11 -2.16 -59.99
C LEU G 7 -29.85 -1.71 -61.26
N ILE G 8 -29.46 -2.25 -62.41
CA ILE G 8 -30.18 -1.93 -63.68
C ILE G 8 -30.85 -3.21 -64.19
N SER G 9 -32.17 -3.20 -64.36
CA SER G 9 -32.90 -4.43 -64.76
C SER G 9 -32.83 -4.62 -66.28
N SER G 10 -32.48 -5.83 -66.73
CA SER G 10 -32.37 -6.09 -68.18
C SER G 10 -33.72 -5.91 -68.88
N ASP G 11 -34.82 -6.21 -68.18
CA ASP G 11 -36.16 -6.13 -68.81
C ASP G 11 -36.61 -4.66 -68.89
N GLY G 12 -35.98 -3.76 -68.11
CA GLY G 12 -36.30 -2.33 -68.24
C GLY G 12 -36.70 -1.63 -66.95
N HIS G 13 -36.72 -2.33 -65.82
CA HIS G 13 -37.19 -1.69 -64.56
C HIS G 13 -36.13 -1.84 -63.46
N GLU G 14 -35.09 -0.99 -63.49
CA GLU G 14 -33.98 -1.13 -62.51
C GLU G 14 -34.46 -0.77 -61.10
N PHE G 15 -33.64 -1.04 -60.08
CA PHE G 15 -34.08 -0.80 -58.68
C PHE G 15 -32.98 -0.14 -57.86
N ILE G 16 -33.36 0.62 -56.83
CA ILE G 16 -32.37 1.33 -55.98
C ILE G 16 -32.35 0.62 -54.62
N VAL G 17 -31.17 0.24 -54.13
CA VAL G 17 -31.11 -0.54 -52.89
C VAL G 17 -29.99 0.00 -52.01
N LYS G 18 -30.06 -0.38 -50.73
CA LYS G 18 -29.03 -0.02 -49.77
C LYS G 18 -27.71 -0.71 -50.11
N ARG G 19 -26.60 -0.03 -49.78
CA ARG G 19 -25.28 -0.57 -50.03
C ARG G 19 -24.83 -1.59 -48.99
N GLU G 20 -25.66 -1.85 -47.97
CA GLU G 20 -25.32 -2.92 -47.01
C GLU G 20 -25.38 -4.26 -47.75
N HIS G 21 -26.40 -4.42 -48.60
CA HIS G 21 -26.59 -5.69 -49.36
C HIS G 21 -25.45 -5.88 -50.37
N ALA G 22 -24.87 -4.77 -50.85
CA ALA G 22 -23.81 -4.86 -51.89
C ALA G 22 -22.73 -5.84 -51.42
N LEU G 23 -22.34 -5.74 -50.14
CA LEU G 23 -21.30 -6.66 -49.59
C LEU G 23 -21.86 -8.09 -49.53
N THR G 24 -23.10 -8.23 -49.06
CA THR G 24 -23.70 -9.59 -48.91
C THR G 24 -24.11 -10.11 -50.28
N SER G 25 -23.17 -10.66 -51.04
CA SER G 25 -23.47 -11.14 -52.41
C SER G 25 -22.37 -12.08 -52.90
N GLY G 26 -22.59 -12.72 -54.06
CA GLY G 26 -21.58 -13.59 -54.63
C GLY G 26 -20.65 -12.92 -55.62
N THR G 27 -21.20 -12.23 -56.61
CA THR G 27 -20.40 -11.61 -57.66
C THR G 27 -20.62 -10.11 -57.79
N ILE G 28 -21.50 -9.51 -56.98
CA ILE G 28 -21.68 -8.06 -57.03
C ILE G 28 -20.38 -7.35 -56.67
N LYS G 29 -19.73 -7.79 -55.59
CA LYS G 29 -18.41 -7.24 -55.27
C LYS G 29 -17.41 -7.49 -56.39
N ALA G 30 -17.59 -8.60 -57.11
CA ALA G 30 -16.67 -8.92 -58.21
C ALA G 30 -16.79 -7.90 -59.33
N MET G 31 -18.02 -7.61 -59.79
CA MET G 31 -18.14 -6.72 -60.92
C MET G 31 -18.55 -5.31 -60.53
N LEU G 32 -18.14 -4.90 -59.33
CA LEU G 32 -18.32 -3.49 -58.90
C LEU G 32 -16.90 -2.93 -58.80
N SER G 33 -15.89 -3.80 -59.01
CA SER G 33 -14.50 -3.40 -58.95
C SER G 33 -13.72 -4.13 -60.03
N GLY G 34 -12.70 -3.49 -60.59
CA GLY G 34 -11.90 -4.09 -61.62
C GLY G 34 -11.63 -3.13 -62.77
N PRO G 35 -11.44 -3.69 -63.98
CA PRO G 35 -11.24 -2.82 -65.16
C PRO G 35 -12.43 -1.91 -65.41
N GLY G 36 -13.60 -2.27 -64.90
CA GLY G 36 -14.71 -1.36 -64.84
C GLY G 36 -14.88 -0.83 -63.43
N GLN G 37 -15.47 0.35 -63.30
CA GLN G 37 -15.88 0.97 -62.03
C GLN G 37 -14.77 1.13 -61.01
N PHE G 38 -13.56 1.56 -61.40
CA PHE G 38 -12.63 2.05 -60.39
C PHE G 38 -12.90 3.52 -60.10
N ASN G 44 -22.34 4.16 -60.53
CA ASN G 44 -22.14 2.81 -59.99
C ASN G 44 -23.40 1.97 -60.19
N GLU G 45 -23.79 1.86 -61.46
CA GLU G 45 -24.97 1.10 -61.85
C GLU G 45 -24.57 0.08 -62.91
N VAL G 46 -24.99 -1.17 -62.69
CA VAL G 46 -24.69 -2.26 -63.61
C VAL G 46 -26.01 -2.94 -63.97
N ASN G 47 -26.22 -3.16 -65.27
CA ASN G 47 -27.39 -3.91 -65.74
C ASN G 47 -27.04 -5.39 -65.81
N PHE G 48 -27.54 -6.15 -64.85
CA PHE G 48 -27.52 -7.61 -64.98
C PHE G 48 -28.56 -8.03 -66.02
N ARG G 49 -28.09 -8.24 -67.25
CA ARG G 49 -28.95 -8.50 -68.40
C ARG G 49 -29.35 -9.96 -68.53
N GLU G 50 -29.24 -10.73 -67.43
CA GLU G 50 -29.28 -12.18 -67.46
C GLU G 50 -30.47 -12.73 -66.68
N ILE G 51 -31.54 -11.94 -66.58
CA ILE G 51 -32.57 -12.25 -65.60
C ILE G 51 -33.85 -11.51 -65.95
N PRO G 52 -35.01 -12.01 -65.57
CA PRO G 52 -36.23 -11.20 -65.67
C PRO G 52 -36.38 -10.24 -64.51
N SER G 53 -37.28 -9.26 -64.65
CA SER G 53 -37.40 -8.21 -63.61
C SER G 53 -38.07 -8.76 -62.34
N HIS G 54 -39.07 -9.62 -62.48
CA HIS G 54 -39.81 -10.07 -61.30
C HIS G 54 -38.92 -10.85 -60.34
N VAL G 55 -37.89 -11.52 -60.86
CA VAL G 55 -36.98 -12.27 -60.00
C VAL G 55 -36.25 -11.34 -59.05
N LEU G 56 -35.88 -10.14 -59.53
CA LEU G 56 -35.20 -9.17 -58.70
C LEU G 56 -36.01 -8.74 -57.49
N SER G 57 -37.34 -8.74 -57.57
CA SER G 57 -38.15 -8.46 -56.39
C SER G 57 -37.87 -9.44 -55.27
N LYS G 58 -37.90 -10.74 -55.57
CA LYS G 58 -37.62 -11.74 -54.55
C LYS G 58 -36.14 -11.73 -54.15
N VAL G 59 -35.26 -11.40 -55.09
CA VAL G 59 -33.84 -11.29 -54.76
C VAL G 59 -33.63 -10.20 -53.72
N CYS G 60 -34.25 -9.04 -53.94
CA CYS G 60 -34.13 -7.95 -52.97
C CYS G 60 -34.85 -8.28 -51.67
N MET G 61 -35.96 -9.01 -51.75
CA MET G 61 -36.66 -9.41 -50.53
C MET G 61 -35.80 -10.31 -49.66
N TYR G 62 -35.15 -11.30 -50.26
CA TYR G 62 -34.16 -12.10 -49.54
C TYR G 62 -32.99 -11.25 -49.06
N PHE G 63 -32.52 -10.34 -49.92
CA PHE G 63 -31.34 -9.52 -49.55
C PHE G 63 -31.66 -8.78 -48.26
N THR G 64 -32.82 -8.13 -48.21
CA THR G 64 -33.24 -7.43 -47.00
C THR G 64 -33.52 -8.40 -45.86
N TYR G 65 -34.08 -9.58 -46.16
CA TYR G 65 -34.32 -10.60 -45.15
C TYR G 65 -33.03 -11.02 -44.47
N LYS G 66 -31.90 -10.85 -45.15
CA LYS G 66 -30.59 -11.19 -44.55
C LYS G 66 -30.45 -10.42 -43.22
N VAL G 67 -30.60 -9.10 -43.28
CA VAL G 67 -30.52 -8.29 -42.06
C VAL G 67 -31.80 -8.33 -41.24
N ARG G 68 -32.85 -8.92 -41.80
CA ARG G 68 -34.15 -9.01 -41.09
C ARG G 68 -33.99 -9.94 -39.88
N TYR G 69 -33.03 -10.86 -39.95
CA TYR G 69 -32.80 -11.83 -38.83
C TYR G 69 -31.30 -12.13 -38.72
N THR G 70 -30.57 -11.28 -38.01
CA THR G 70 -29.10 -11.47 -37.85
C THR G 70 -28.77 -11.69 -36.37
N ASN G 71 -27.81 -12.57 -36.07
CA ASN G 71 -27.42 -12.86 -34.67
C ASN G 71 -28.59 -12.56 -33.74
N SER G 73 -31.50 -15.96 -32.12
CA SER G 73 -31.37 -17.37 -31.74
C SER G 73 -32.74 -18.04 -31.63
N THR G 74 -32.71 -19.37 -31.75
CA THR G 74 -33.88 -20.21 -31.55
CA THR G 74 -33.88 -20.21 -31.55
C THR G 74 -34.95 -20.03 -32.61
N GLU G 75 -35.79 -19.00 -32.46
CA GLU G 75 -36.99 -18.84 -33.28
C GLU G 75 -36.71 -17.90 -34.44
N ILE G 76 -36.93 -18.39 -35.66
CA ILE G 76 -36.85 -17.61 -36.89
C ILE G 76 -37.99 -18.08 -37.79
N PRO G 77 -38.81 -17.16 -38.34
CA PRO G 77 -39.90 -17.60 -39.22
C PRO G 77 -39.42 -17.89 -40.64
N GLU G 78 -40.32 -18.38 -41.48
CA GLU G 78 -39.93 -18.80 -42.82
C GLU G 78 -39.95 -17.64 -43.79
N PHE G 79 -38.98 -17.64 -44.70
CA PHE G 79 -38.98 -16.67 -45.79
C PHE G 79 -40.11 -16.98 -46.76
N PRO G 80 -40.75 -15.94 -47.33
CA PRO G 80 -41.84 -16.16 -48.29
C PRO G 80 -41.44 -17.10 -49.42
N ILE G 81 -42.07 -18.27 -49.46
CA ILE G 81 -41.68 -19.31 -50.40
C ILE G 81 -42.20 -18.98 -51.79
N ALA G 82 -41.32 -19.12 -52.79
CA ALA G 82 -41.70 -18.94 -54.18
C ALA G 82 -42.58 -20.11 -54.61
N PRO G 83 -43.83 -19.89 -55.01
CA PRO G 83 -44.70 -21.02 -55.34
C PRO G 83 -44.38 -21.67 -56.68
N GLU G 84 -44.13 -20.87 -57.71
CA GLU G 84 -43.95 -21.39 -59.05
C GLU G 84 -42.78 -20.77 -59.82
N ILE G 85 -42.04 -19.83 -59.22
CA ILE G 85 -40.90 -19.23 -59.91
C ILE G 85 -39.57 -19.84 -59.46
N ALA G 86 -39.62 -20.83 -58.55
CA ALA G 86 -38.39 -21.43 -58.04
C ALA G 86 -37.59 -22.15 -59.12
N LEU G 87 -38.23 -22.66 -60.16
CA LEU G 87 -37.51 -23.34 -61.23
C LEU G 87 -36.53 -22.41 -61.93
N GLU G 88 -36.87 -21.12 -62.03
CA GLU G 88 -35.94 -20.14 -62.59
C GLU G 88 -35.10 -19.48 -61.51
N LEU G 89 -35.62 -19.41 -60.28
CA LEU G 89 -34.83 -18.89 -59.17
C LEU G 89 -33.61 -19.75 -58.89
N LEU G 90 -33.72 -21.07 -59.06
CA LEU G 90 -32.56 -21.94 -58.88
C LEU G 90 -31.47 -21.60 -59.90
N MET G 91 -31.84 -21.43 -61.16
CA MET G 91 -30.82 -21.18 -62.21
C MET G 91 -30.20 -19.81 -61.97
N ALA G 92 -30.81 -19.01 -61.09
CA ALA G 92 -30.30 -17.64 -60.84
C ALA G 92 -29.40 -17.65 -59.59
N ALA G 93 -29.70 -18.51 -58.63
CA ALA G 93 -28.92 -18.51 -57.37
C ALA G 93 -27.44 -18.72 -57.68
N ASN G 94 -27.12 -19.72 -58.51
CA ASN G 94 -25.69 -20.04 -58.81
C ASN G 94 -25.05 -18.88 -59.58
N PHE G 95 -25.80 -18.22 -60.46
CA PHE G 95 -25.21 -17.14 -61.30
C PHE G 95 -24.57 -16.09 -60.40
N LEU G 96 -25.29 -15.65 -59.37
CA LEU G 96 -24.73 -14.66 -58.41
C LEU G 96 -24.26 -15.40 -57.15
N THR H 384 0.57 -63.69 -35.37
CA THR H 384 0.39 -62.28 -35.07
C THR H 384 -1.04 -61.83 -35.36
N HIS H 385 -1.89 -62.76 -35.78
CA HIS H 385 -3.30 -62.43 -35.95
C HIS H 385 -3.91 -62.00 -34.63
N LYS H 386 -3.60 -62.71 -33.55
CA LYS H 386 -3.95 -62.27 -32.21
C LYS H 386 -2.73 -61.95 -31.35
N ASP H 387 -1.54 -62.45 -31.71
CA ASP H 387 -0.36 -62.17 -30.90
C ASP H 387 0.08 -60.72 -31.01
N LEU H 388 -0.02 -60.13 -32.21
CA LEU H 388 0.32 -58.72 -32.36
C LEU H 388 -0.63 -57.86 -31.56
N LEU H 389 -1.94 -58.18 -31.61
CA LEU H 389 -2.90 -57.52 -30.74
C LEU H 389 -2.55 -57.77 -29.28
N ARG H 390 -1.95 -58.91 -28.98
CA ARG H 390 -1.54 -59.18 -27.60
C ARG H 390 -0.43 -58.24 -27.14
N PHE H 391 0.62 -58.05 -27.94
CA PHE H 391 1.64 -57.09 -27.51
C PHE H 391 1.09 -55.67 -27.46
N ALA H 392 0.21 -55.34 -28.41
CA ALA H 392 -0.45 -54.03 -28.36
C ALA H 392 -1.18 -53.94 -27.02
N GLN H 393 -1.81 -55.04 -26.61
CA GLN H 393 -2.49 -55.08 -25.28
C GLN H 393 -1.42 -54.89 -24.21
N VAL H 394 -0.25 -55.50 -24.39
CA VAL H 394 0.87 -55.35 -23.41
C VAL H 394 1.23 -53.87 -23.31
N PHE H 395 1.31 -53.17 -24.45
CA PHE H 395 1.63 -51.73 -24.44
C PHE H 395 0.50 -50.99 -23.71
N SER H 396 -0.75 -51.36 -24.00
CA SER H 396 -1.90 -50.73 -23.31
C SER H 396 -1.79 -50.98 -21.80
N GLN H 397 -1.27 -52.17 -21.43
CA GLN H 397 -1.10 -52.49 -19.99
C GLN H 397 -0.15 -51.46 -19.37
N MET H 398 1.06 -51.33 -19.92
CA MET H 398 2.06 -50.41 -19.31
C MET H 398 1.49 -48.99 -19.36
N ILE H 399 0.54 -48.74 -20.26
CA ILE H 399 -0.10 -47.39 -20.35
C ILE H 399 -0.77 -47.07 -19.01
N HIS H 400 -1.61 -47.97 -18.51
CA HIS H 400 -2.27 -47.76 -17.19
C HIS H 400 -1.33 -48.28 -16.09
N LEU H 401 -0.47 -49.24 -16.42
CA LEU H 401 0.52 -49.73 -15.44
C LEU H 401 1.55 -48.64 -15.20
N ASN H 402 1.61 -47.64 -16.10
CA ASN H 402 2.57 -46.52 -15.94
C ASN H 402 3.99 -47.07 -15.84
N ASP H 409 9.34 -42.75 -31.84
CA ASP H 409 9.92 -43.87 -32.59
C ASP H 409 9.29 -45.19 -32.18
N ILE H 410 8.94 -45.34 -30.90
CA ILE H 410 8.31 -46.58 -30.45
C ILE H 410 6.96 -46.77 -31.14
N GLU H 411 6.11 -45.74 -31.13
CA GLU H 411 4.82 -45.83 -31.79
C GLU H 411 4.99 -46.04 -33.30
N CYS H 412 5.96 -45.33 -33.90
CA CYS H 412 6.23 -45.51 -35.32
C CYS H 412 6.63 -46.94 -35.62
N VAL H 413 7.40 -47.57 -34.74
CA VAL H 413 7.84 -48.95 -34.97
C VAL H 413 6.68 -49.92 -34.79
N LEU H 414 5.84 -49.71 -33.77
CA LEU H 414 4.69 -50.59 -33.60
C LEU H 414 3.75 -50.49 -34.79
N ARG H 415 3.57 -49.28 -35.33
CA ARG H 415 2.76 -49.16 -36.55
C ARG H 415 3.49 -49.76 -37.73
N CYS H 416 4.81 -49.60 -37.77
CA CYS H 416 5.61 -50.21 -38.86
C CYS H 416 5.29 -51.69 -38.93
N SER H 417 4.75 -52.25 -37.84
CA SER H 417 4.37 -53.69 -37.81
C SER H 417 3.33 -53.96 -38.89
N VAL H 418 2.34 -53.07 -39.02
CA VAL H 418 1.27 -53.25 -40.06
C VAL H 418 1.57 -52.29 -41.23
N LEU H 419 2.75 -51.67 -41.22
CA LEU H 419 3.11 -50.71 -42.30
C LEU H 419 2.64 -51.30 -43.63
N GLU H 420 3.05 -52.53 -43.94
CA GLU H 420 2.59 -53.21 -45.18
C GLU H 420 1.67 -54.37 -44.79
N ILE H 421 1.81 -54.87 -43.55
CA ILE H 421 0.97 -56.01 -43.08
C ILE H 421 -0.49 -55.60 -43.21
N GLU H 422 -0.83 -54.41 -42.72
CA GLU H 422 -2.24 -53.92 -42.86
C GLU H 422 -2.59 -53.91 -44.35
N GLN H 423 -1.60 -53.71 -45.22
CA GLN H 423 -1.86 -53.69 -46.65
C GLN H 423 -1.91 -55.10 -47.22
N SER H 424 -1.20 -56.05 -46.61
CA SER H 424 -1.29 -57.44 -47.05
C SER H 424 -2.58 -58.09 -46.58
N MET H 425 -3.05 -57.74 -45.38
CA MET H 425 -4.45 -57.89 -45.00
C MET H 425 -5.37 -57.49 -46.14
N ASN H 426 -5.23 -56.26 -46.63
CA ASN H 426 -6.07 -55.80 -47.73
C ASN H 426 -5.86 -56.64 -48.99
N ARG H 427 -4.60 -57.03 -49.27
CA ARG H 427 -4.32 -57.81 -50.47
C ARG H 427 -4.98 -59.19 -50.40
N VAL H 428 -4.94 -59.83 -49.24
CA VAL H 428 -5.57 -61.14 -49.06
C VAL H 428 -7.08 -61.01 -49.13
N LYS H 429 -7.63 -59.92 -48.60
CA LYS H 429 -9.05 -59.65 -48.80
C LYS H 429 -9.37 -59.50 -50.28
N ASN H 430 -8.44 -58.92 -51.05
CA ASN H 430 -8.60 -58.83 -52.49
C ASN H 430 -8.55 -60.21 -53.14
N ILE H 431 -7.67 -61.08 -52.63
CA ILE H 431 -7.48 -62.41 -53.23
C ILE H 431 -8.76 -63.22 -53.10
N SER H 432 -9.38 -63.22 -51.92
CA SER H 432 -10.61 -63.96 -51.70
C SER H 432 -11.50 -63.17 -50.76
N ASP H 433 -12.80 -63.22 -51.01
CA ASP H 433 -13.75 -62.48 -50.19
C ASP H 433 -13.89 -63.09 -48.81
N ALA H 434 -13.74 -64.41 -48.71
CA ALA H 434 -13.83 -65.08 -47.41
C ALA H 434 -12.66 -64.75 -46.50
N ASP H 435 -11.60 -64.13 -47.04
CA ASP H 435 -10.45 -63.78 -46.22
C ASP H 435 -10.68 -62.55 -45.36
N VAL H 436 -11.90 -62.00 -45.35
CA VAL H 436 -12.22 -60.90 -44.45
C VAL H 436 -12.46 -61.41 -43.03
N HIS H 437 -12.48 -62.73 -42.86
CA HIS H 437 -12.71 -63.30 -41.53
C HIS H 437 -11.47 -63.18 -40.65
N ASN H 438 -10.28 -63.21 -41.25
CA ASN H 438 -9.09 -62.84 -40.48
C ASN H 438 -9.07 -61.34 -40.24
N ALA H 439 -10.09 -60.63 -40.72
CA ALA H 439 -10.05 -59.19 -40.85
C ALA H 439 -11.21 -58.46 -40.17
N MET H 440 -12.27 -59.17 -39.73
CA MET H 440 -13.45 -58.44 -39.25
C MET H 440 -13.10 -57.52 -38.10
N ASP H 441 -12.45 -58.05 -37.06
CA ASP H 441 -11.93 -57.22 -35.99
C ASP H 441 -10.62 -56.55 -36.36
N ASN H 442 -9.89 -57.06 -37.35
CA ASN H 442 -8.60 -56.48 -37.66
C ASN H 442 -8.74 -55.12 -38.32
N TYR H 443 -9.91 -54.79 -38.85
CA TYR H 443 -10.23 -53.38 -39.11
C TYR H 443 -10.35 -52.63 -37.79
N GLU H 444 -11.11 -53.18 -36.85
CA GLU H 444 -11.24 -52.56 -35.55
C GLU H 444 -9.90 -52.54 -34.82
N CYS H 445 -9.23 -53.69 -34.72
CA CYS H 445 -7.93 -53.74 -34.06
C CYS H 445 -6.93 -52.83 -34.76
N ASN H 446 -7.13 -52.59 -36.06
CA ASN H 446 -6.38 -51.52 -36.72
C ASN H 446 -6.70 -50.17 -36.07
N LEU H 447 -7.97 -49.76 -36.14
CA LEU H 447 -8.33 -48.46 -35.58
C LEU H 447 -8.33 -48.49 -34.06
N TYR H 448 -8.34 -49.70 -33.47
CA TYR H 448 -8.10 -49.81 -32.03
C TYR H 448 -6.69 -49.33 -31.69
N THR H 449 -5.72 -49.74 -32.51
CA THR H 449 -4.32 -49.29 -32.28
C THR H 449 -4.31 -47.76 -32.17
N PHE H 450 -4.74 -47.07 -33.23
CA PHE H 450 -4.80 -45.61 -33.18
C PHE H 450 -5.77 -45.13 -32.10
N LEU H 451 -6.65 -46.01 -31.63
CA LEU H 451 -7.43 -45.64 -30.44
C LEU H 451 -6.57 -45.61 -29.19
N TYR H 452 -5.40 -46.25 -29.20
CA TYR H 452 -4.47 -46.13 -28.08
C TYR H 452 -3.13 -45.48 -28.44
N LEU H 453 -2.45 -45.90 -29.51
CA LEU H 453 -1.09 -45.38 -29.83
C LEU H 453 -1.17 -43.90 -30.17
N VAL H 454 -2.23 -43.51 -30.88
CA VAL H 454 -2.46 -42.08 -31.09
C VAL H 454 -2.99 -41.42 -29.82
N CYS H 455 -3.70 -42.19 -28.98
CA CYS H 455 -4.21 -41.63 -27.73
C CYS H 455 -3.06 -41.16 -26.83
N ILE H 456 -2.01 -41.98 -26.72
CA ILE H 456 -0.81 -41.53 -26.01
C ILE H 456 -0.07 -40.49 -26.84
N SER H 457 -0.10 -40.61 -28.17
CA SER H 457 0.52 -39.62 -29.04
C SER H 457 -0.12 -38.25 -28.84
N THR H 458 -1.40 -38.21 -28.49
CA THR H 458 -2.09 -36.96 -28.24
C THR H 458 -1.81 -36.48 -26.81
N SER H 463 9.04 -34.84 -30.35
CA SER H 463 9.59 -33.82 -31.23
C SER H 463 8.65 -33.54 -32.40
N GLU H 464 8.74 -32.34 -32.97
CA GLU H 464 7.87 -31.98 -34.08
C GLU H 464 8.22 -32.76 -35.34
N GLU H 465 9.50 -33.07 -35.54
CA GLU H 465 9.87 -33.91 -36.68
C GLU H 465 9.35 -35.33 -36.52
N ASP H 466 9.44 -35.87 -35.31
CA ASP H 466 8.89 -37.20 -35.06
C ASP H 466 7.37 -37.18 -35.12
N GLN H 467 6.75 -36.07 -34.73
CA GLN H 467 5.30 -35.95 -34.88
C GLN H 467 4.90 -35.89 -36.35
N CYS H 468 5.72 -35.24 -37.19
CA CYS H 468 5.50 -35.29 -38.63
C CYS H 468 5.71 -36.71 -39.16
N LYS H 469 6.67 -37.45 -38.60
CA LYS H 469 6.82 -38.85 -38.96
C LYS H 469 5.56 -39.63 -38.63
N ILE H 470 4.97 -39.38 -37.45
CA ILE H 470 3.73 -40.05 -37.07
C ILE H 470 2.60 -39.67 -38.02
N ASN H 471 2.58 -38.41 -38.46
CA ASN H 471 1.61 -38.01 -39.48
C ASN H 471 1.81 -38.80 -40.76
N LYS H 472 3.07 -39.00 -41.17
CA LYS H 472 3.34 -39.85 -42.33
C LYS H 472 2.84 -41.27 -42.09
N GLN H 473 2.99 -41.77 -40.86
CA GLN H 473 2.55 -43.12 -40.55
C GLN H 473 1.04 -43.25 -40.70
N ILE H 474 0.28 -42.30 -40.15
CA ILE H 474 -1.16 -42.31 -40.30
C ILE H 474 -1.60 -41.93 -41.71
N TYR H 475 -0.69 -41.37 -42.51
CA TYR H 475 -0.94 -41.03 -43.91
C TYR H 475 -0.98 -42.25 -44.81
N ASN H 476 -0.88 -43.46 -44.25
CA ASN H 476 -0.91 -44.67 -45.08
C ASN H 476 -2.22 -44.79 -45.82
N LEU H 477 -3.34 -44.70 -45.11
CA LEU H 477 -4.66 -44.75 -45.74
C LEU H 477 -5.16 -43.36 -46.08
N ILE H 478 -4.31 -42.56 -46.73
CA ILE H 478 -4.73 -41.25 -47.20
C ILE H 478 -5.70 -41.40 -48.37
N HIS H 479 -5.40 -42.34 -49.28
CA HIS H 479 -6.29 -42.71 -50.36
C HIS H 479 -6.54 -44.20 -50.41
N LEU H 480 -5.71 -45.00 -49.74
CA LEU H 480 -5.94 -46.44 -49.61
C LEU H 480 -7.02 -46.65 -48.56
N ASP H 481 -8.25 -46.31 -48.94
CA ASP H 481 -9.38 -46.36 -48.03
C ASP H 481 -10.03 -47.73 -48.10
N PRO H 482 -9.91 -48.53 -47.04
CA PRO H 482 -10.54 -49.86 -47.06
C PRO H 482 -12.04 -49.76 -46.80
N ARG H 483 -12.84 -50.07 -47.81
CA ARG H 483 -14.29 -49.99 -47.65
C ARG H 483 -14.76 -51.09 -46.71
N THR H 484 -15.06 -50.72 -45.46
CA THR H 484 -15.49 -51.67 -44.46
C THR H 484 -16.94 -52.08 -44.70
N ARG H 485 -17.43 -52.99 -43.87
CA ARG H 485 -18.82 -53.42 -43.97
C ARG H 485 -19.76 -52.26 -43.66
N GLU H 486 -20.84 -52.16 -44.44
CA GLU H 486 -21.87 -51.14 -44.33
C GLU H 486 -21.34 -49.74 -44.62
N GLY H 487 -20.09 -49.60 -45.06
CA GLY H 487 -19.58 -48.31 -45.47
C GLY H 487 -19.13 -47.40 -44.35
N PHE H 488 -19.00 -47.92 -43.14
CA PHE H 488 -18.52 -47.13 -42.01
C PHE H 488 -17.00 -46.97 -42.13
N THR H 489 -16.54 -45.73 -42.27
CA THR H 489 -15.12 -45.44 -42.34
C THR H 489 -14.56 -45.33 -40.93
N LEU H 490 -13.30 -44.90 -40.81
CA LEU H 490 -12.70 -44.69 -39.50
C LEU H 490 -13.43 -43.59 -38.73
N LEU H 491 -13.76 -42.50 -39.41
CA LEU H 491 -14.56 -41.45 -38.77
C LEU H 491 -15.94 -41.97 -38.39
N HIS H 492 -16.54 -42.79 -39.25
CA HIS H 492 -17.92 -43.22 -39.06
C HIS H 492 -18.05 -44.17 -37.87
N LEU H 493 -17.02 -45.00 -37.64
CA LEU H 493 -17.04 -45.83 -36.44
C LEU H 493 -16.57 -45.04 -35.23
N ALA H 494 -15.70 -44.04 -35.44
CA ALA H 494 -15.24 -43.22 -34.33
C ALA H 494 -16.39 -42.44 -33.69
N VAL H 495 -17.28 -41.88 -34.52
CA VAL H 495 -18.38 -41.10 -33.97
C VAL H 495 -19.33 -42.00 -33.18
N ASN H 496 -19.64 -43.18 -33.71
CA ASN H 496 -20.53 -44.10 -33.04
C ASN H 496 -19.88 -44.61 -31.76
N SER H 497 -20.70 -44.79 -30.72
CA SER H 497 -20.20 -45.23 -29.42
C SER H 497 -20.60 -46.68 -29.15
N PHE H 512 -13.39 -44.49 -29.09
CA PHE H 512 -14.83 -44.64 -29.14
C PHE H 512 -15.51 -43.49 -28.40
N PRO H 513 -16.37 -42.76 -29.12
CA PRO H 513 -16.93 -41.50 -28.65
C PRO H 513 -15.84 -40.51 -28.25
N ASN H 514 -14.67 -40.61 -28.88
CA ASN H 514 -13.51 -39.83 -28.51
C ASN H 514 -13.45 -38.56 -29.34
N ALA H 515 -12.65 -37.60 -28.87
CA ALA H 515 -12.50 -36.32 -29.56
C ALA H 515 -11.10 -36.18 -30.15
N LEU H 516 -10.09 -36.58 -29.38
CA LEU H 516 -8.71 -36.45 -29.85
C LEU H 516 -8.45 -37.31 -31.08
N VAL H 517 -8.95 -38.54 -31.10
CA VAL H 517 -8.81 -39.37 -32.28
C VAL H 517 -9.58 -38.78 -33.46
N THR H 518 -10.84 -38.39 -33.23
CA THR H 518 -11.70 -37.83 -34.25
C THR H 518 -11.19 -36.52 -34.81
N LYS H 519 -10.54 -35.69 -33.99
CA LYS H 519 -10.00 -34.44 -34.49
C LYS H 519 -8.77 -34.68 -35.37
N LEU H 520 -7.93 -35.64 -35.00
CA LEU H 520 -6.71 -35.87 -35.78
C LEU H 520 -7.02 -36.56 -37.10
N LEU H 521 -7.97 -37.51 -37.09
CA LEU H 521 -8.33 -38.19 -38.34
C LEU H 521 -8.94 -37.21 -39.33
N LEU H 522 -9.63 -36.18 -38.83
CA LEU H 522 -10.11 -35.11 -39.69
C LEU H 522 -8.97 -34.18 -40.10
N ASP H 523 -8.03 -33.92 -39.20
CA ASP H 523 -6.93 -32.99 -39.48
C ASP H 523 -6.05 -33.52 -40.60
N CYS H 524 -5.73 -34.81 -40.56
CA CYS H 524 -4.90 -35.39 -41.61
C CYS H 524 -5.60 -35.36 -42.95
N GLY H 525 -6.90 -35.65 -42.96
CA GLY H 525 -7.68 -35.60 -44.18
C GLY H 525 -8.51 -36.84 -44.42
N ALA H 526 -9.79 -36.64 -44.70
CA ALA H 526 -10.72 -37.74 -44.96
C ALA H 526 -11.95 -37.16 -45.65
N GLU H 527 -12.83 -38.05 -46.11
CA GLU H 527 -14.07 -37.65 -46.76
C GLU H 527 -15.06 -37.20 -45.69
N VAL H 528 -15.17 -35.88 -45.52
CA VAL H 528 -16.05 -35.34 -44.49
C VAL H 528 -17.50 -35.70 -44.77
N ASN H 529 -17.93 -35.57 -46.01
CA ASN H 529 -19.32 -35.85 -46.41
C ASN H 529 -19.47 -37.22 -47.03
N ALA H 530 -18.69 -38.19 -46.53
CA ALA H 530 -18.80 -39.56 -47.02
C ALA H 530 -20.18 -40.12 -46.71
N VAL H 531 -20.78 -40.78 -47.69
CA VAL H 531 -22.11 -41.35 -47.58
C VAL H 531 -21.99 -42.87 -47.57
N ASP H 532 -22.62 -43.49 -46.58
CA ASP H 532 -22.54 -44.93 -46.42
C ASP H 532 -23.74 -45.61 -47.06
N ASN H 533 -23.81 -46.94 -46.91
CA ASN H 533 -25.01 -47.67 -47.28
C ASN H 533 -26.19 -47.17 -46.45
N GLU H 534 -27.35 -47.10 -47.08
CA GLU H 534 -28.59 -46.56 -46.53
C GLU H 534 -28.49 -45.07 -46.28
N GLY H 535 -27.55 -44.38 -46.91
CA GLY H 535 -27.50 -42.92 -46.85
C GLY H 535 -27.08 -42.33 -45.53
N ASN H 536 -26.37 -43.08 -44.70
CA ASN H 536 -25.94 -42.56 -43.41
C ASN H 536 -24.84 -41.52 -43.58
N SER H 537 -24.90 -40.46 -42.76
CA SER H 537 -23.93 -39.38 -42.78
C SER H 537 -23.27 -39.28 -41.42
N ALA H 538 -22.11 -38.61 -41.39
CA ALA H 538 -21.36 -38.48 -40.14
C ALA H 538 -22.16 -37.73 -39.09
N LEU H 539 -22.82 -36.63 -39.49
CA LEU H 539 -23.60 -35.86 -38.54
C LEU H 539 -24.89 -36.58 -38.15
N HIS H 540 -25.35 -37.53 -38.97
CA HIS H 540 -26.58 -38.26 -38.67
C HIS H 540 -26.41 -39.17 -37.47
N ILE H 541 -25.18 -39.62 -37.21
CA ILE H 541 -24.96 -40.58 -36.13
C ILE H 541 -24.78 -39.86 -34.79
N ILE H 542 -24.09 -38.72 -34.80
CA ILE H 542 -23.71 -38.07 -33.54
C ILE H 542 -24.93 -37.53 -32.82
N VAL H 543 -25.97 -37.15 -33.55
CA VAL H 543 -27.12 -36.51 -32.92
C VAL H 543 -27.85 -37.48 -31.99
N GLN H 544 -27.92 -38.75 -32.37
CA GLN H 544 -28.59 -39.77 -31.55
C GLN H 544 -27.58 -40.34 -30.57
N TYR H 545 -27.55 -39.80 -29.36
CA TYR H 545 -26.67 -40.27 -28.31
C TYR H 545 -27.47 -40.43 -27.02
N ASN H 546 -27.15 -41.47 -26.26
CA ASN H 546 -27.94 -41.89 -25.11
C ASN H 546 -27.45 -41.30 -23.79
N ARG H 547 -26.36 -40.52 -23.81
CA ARG H 547 -25.84 -39.89 -22.60
C ARG H 547 -25.61 -38.41 -22.80
N PRO H 548 -26.66 -37.63 -23.05
CA PRO H 548 -26.46 -36.20 -23.34
C PRO H 548 -25.95 -35.41 -22.15
N ILE H 549 -26.64 -35.48 -21.01
CA ILE H 549 -26.29 -34.65 -19.87
C ILE H 549 -25.01 -35.16 -19.21
N SER H 550 -24.68 -36.43 -19.44
CA SER H 550 -23.50 -37.01 -18.80
C SER H 550 -22.22 -36.30 -19.23
N ASP H 551 -22.07 -36.05 -20.54
CA ASP H 551 -20.92 -35.33 -21.06
C ASP H 551 -21.41 -34.27 -22.05
N PHE H 552 -21.28 -33.00 -21.67
CA PHE H 552 -21.60 -31.88 -22.53
C PHE H 552 -20.32 -31.31 -23.12
N LEU H 553 -19.18 -31.82 -22.67
CA LEU H 553 -17.87 -31.35 -23.10
C LEU H 553 -17.27 -32.22 -24.20
N THR H 554 -18.03 -33.19 -24.71
CA THR H 554 -17.54 -34.05 -25.78
C THR H 554 -18.37 -33.84 -27.04
N LEU H 555 -19.69 -33.80 -26.88
CA LEU H 555 -20.56 -33.45 -28.00
C LEU H 555 -20.24 -32.06 -28.53
N HIS H 556 -19.90 -31.13 -27.63
CA HIS H 556 -19.45 -29.81 -28.06
C HIS H 556 -18.29 -29.91 -29.02
N SER H 557 -17.24 -30.64 -28.63
CA SER H 557 -16.04 -30.74 -29.47
C SER H 557 -16.36 -31.42 -30.79
N ILE H 558 -17.11 -32.53 -30.75
CA ILE H 558 -17.39 -33.29 -31.98
C ILE H 558 -18.22 -32.46 -32.94
N ILE H 559 -19.30 -31.86 -32.45
CA ILE H 559 -20.19 -31.08 -33.30
C ILE H 559 -19.46 -29.88 -33.87
N ILE H 560 -18.67 -29.18 -33.04
CA ILE H 560 -17.94 -28.01 -33.54
C ILE H 560 -16.93 -28.43 -34.59
N SER H 561 -16.19 -29.51 -34.35
CA SER H 561 -15.14 -29.92 -35.28
C SER H 561 -15.72 -30.38 -36.61
N LEU H 562 -16.86 -31.09 -36.57
CA LEU H 562 -17.40 -31.64 -37.81
C LEU H 562 -17.82 -30.56 -38.80
N VAL H 563 -18.44 -29.49 -38.30
CA VAL H 563 -19.00 -28.48 -39.21
C VAL H 563 -17.89 -27.65 -39.85
N GLU H 564 -16.79 -27.41 -39.14
CA GLU H 564 -15.70 -26.61 -39.70
C GLU H 564 -15.10 -27.29 -40.92
N ALA H 565 -14.97 -28.62 -40.88
CA ALA H 565 -14.45 -29.35 -42.03
C ALA H 565 -15.37 -29.21 -43.24
N GLY H 566 -16.68 -29.10 -43.00
CA GLY H 566 -17.62 -28.92 -44.08
C GLY H 566 -18.55 -30.10 -44.27
N ALA H 567 -19.79 -29.96 -43.80
CA ALA H 567 -20.81 -30.97 -43.97
C ALA H 567 -22.17 -30.28 -44.04
N HIS H 568 -23.03 -30.78 -44.94
CA HIS H 568 -24.33 -30.16 -45.13
C HIS H 568 -25.23 -30.42 -43.93
N THR H 569 -25.80 -29.35 -43.40
CA THR H 569 -26.73 -29.43 -42.28
C THR H 569 -28.17 -29.65 -42.72
N ASP H 570 -28.43 -29.61 -44.03
CA ASP H 570 -29.76 -29.87 -44.57
C ASP H 570 -29.79 -31.13 -45.42
N MET H 571 -28.97 -32.13 -45.07
CA MET H 571 -28.86 -33.35 -45.86
C MET H 571 -30.13 -34.20 -45.70
N THR H 572 -30.33 -35.09 -46.66
CA THR H 572 -31.46 -35.99 -46.66
C THR H 572 -30.99 -37.44 -46.80
N ASN H 573 -31.63 -38.33 -46.05
CA ASN H 573 -31.36 -39.76 -46.14
C ASN H 573 -32.05 -40.33 -47.39
N LYS H 574 -32.05 -41.66 -47.52
CA LYS H 574 -32.80 -42.29 -48.59
C LYS H 574 -34.28 -41.93 -48.49
N GLN H 575 -34.85 -42.07 -47.30
CA GLN H 575 -36.14 -41.47 -46.99
C GLN H 575 -35.93 -40.08 -46.41
N ASN H 576 -37.01 -39.30 -46.37
CA ASN H 576 -36.92 -37.89 -45.99
C ASN H 576 -36.70 -37.79 -44.48
N LYS H 577 -35.43 -37.75 -44.11
CA LYS H 577 -35.00 -37.63 -42.71
C LYS H 577 -33.74 -36.78 -42.66
N THR H 578 -33.91 -35.49 -42.35
CA THR H 578 -32.77 -34.61 -42.17
C THR H 578 -32.05 -34.96 -40.86
N PRO H 579 -30.77 -34.59 -40.74
CA PRO H 579 -30.08 -34.82 -39.47
C PRO H 579 -30.76 -34.15 -38.29
N LEU H 580 -31.35 -32.98 -38.51
CA LEU H 580 -32.16 -32.35 -37.46
C LEU H 580 -33.39 -33.19 -37.14
N ASP H 581 -34.04 -33.73 -38.18
CA ASP H 581 -35.26 -34.50 -37.96
C ASP H 581 -34.98 -35.80 -37.21
N LYS H 582 -33.89 -36.49 -37.58
CA LYS H 582 -33.60 -37.78 -36.96
C LYS H 582 -33.25 -37.64 -35.50
N SER H 583 -32.75 -36.46 -35.10
CA SER H 583 -32.38 -36.23 -33.71
C SER H 583 -33.62 -36.18 -32.83
N THR H 584 -33.66 -37.04 -31.82
CA THR H 584 -34.78 -37.06 -30.88
C THR H 584 -34.42 -36.55 -29.49
N THR H 585 -33.14 -36.52 -29.15
CA THR H 585 -32.71 -35.99 -27.86
C THR H 585 -33.02 -34.49 -27.78
N GLY H 586 -33.36 -34.03 -26.58
CA GLY H 586 -33.82 -32.67 -26.41
C GLY H 586 -32.73 -31.61 -26.50
N VAL H 587 -31.48 -31.99 -26.31
CA VAL H 587 -30.39 -31.04 -26.29
C VAL H 587 -29.62 -30.97 -27.61
N SER H 588 -29.43 -32.09 -28.30
CA SER H 588 -28.65 -32.07 -29.53
C SER H 588 -29.28 -31.16 -30.58
N GLU H 589 -30.60 -30.99 -30.53
CA GLU H 589 -31.25 -30.09 -31.48
C GLU H 589 -30.80 -28.66 -31.26
N ILE H 590 -30.66 -28.22 -30.01
CA ILE H 590 -30.25 -26.85 -29.74
C ILE H 590 -28.78 -26.64 -30.11
N LEU H 591 -27.93 -27.59 -29.73
CA LEU H 591 -26.49 -27.47 -30.03
C LEU H 591 -26.22 -27.67 -31.51
N LEU H 592 -27.26 -28.01 -32.28
CA LEU H 592 -27.15 -27.95 -33.73
C LEU H 592 -27.73 -26.64 -34.25
N LYS H 593 -28.89 -26.24 -33.75
CA LYS H 593 -29.57 -25.06 -34.28
C LYS H 593 -28.79 -23.78 -34.02
N THR H 594 -27.94 -23.77 -33.00
CA THR H 594 -27.17 -22.56 -32.76
C THR H 594 -25.96 -22.41 -33.69
N GLN H 595 -25.74 -23.34 -34.65
CA GLN H 595 -24.70 -23.17 -35.67
C GLN H 595 -25.17 -23.76 -37.00
N MET H 596 -25.65 -22.89 -37.90
CA MET H 596 -25.54 -23.13 -39.34
C MET H 596 -25.59 -21.78 -40.04
N LYS H 597 -25.34 -21.81 -41.34
CA LYS H 597 -25.58 -20.67 -42.21
C LYS H 597 -26.68 -21.06 -43.18
N MET H 598 -27.31 -20.05 -43.79
CA MET H 598 -28.40 -20.28 -44.71
C MET H 598 -28.12 -19.55 -46.02
N SER H 599 -28.71 -20.05 -47.09
CA SER H 599 -28.53 -19.47 -48.41
C SER H 599 -29.86 -19.50 -49.14
N LEU H 600 -30.04 -18.55 -50.04
CA LEU H 600 -31.19 -18.50 -50.93
C LEU H 600 -31.24 -19.71 -51.86
N LYS H 601 -30.08 -20.30 -52.17
CA LYS H 601 -29.99 -21.46 -53.04
C LYS H 601 -30.65 -22.70 -52.43
N CYS H 602 -30.30 -23.01 -51.17
CA CYS H 602 -30.86 -24.19 -50.53
C CYS H 602 -32.36 -24.06 -50.30
N LEU H 603 -32.81 -22.90 -49.82
CA LEU H 603 -34.22 -22.66 -49.59
C LEU H 603 -35.05 -22.74 -50.87
N ALA H 604 -34.44 -22.46 -52.02
CA ALA H 604 -35.13 -22.58 -53.30
C ALA H 604 -35.14 -24.02 -53.80
N ALA H 605 -33.98 -24.67 -53.77
CA ALA H 605 -33.87 -26.05 -54.27
C ALA H 605 -34.70 -27.01 -53.41
N ARG H 606 -34.85 -26.72 -52.12
CA ARG H 606 -35.61 -27.61 -51.24
C ARG H 606 -37.06 -27.73 -51.70
N ALA H 607 -37.68 -26.60 -52.04
CA ALA H 607 -39.04 -26.60 -52.56
C ALA H 607 -39.14 -27.22 -53.95
N VAL H 608 -38.15 -27.01 -54.82
CA VAL H 608 -38.18 -27.62 -56.13
C VAL H 608 -38.17 -29.13 -56.01
N ARG H 609 -37.30 -29.67 -55.14
CA ARG H 609 -37.31 -31.11 -54.89
C ARG H 609 -38.62 -31.55 -54.22
N ALA H 610 -39.12 -30.75 -53.29
CA ALA H 610 -40.37 -31.08 -52.62
C ALA H 610 -41.54 -31.10 -53.61
N ASN H 611 -41.57 -30.15 -54.55
CA ASN H 611 -42.65 -30.10 -55.53
C ASN H 611 -42.61 -31.32 -56.44
N ASP H 612 -43.80 -31.75 -56.87
CA ASP H 612 -43.88 -32.87 -57.81
C ASP H 612 -43.25 -32.52 -59.15
N ILE H 613 -43.09 -31.22 -59.44
CA ILE H 613 -42.45 -30.81 -60.68
C ILE H 613 -40.99 -31.26 -60.68
N ASN H 614 -40.59 -31.96 -61.74
CA ASN H 614 -39.23 -32.45 -61.88
C ASN H 614 -38.46 -31.54 -62.82
N TYR H 615 -37.15 -31.42 -62.58
CA TYR H 615 -36.30 -30.66 -63.47
C TYR H 615 -36.23 -31.27 -64.86
N GLN H 616 -36.25 -32.61 -64.96
CA GLN H 616 -36.25 -33.34 -66.23
C GLN H 616 -35.08 -32.91 -67.11
N ASP H 617 -33.90 -32.80 -66.49
CA ASP H 617 -32.65 -32.52 -67.19
C ASP H 617 -32.71 -31.19 -67.95
N GLN H 618 -33.46 -30.24 -67.42
CA GLN H 618 -33.46 -28.87 -67.93
C GLN H 618 -32.55 -27.94 -67.16
N ILE H 619 -31.75 -28.48 -66.24
CA ILE H 619 -30.83 -27.69 -65.42
C ILE H 619 -29.41 -28.12 -65.76
N PRO H 620 -28.39 -27.30 -65.48
CA PRO H 620 -27.01 -27.72 -65.71
C PRO H 620 -26.66 -28.92 -64.86
N ARG H 621 -25.76 -29.75 -65.39
CA ARG H 621 -25.36 -30.98 -64.71
C ARG H 621 -24.70 -30.72 -63.36
N THR H 622 -23.86 -29.68 -63.27
CA THR H 622 -23.21 -29.32 -62.02
C THR H 622 -24.19 -28.83 -60.97
N LEU H 623 -25.40 -28.44 -61.37
CA LEU H 623 -26.44 -28.05 -60.43
C LEU H 623 -27.32 -29.22 -60.04
N GLU H 624 -27.15 -30.39 -60.64
CA GLU H 624 -28.00 -31.53 -60.33
C GLU H 624 -27.71 -32.14 -58.97
N GLU H 625 -26.47 -32.06 -58.49
CA GLU H 625 -26.11 -32.70 -57.23
C GLU H 625 -26.18 -31.72 -56.07
N PHE H 626 -26.65 -30.50 -56.33
CA PHE H 626 -27.12 -29.63 -55.26
C PHE H 626 -28.61 -29.74 -55.06
N VAL H 627 -29.29 -30.58 -55.85
CA VAL H 627 -30.71 -30.82 -55.73
C VAL H 627 -31.01 -32.27 -55.38
N GLY H 628 -30.33 -33.21 -56.05
CA GLY H 628 -30.49 -34.61 -55.69
C GLY H 628 -30.04 -34.89 -54.27
N PHE H 629 -28.95 -34.27 -53.85
CA PHE H 629 -28.51 -34.40 -52.46
C PHE H 629 -29.55 -33.83 -51.50
N HIS H 630 -30.15 -32.71 -51.85
CA HIS H 630 -31.19 -32.10 -51.04
C HIS H 630 -32.52 -32.83 -51.22
N LYS I 25 73.56 37.31 -10.04
CA LYS I 25 72.67 38.08 -9.18
C LYS I 25 71.53 37.22 -8.65
N LYS I 26 70.31 37.43 -9.17
CA LYS I 26 69.14 36.72 -8.63
C LYS I 26 68.12 36.52 -9.75
N TRP I 27 68.18 35.35 -10.39
CA TRP I 27 67.10 34.97 -11.29
C TRP I 27 65.91 34.50 -10.47
N ASN I 28 64.74 35.05 -10.77
CA ASN I 28 63.51 34.69 -10.08
C ASN I 28 62.90 33.48 -10.79
N ALA I 29 63.01 32.31 -10.16
CA ALA I 29 62.65 31.06 -10.82
C ALA I 29 61.42 30.47 -10.15
N VAL I 30 60.55 29.91 -10.98
CA VAL I 30 59.40 29.14 -10.51
C VAL I 30 59.24 27.93 -11.41
N ALA I 31 58.91 26.80 -10.81
CA ALA I 31 58.77 25.56 -11.55
C ALA I 31 57.78 24.66 -10.82
N LEU I 32 56.87 24.07 -11.58
CA LEU I 32 55.81 23.27 -10.98
C LEU I 32 56.18 21.79 -11.01
N TRP I 33 55.97 21.11 -9.89
CA TRP I 33 56.07 19.66 -9.90
C TRP I 33 54.83 19.09 -10.59
N ALA I 34 55.07 18.25 -11.59
CA ALA I 34 54.00 17.76 -12.45
C ALA I 34 54.19 16.27 -12.69
N TRP I 35 53.11 15.51 -12.56
CA TRP I 35 53.11 14.06 -12.78
C TRP I 35 54.17 13.38 -11.91
N ASP I 36 54.07 13.61 -10.60
CA ASP I 36 54.90 12.87 -9.66
C ASP I 36 54.58 11.39 -9.72
ZN ZN J . -27.68 -27.23 -48.25
#